data_8R6W
#
_entry.id   8R6W
#
_cell.length_a   1.00
_cell.length_b   1.00
_cell.length_c   1.00
_cell.angle_alpha   90.00
_cell.angle_beta   90.00
_cell.angle_gamma   90.00
#
_symmetry.space_group_name_H-M   'P 1'
#
loop_
_entity.id
_entity.type
_entity.pdbx_description
1 polymer 'RNA-directed RNA polymerase L'
2 polymer "RNA (5'-R(*AP*CP*AP*C)-3')"
3 polymer "RNA (5'-R(*AP*CP*AP*CP*AP*GP*AP*GP*AP*CP*GP*CP*CP*CP*AP*G)-3')"
4 polymer "RNA (5'-R(P*CP*UP*GP*GP*GP*CP*GP*GP*UP*CP*UP*UP*UP*GP*UP*GP*U)-3')"
5 polymer "RNA (5'-R(*(M7G)*AP*AP*A)-3')"
#
loop_
_entity_poly.entity_id
_entity_poly.type
_entity_poly.pdbx_seq_one_letter_code
_entity_poly.pdbx_strand_id
1 'polypeptide(L)'
;MNLEVLCGRINVENGLSLGEPGLYDQIYDRPGLPDLDVTVDATGVTVDIGAVPDSASQLGSSINAGLITIQLSEAYKINH
DFTFSGLSKTTDRRLSEVFPITHDGSDGMTPAVIHTRLDGTIVVVEFSTTRSHNIGGLEAAYRTKIEKYRDPISRRVDIM
ENPRVFFGVIVVSSGGVLSNMPLTQDEAEELMYRFCIANEIYTKARSMDADIELQKSEEELEAISRALSFFSLFEPNIER
VEGTFPNSEIKMLEQFLSTPADVDFITKTLKAKEVEAYADLCDSHYLKPEKTIQERLEINRCEAIDKTQDLLAGLHARSN
KQTSLNRGTVKLPPWLPKPSSESIDIKTDSGFGSLMDHGAYGELWAKCLLDVSLGNVEGVVSDPAKELDIAISDDPEKDT
PKEAKITYRRFKPALSSSARQEFSLQGVEGKKWKRMAANQKKEKESHETLSPFLDVEDIGDFLTFNNLLTDSRYGDESIQ
RAVSILLEKASAMQDTELTHALNDSFKRNLSSNVVQWSLWVSCLAQELASALKQHCRAGEFIIKKLKFWPIYVIIKPTKS
SSHIFYSLGIRKADVTRRLTGRVFSDTIDAGEWELTEFKSLKTCKLTNLVNLPCTMLNSIAFWREKLGVAPWLVRKPCSE
LREQVGLTFLISLEDKSKTEEIITLTRYTQMEGFVSPPMLPKPQKMLGKLDGPLRTKLQVYLLRKHLDCMVRIASQPFSL
IPREGRVEWGGTFHAISGRSTNLENMVNSWYIGYYKNKEESTELNALGEMYKKIVEMEEDKPSSPEFLGWGDTDSPKKHE
FSRSFLRAACSSLEREIAQRHGRQWKQNLEERVLREIGTKNILDLASMKATSNFSKDWELYSEVQTKEYHRSKLLEKMAT
LIEKGVMWYIDAVGQAWKAVLDDGCMRICLFKKNQHGGLREIYVMDANARLVQFGVETMARCVCELSPHETVANPRLKNS
IIENHGLKSARSLGPGSININSSNDAKKWNQGHYTTKLALVLCWFMPAKFHRFIWAAISMFRRKKMMVDLRFLAHLSSKS
ESRSSDPFREAMTDAFHGNRDVSWMDKGRTYIKTETGMMQGILHFTSSLLHSCVQSFYKSYFVSKLKEGYMGESISGVVD
VIEGSDDSAIMISIRPKSDMDEVRSRFFVANLLHSVKFLNPLFGIYSSEKSTVNTVYCVEYNSEFHFHRHLVRPTLRWIA
ASHQISETEALASRQEDYSNLLTQCLEGGASFSLTYLIQCAQLLHHYMLLGLCLHPLFGTFMGMLISDPDPALGFFLMDN
PAFAGGAGFRFNLWRACKTTDLGRKYAYYFNEIQGKTKGDEDYRALDATSGGTLSHSVMVYWGDRKKYQALLNRMGLPED
WVEQIDENPGVLYRRAANKKELLLKLAEKVHSPGVTSSLSKGHVVPRVVAAGVYLLSRHCFRFSSSIHGRGSTQKASLIK
LLMMSSISAMKHGGSLNPNQERMLFPQAQEYDRVCTLLEEVEHLTGKFVVRERNIVRSRIDLFQEPVDLRCKAEDLVSEV
WFGLKRTKLGPRLLKEEWDKLRASFAWLSTDPSETLRDGPFLSHVQFRNFIAHVDAKSRSVRLLGAPVKKSGGVTTISQV
VRMNFFPGFSLEAEKSLDNQERLESISILKHVLFMVLNGPYTEEYKLEMIIEAFSTLVIPQPSEVIRKSRTMTLCLLSNY
LSSRGGSILDQIERAQSGTLGGFSKPQKTFVRPGGGVGYKGKGVWTGVMEDTHVQILIDGDGTSNWLEEIRLSSDARLYD
VIESIRRLCDDLGINNRVASAYRGHCMVRLSGFKIKPASRTDGCPVRIMERGFRIRELQNPDEVKMRVRGDILNLSVTIQ
EGRVMNILSYRPRDTDISESAAAYLWSNRDLFSFGKKEPSCSWICLKTLDNWAWSHASVLLANDRKTQGIDNRAMGNIFR
DCLEGSLRKQGLMRSKLTEMVEKNVVPLTTQELVDILEEDIDFSDVIAVELSEGSLDIESIFDGAPILWSAEVEEFGEGV
VAVSYSSKYYHLTLMDQAAITMCAIMGKEGCRGLLTEKRCMAAIREQVRPFLIFLQIPEDSISWVSDQFCDSRGLDEEST
IMWG
;
A
2 'polyribonucleotide' AAAACGCAACCAACAC G
3 'polyribonucleotide' ACACAGAGACGCCCAGAUGA P
4 'polyribonucleotide' AAAAAAGAUCUGGGCGGUCUUUGUGU T
5 'polyribonucleotide' (M7G)AAAAACGCAACCAACAC C
#
# COMPACT_ATOMS: atom_id res chain seq x y z
N MET A 1 -4.15 -4.58 -56.56
CA MET A 1 -3.08 -5.27 -55.85
C MET A 1 -2.17 -4.28 -55.12
N ASN A 2 -2.32 -3.00 -55.45
CA ASN A 2 -1.51 -1.95 -54.86
C ASN A 2 -2.39 -0.76 -54.51
N LEU A 3 -2.14 -0.20 -53.34
CA LEU A 3 -2.97 0.92 -52.88
C LEU A 3 -2.67 2.20 -53.66
N GLU A 4 -1.42 2.38 -54.10
CA GLU A 4 -1.05 3.65 -54.73
C GLU A 4 -1.67 3.80 -56.11
N VAL A 5 -1.89 2.70 -56.84
CA VAL A 5 -2.49 2.78 -58.17
C VAL A 5 -3.94 3.27 -58.09
N LEU A 6 -4.75 2.60 -57.27
CA LEU A 6 -6.13 3.05 -57.08
C LEU A 6 -6.19 4.35 -56.31
N CYS A 7 -5.15 4.69 -55.55
CA CYS A 7 -5.08 5.98 -54.88
C CYS A 7 -4.89 7.11 -55.88
N GLY A 8 -4.01 6.92 -56.86
CA GLY A 8 -3.79 7.85 -57.94
C GLY A 8 -4.80 7.77 -59.05
N ARG A 9 -5.74 6.83 -58.98
CA ARG A 9 -6.84 6.75 -59.93
C ARG A 9 -7.88 7.86 -59.72
N ILE A 10 -7.71 8.72 -58.73
CA ILE A 10 -8.67 9.78 -58.42
C ILE A 10 -8.09 11.11 -58.85
N ASN A 11 -8.98 12.10 -59.02
CA ASN A 11 -8.60 13.45 -59.39
C ASN A 11 -8.59 14.35 -58.17
N VAL A 12 -7.72 15.36 -58.20
CA VAL A 12 -7.53 16.26 -57.07
C VAL A 12 -8.31 17.54 -57.33
N GLU A 13 -9.10 17.96 -56.34
CA GLU A 13 -9.90 19.16 -56.44
C GLU A 13 -10.01 19.79 -55.06
N ASN A 14 -10.38 21.07 -55.03
CA ASN A 14 -10.48 21.80 -53.78
C ASN A 14 -11.67 21.31 -52.96
N GLY A 15 -11.51 21.35 -51.64
CA GLY A 15 -12.54 20.93 -50.72
C GLY A 15 -12.62 19.41 -50.59
N LEU A 16 -13.32 18.98 -49.54
CA LEU A 16 -13.55 17.56 -49.35
C LEU A 16 -14.59 17.05 -50.34
N SER A 17 -14.37 15.84 -50.84
CA SER A 17 -15.29 15.22 -51.78
C SER A 17 -15.63 13.82 -51.29
N LEU A 18 -16.93 13.51 -51.22
CA LEU A 18 -17.39 12.19 -50.84
C LEU A 18 -17.63 11.28 -52.04
N GLY A 19 -17.40 11.77 -53.25
CA GLY A 19 -17.58 10.96 -54.44
C GLY A 19 -19.04 10.67 -54.74
N GLU A 20 -19.23 9.71 -55.65
CA GLU A 20 -20.56 9.24 -56.04
C GLU A 20 -20.59 7.73 -55.91
N PRO A 21 -21.53 7.17 -55.15
CA PRO A 21 -21.55 5.71 -54.95
C PRO A 21 -21.89 4.96 -56.23
N GLY A 22 -20.95 4.12 -56.68
CA GLY A 22 -21.13 3.32 -57.87
C GLY A 22 -21.40 1.89 -57.52
N LEU A 23 -22.53 1.36 -58.00
CA LEU A 23 -22.94 0.00 -57.71
C LEU A 23 -22.24 -0.98 -58.65
N TYR A 24 -21.72 -2.07 -58.10
CA TYR A 24 -21.04 -3.10 -58.86
C TYR A 24 -21.79 -4.42 -58.76
N ASP A 25 -21.49 -5.32 -59.69
CA ASP A 25 -22.11 -6.64 -59.73
C ASP A 25 -21.17 -7.59 -60.44
N GLN A 26 -21.20 -8.86 -60.02
CA GLN A 26 -20.29 -9.86 -60.60
C GLN A 26 -20.76 -10.23 -62.01
N ILE A 27 -19.82 -10.25 -62.94
CA ILE A 27 -20.07 -10.67 -64.31
C ILE A 27 -19.03 -11.65 -64.82
N TYR A 28 -17.99 -11.95 -64.03
CA TYR A 28 -16.82 -12.67 -64.51
C TYR A 28 -16.92 -14.18 -64.34
N ASP A 29 -18.06 -14.70 -63.88
CA ASP A 29 -18.35 -16.13 -63.81
C ASP A 29 -17.32 -16.87 -62.95
N ARG A 30 -17.38 -16.57 -61.66
CA ARG A 30 -16.48 -17.18 -60.68
C ARG A 30 -16.67 -18.70 -60.67
N PRO A 31 -15.62 -19.49 -60.92
CA PRO A 31 -15.80 -20.94 -61.08
C PRO A 31 -16.15 -21.67 -59.80
N GLY A 32 -15.39 -21.46 -58.73
CA GLY A 32 -15.62 -22.19 -57.50
C GLY A 32 -14.69 -21.80 -56.37
N LEU A 33 -14.27 -22.77 -55.58
CA LEU A 33 -13.49 -22.53 -54.38
C LEU A 33 -12.24 -23.42 -54.38
N PRO A 34 -11.14 -22.95 -53.78
CA PRO A 34 -9.94 -23.78 -53.69
C PRO A 34 -10.02 -24.80 -52.56
N ASP A 35 -8.89 -25.42 -52.23
CA ASP A 35 -8.84 -26.32 -51.09
C ASP A 35 -8.84 -25.50 -49.80
N LEU A 36 -9.79 -25.81 -48.91
CA LEU A 36 -9.91 -25.08 -47.65
C LEU A 36 -9.99 -26.07 -46.50
N ASP A 37 -9.11 -25.88 -45.51
CA ASP A 37 -9.07 -26.73 -44.32
C ASP A 37 -9.12 -25.86 -43.09
N VAL A 38 -9.83 -26.33 -42.06
CA VAL A 38 -9.92 -25.66 -40.78
C VAL A 38 -9.33 -26.59 -39.72
N THR A 39 -8.33 -26.11 -39.00
CA THR A 39 -7.60 -26.87 -37.99
C THR A 39 -7.45 -26.05 -36.72
N VAL A 40 -8.56 -25.53 -36.22
CA VAL A 40 -8.54 -24.61 -35.07
C VAL A 40 -8.10 -25.38 -33.83
N ASP A 41 -6.87 -25.13 -33.40
CA ASP A 41 -6.34 -25.63 -32.14
C ASP A 41 -6.13 -24.46 -31.19
N ALA A 42 -5.53 -24.74 -30.03
CA ALA A 42 -5.35 -23.70 -29.03
C ALA A 42 -4.32 -22.65 -29.43
N THR A 43 -3.41 -22.99 -30.35
CA THR A 43 -2.33 -22.08 -30.74
C THR A 43 -2.71 -21.16 -31.89
N GLY A 44 -3.89 -21.27 -32.44
CA GLY A 44 -4.32 -20.40 -33.52
C GLY A 44 -5.29 -21.10 -34.44
N VAL A 45 -5.53 -20.46 -35.58
CA VAL A 45 -6.40 -20.98 -36.63
C VAL A 45 -5.54 -21.13 -37.88
N THR A 46 -5.06 -22.34 -38.14
CA THR A 46 -4.30 -22.62 -39.35
C THR A 46 -5.26 -23.01 -40.46
N VAL A 47 -5.30 -22.21 -41.51
CA VAL A 47 -6.17 -22.44 -42.66
C VAL A 47 -5.29 -22.77 -43.86
N ASP A 48 -5.54 -23.93 -44.47
CA ASP A 48 -4.82 -24.35 -45.66
C ASP A 48 -5.57 -23.86 -46.89
N ILE A 49 -4.87 -23.10 -47.74
CA ILE A 49 -5.45 -22.55 -48.96
C ILE A 49 -4.78 -23.25 -50.13
N GLY A 50 -5.59 -23.90 -50.97
CA GLY A 50 -5.08 -24.55 -52.17
C GLY A 50 -5.10 -23.63 -53.36
N ALA A 51 -4.78 -24.21 -54.52
CA ALA A 51 -4.81 -23.45 -55.77
C ALA A 51 -6.25 -23.16 -56.16
N VAL A 52 -6.51 -21.91 -56.55
CA VAL A 52 -7.85 -21.48 -56.94
C VAL A 52 -8.21 -22.15 -58.26
N PRO A 53 -9.49 -22.45 -58.50
CA PRO A 53 -9.89 -22.99 -59.81
C PRO A 53 -9.65 -21.98 -60.91
N ASP A 54 -9.34 -22.49 -62.10
CA ASP A 54 -9.08 -21.63 -63.24
C ASP A 54 -10.38 -20.96 -63.69
N SER A 55 -10.31 -19.64 -63.85
CA SER A 55 -11.47 -18.84 -64.21
C SER A 55 -11.35 -18.32 -65.64
N ALA A 56 -12.50 -17.99 -66.22
CA ALA A 56 -12.51 -17.38 -67.55
C ALA A 56 -11.90 -15.99 -67.52
N SER A 57 -12.04 -15.27 -66.41
CA SER A 57 -11.47 -13.94 -66.25
C SER A 57 -10.10 -13.97 -65.58
N GLN A 58 -9.59 -15.16 -65.24
CA GLN A 58 -8.28 -15.33 -64.59
C GLN A 58 -8.20 -14.57 -63.27
N LEU A 59 -9.24 -14.68 -62.45
CA LEU A 59 -9.25 -14.04 -61.15
C LEU A 59 -8.45 -14.87 -60.15
N GLY A 60 -8.38 -14.36 -58.92
CA GLY A 60 -7.64 -15.05 -57.87
C GLY A 60 -6.14 -15.09 -58.09
N SER A 61 -5.54 -13.98 -58.54
CA SER A 61 -4.10 -13.96 -58.75
C SER A 61 -3.34 -13.85 -57.44
N SER A 62 -3.84 -13.08 -56.48
CA SER A 62 -3.17 -12.82 -55.22
C SER A 62 -3.65 -13.74 -54.10
N ILE A 63 -4.18 -14.91 -54.46
CA ILE A 63 -4.66 -15.89 -53.49
C ILE A 63 -3.79 -17.14 -53.60
N ASN A 64 -2.50 -16.92 -53.86
CA ASN A 64 -1.54 -18.00 -54.04
C ASN A 64 -1.58 -18.98 -52.87
N ALA A 65 -1.43 -20.27 -53.19
CA ALA A 65 -1.64 -21.33 -52.22
C ALA A 65 -0.57 -21.30 -51.13
N GLY A 66 -0.91 -21.86 -49.99
CA GLY A 66 -0.02 -21.91 -48.85
C GLY A 66 -0.81 -22.06 -47.57
N LEU A 67 -0.13 -21.81 -46.45
CA LEU A 67 -0.72 -21.89 -45.12
C LEU A 67 -0.79 -20.49 -44.53
N ILE A 68 -1.97 -20.11 -44.06
CA ILE A 68 -2.19 -18.83 -43.41
C ILE A 68 -2.66 -19.08 -41.98
N THR A 69 -2.16 -18.27 -41.05
CA THR A 69 -2.49 -18.41 -39.64
C THR A 69 -3.29 -17.21 -39.16
N ILE A 70 -4.36 -17.49 -38.41
CA ILE A 70 -5.21 -16.46 -37.83
C ILE A 70 -5.29 -16.72 -36.33
N GLN A 71 -4.99 -15.70 -35.53
CA GLN A 71 -5.08 -15.86 -34.09
C GLN A 71 -6.55 -15.90 -33.65
N LEU A 72 -6.79 -16.55 -32.52
CA LEU A 72 -8.14 -16.70 -32.00
C LEU A 72 -8.72 -15.37 -31.53
N SER A 73 -7.86 -14.44 -31.14
CA SER A 73 -8.33 -13.13 -30.70
C SER A 73 -8.93 -12.35 -31.87
N GLU A 74 -8.25 -12.34 -33.01
CA GLU A 74 -8.72 -11.63 -34.20
C GLU A 74 -9.52 -12.56 -35.11
N ALA A 75 -10.51 -13.24 -34.52
CA ALA A 75 -11.43 -14.09 -35.27
C ALA A 75 -12.83 -13.50 -35.38
N TYR A 76 -13.19 -12.55 -34.51
CA TYR A 76 -14.48 -11.88 -34.65
C TYR A 76 -14.51 -10.99 -35.89
N LYS A 77 -13.35 -10.52 -36.34
CA LYS A 77 -13.24 -9.78 -37.60
C LYS A 77 -12.25 -10.55 -38.49
N ILE A 78 -12.77 -11.54 -39.20
CA ILE A 78 -11.98 -12.31 -40.14
C ILE A 78 -12.37 -12.03 -41.58
N ASN A 79 -13.65 -11.75 -41.86
CA ASN A 79 -14.08 -11.39 -43.20
C ASN A 79 -13.40 -10.10 -43.65
N HIS A 80 -13.41 -9.08 -42.80
CA HIS A 80 -12.70 -7.84 -43.12
C HIS A 80 -11.20 -8.03 -43.13
N ASP A 81 -10.68 -8.90 -42.27
CA ASP A 81 -9.24 -9.11 -42.19
C ASP A 81 -8.68 -9.75 -43.46
N PHE A 82 -9.40 -10.73 -44.01
CA PHE A 82 -8.92 -11.44 -45.19
C PHE A 82 -9.40 -10.82 -46.49
N THR A 83 -10.49 -10.05 -46.47
CA THR A 83 -10.95 -9.38 -47.68
C THR A 83 -9.92 -8.37 -48.18
N PHE A 84 -9.30 -7.63 -47.26
CA PHE A 84 -8.39 -6.57 -47.64
C PHE A 84 -6.96 -6.88 -47.20
N SER A 85 -6.52 -8.12 -47.41
CA SER A 85 -5.14 -8.50 -47.13
C SER A 85 -4.18 -8.05 -48.23
N GLY A 86 -4.65 -7.25 -49.18
CA GLY A 86 -3.85 -6.75 -50.27
C GLY A 86 -3.41 -5.31 -50.06
N LEU A 87 -4.18 -4.39 -50.64
CA LEU A 87 -3.85 -2.96 -50.66
C LEU A 87 -3.88 -2.29 -49.29
N SER A 88 -4.13 -3.01 -48.20
CA SER A 88 -4.08 -2.41 -46.87
C SER A 88 -2.66 -1.95 -46.56
N LYS A 89 -2.56 -0.82 -45.86
CA LYS A 89 -1.26 -0.27 -45.52
C LYS A 89 -0.55 -1.16 -44.50
N THR A 90 0.77 -1.27 -44.65
CA THR A 90 1.58 -2.01 -43.69
C THR A 90 2.08 -1.09 -42.58
N THR A 91 1.15 -0.32 -42.00
CA THR A 91 1.41 0.64 -40.95
C THR A 91 0.06 1.13 -40.44
N ASP A 92 0.10 1.89 -39.35
CA ASP A 92 -1.10 2.50 -38.80
C ASP A 92 -0.79 3.95 -38.43
N ARG A 93 -1.74 4.83 -38.70
CA ARG A 93 -1.58 6.25 -38.42
C ARG A 93 -2.86 6.82 -37.83
N ARG A 94 -2.70 7.76 -36.91
CA ARG A 94 -3.83 8.44 -36.27
C ARG A 94 -4.10 9.76 -36.99
N LEU A 95 -5.34 10.25 -36.82
CA LEU A 95 -5.74 11.48 -37.49
C LEU A 95 -5.08 12.72 -36.89
N SER A 96 -4.60 12.63 -35.64
CA SER A 96 -3.91 13.77 -35.05
C SER A 96 -2.52 13.98 -35.65
N GLU A 97 -1.98 12.98 -36.33
CA GLU A 97 -0.66 13.11 -36.93
C GLU A 97 -0.73 13.81 -38.29
N VAL A 98 -1.66 13.38 -39.15
CA VAL A 98 -1.76 13.95 -40.49
C VAL A 98 -2.57 15.24 -40.51
N PHE A 99 -3.39 15.50 -39.50
CA PHE A 99 -4.24 16.67 -39.44
C PHE A 99 -3.96 17.47 -38.18
N PRO A 100 -4.19 18.79 -38.20
CA PRO A 100 -4.01 19.58 -36.98
C PRO A 100 -5.03 19.20 -35.91
N ILE A 101 -4.62 19.36 -34.66
CA ILE A 101 -5.45 18.98 -33.53
C ILE A 101 -6.51 20.04 -33.31
N THR A 102 -7.78 19.62 -33.28
CA THR A 102 -8.89 20.53 -33.05
C THR A 102 -9.54 20.35 -31.68
N HIS A 103 -9.11 19.34 -30.91
CA HIS A 103 -9.65 19.05 -29.58
C HIS A 103 -11.16 18.81 -29.62
N ASP A 104 -11.63 18.14 -30.67
CA ASP A 104 -13.04 17.86 -30.84
C ASP A 104 -13.47 16.53 -30.23
N GLY A 105 -12.52 15.75 -29.72
CA GLY A 105 -12.82 14.47 -29.13
C GLY A 105 -12.85 13.30 -30.08
N SER A 106 -12.69 13.54 -31.38
CA SER A 106 -12.67 12.48 -32.39
C SER A 106 -11.37 12.46 -33.17
N ASP A 107 -10.30 13.01 -32.61
CA ASP A 107 -9.00 13.03 -33.27
C ASP A 107 -8.17 11.78 -33.00
N GLY A 108 -8.67 10.88 -32.16
CA GLY A 108 -7.97 9.64 -31.89
C GLY A 108 -8.54 8.47 -32.68
N MET A 109 -9.62 8.71 -33.42
CA MET A 109 -10.26 7.68 -34.23
C MET A 109 -9.40 7.42 -35.45
N THR A 110 -8.61 6.36 -35.39
CA THR A 110 -7.75 6.02 -36.51
C THR A 110 -8.57 5.36 -37.62
N PRO A 111 -8.42 5.80 -38.87
CA PRO A 111 -9.09 5.11 -39.98
C PRO A 111 -8.25 3.98 -40.53
N ALA A 112 -8.75 3.30 -41.57
CA ALA A 112 -8.02 2.17 -42.14
C ALA A 112 -6.82 2.62 -42.95
N VAL A 113 -6.97 3.66 -43.76
CA VAL A 113 -5.94 4.10 -44.69
C VAL A 113 -5.75 5.60 -44.54
N ILE A 114 -4.52 6.02 -44.26
CA ILE A 114 -4.10 7.41 -44.36
C ILE A 114 -2.94 7.45 -45.34
N HIS A 115 -3.23 7.78 -46.59
CA HIS A 115 -2.26 7.74 -47.67
C HIS A 115 -1.86 9.16 -48.05
N THR A 116 -0.57 9.48 -47.87
CA THR A 116 -0.03 10.75 -48.34
C THR A 116 0.22 10.63 -49.82
N ARG A 117 -0.76 11.07 -50.61
CA ARG A 117 -0.71 10.93 -52.06
C ARG A 117 0.44 11.76 -52.63
N LEU A 118 0.96 11.30 -53.77
CA LEU A 118 2.15 11.88 -54.38
C LEU A 118 1.90 13.22 -55.06
N ASP A 119 0.72 13.81 -54.90
CA ASP A 119 0.45 15.17 -55.35
C ASP A 119 0.39 16.15 -54.18
N GLY A 120 0.98 15.77 -53.04
CA GLY A 120 0.90 16.59 -51.86
C GLY A 120 -0.49 16.73 -51.31
N THR A 121 -1.30 15.68 -51.42
CA THR A 121 -2.68 15.69 -50.94
C THR A 121 -2.86 14.57 -49.93
N ILE A 122 -4.03 14.56 -49.29
CA ILE A 122 -4.37 13.60 -48.25
C ILE A 122 -5.68 12.92 -48.64
N VAL A 123 -5.71 11.60 -48.55
CA VAL A 123 -6.92 10.82 -48.79
C VAL A 123 -7.10 9.81 -47.67
N VAL A 124 -8.36 9.47 -47.40
CA VAL A 124 -8.71 8.52 -46.36
C VAL A 124 -9.63 7.47 -46.95
N VAL A 125 -9.30 6.20 -46.73
CA VAL A 125 -10.11 5.07 -47.21
C VAL A 125 -10.52 4.24 -46.01
N GLU A 126 -11.84 4.02 -45.87
CA GLU A 126 -12.40 3.26 -44.76
C GLU A 126 -13.14 2.05 -45.32
N PHE A 127 -12.71 0.86 -44.92
CA PHE A 127 -13.32 -0.38 -45.39
C PHE A 127 -14.63 -0.64 -44.66
N SER A 128 -15.53 -1.36 -45.33
CA SER A 128 -16.82 -1.70 -44.75
C SER A 128 -17.36 -2.94 -45.45
N THR A 129 -18.16 -3.72 -44.71
CA THR A 129 -18.73 -4.94 -45.25
C THR A 129 -20.05 -5.25 -44.55
N THR A 130 -21.05 -5.65 -45.34
CA THR A 130 -22.36 -6.00 -44.82
C THR A 130 -22.76 -7.39 -45.31
N ARG A 131 -23.22 -8.23 -44.39
CA ARG A 131 -23.64 -9.60 -44.71
C ARG A 131 -25.12 -9.64 -45.07
N SER A 132 -25.47 -8.95 -46.15
CA SER A 132 -26.84 -8.89 -46.62
C SER A 132 -26.89 -9.10 -48.12
N HIS A 133 -27.90 -9.85 -48.58
CA HIS A 133 -28.06 -10.18 -50.00
C HIS A 133 -28.97 -9.19 -50.71
N ASN A 134 -28.69 -7.90 -50.57
CA ASN A 134 -29.46 -6.85 -51.24
C ASN A 134 -28.64 -5.56 -51.21
N ILE A 135 -29.24 -4.49 -51.74
CA ILE A 135 -28.56 -3.21 -51.81
C ILE A 135 -28.89 -2.31 -50.62
N GLY A 136 -29.96 -2.63 -49.88
CA GLY A 136 -30.31 -1.82 -48.71
C GLY A 136 -29.24 -1.87 -47.63
N GLY A 137 -28.66 -3.05 -47.39
CA GLY A 137 -27.56 -3.14 -46.45
C GLY A 137 -26.34 -2.39 -46.92
N LEU A 138 -26.09 -2.39 -48.23
CA LEU A 138 -25.00 -1.60 -48.79
C LEU A 138 -25.22 -0.11 -48.55
N GLU A 139 -26.45 0.35 -48.76
CA GLU A 139 -26.76 1.76 -48.53
C GLU A 139 -26.63 2.12 -47.05
N ALA A 140 -27.09 1.23 -46.16
CA ALA A 140 -26.96 1.48 -44.73
C ALA A 140 -25.50 1.55 -44.30
N ALA A 141 -24.68 0.62 -44.80
CA ALA A 141 -23.26 0.64 -44.47
C ALA A 141 -22.58 1.89 -45.02
N TYR A 142 -22.94 2.28 -46.24
CA TYR A 142 -22.38 3.49 -46.83
C TYR A 142 -22.73 4.72 -46.00
N ARG A 143 -24.00 4.80 -45.56
CA ARG A 143 -24.43 5.92 -44.74
C ARG A 143 -23.72 5.95 -43.39
N THR A 144 -23.57 4.78 -42.75
CA THR A 144 -22.89 4.75 -41.46
C THR A 144 -21.42 5.12 -41.59
N LYS A 145 -20.74 4.58 -42.60
CA LYS A 145 -19.33 4.85 -42.77
C LYS A 145 -19.04 6.20 -43.40
N ILE A 146 -20.05 6.90 -43.91
CA ILE A 146 -19.83 8.28 -44.30
C ILE A 146 -20.15 9.24 -43.16
N GLU A 147 -21.11 8.92 -42.30
CA GLU A 147 -21.40 9.78 -41.16
C GLU A 147 -20.39 9.62 -40.04
N LYS A 148 -19.69 8.47 -40.00
CA LYS A 148 -18.64 8.31 -39.00
C LYS A 148 -17.51 9.31 -39.18
N TYR A 149 -17.22 9.72 -40.42
CA TYR A 149 -16.06 10.56 -40.69
C TYR A 149 -16.33 11.83 -41.50
N ARG A 150 -17.57 12.10 -41.91
CA ARG A 150 -17.79 13.26 -42.77
C ARG A 150 -17.59 14.57 -42.03
N ASP A 151 -18.06 14.65 -40.79
CA ASP A 151 -17.96 15.89 -40.04
C ASP A 151 -16.57 16.15 -39.46
N PRO A 152 -15.91 15.21 -38.75
CA PRO A 152 -14.58 15.55 -38.20
C PRO A 152 -13.53 15.87 -39.26
N ILE A 153 -13.59 15.21 -40.42
CA ILE A 153 -12.68 15.54 -41.51
C ILE A 153 -12.96 16.95 -42.02
N SER A 154 -14.23 17.35 -42.05
CA SER A 154 -14.56 18.74 -42.40
C SER A 154 -14.01 19.71 -41.38
N ARG A 155 -14.10 19.36 -40.09
CA ARG A 155 -13.54 20.22 -39.04
C ARG A 155 -12.05 20.39 -39.19
N ARG A 156 -11.33 19.30 -39.50
CA ARG A 156 -9.89 19.40 -39.65
C ARG A 156 -9.48 20.04 -40.96
N VAL A 157 -10.33 19.97 -41.99
CA VAL A 157 -9.99 20.56 -43.28
C VAL A 157 -10.36 22.03 -43.36
N ASP A 158 -11.25 22.52 -42.48
CA ASP A 158 -11.50 23.95 -42.41
C ASP A 158 -10.25 24.71 -41.98
N ILE A 159 -9.51 24.16 -41.02
CA ILE A 159 -8.26 24.77 -40.59
C ILE A 159 -7.19 24.63 -41.67
N MET A 160 -7.15 23.48 -42.34
CA MET A 160 -6.06 23.18 -43.26
C MET A 160 -6.05 24.12 -44.46
N GLU A 161 -4.86 24.61 -44.80
CA GLU A 161 -4.73 25.59 -45.88
C GLU A 161 -5.02 24.97 -47.24
N ASN A 162 -4.61 23.72 -47.46
CA ASN A 162 -4.85 23.05 -48.74
C ASN A 162 -5.95 22.01 -48.57
N PRO A 163 -7.16 22.27 -49.07
CA PRO A 163 -8.29 21.39 -48.77
C PRO A 163 -8.36 20.14 -49.64
N ARG A 164 -7.25 19.76 -50.28
CA ARG A 164 -7.22 18.63 -51.20
C ARG A 164 -7.34 17.34 -50.39
N VAL A 165 -8.59 17.01 -50.04
CA VAL A 165 -8.91 15.85 -49.21
C VAL A 165 -10.05 15.09 -49.87
N PHE A 166 -9.90 13.76 -49.96
CA PHE A 166 -10.91 12.90 -50.55
C PHE A 166 -11.16 11.71 -49.62
N PHE A 167 -12.40 11.22 -49.61
CA PHE A 167 -12.83 10.13 -48.75
C PHE A 167 -13.18 8.93 -49.61
N GLY A 168 -12.72 7.75 -49.18
CA GLY A 168 -12.71 6.56 -50.03
C GLY A 168 -13.42 5.32 -49.52
N VAL A 169 -14.61 5.45 -48.94
CA VAL A 169 -15.32 4.31 -48.38
C VAL A 169 -15.68 3.32 -49.48
N ILE A 170 -15.35 2.04 -49.26
CA ILE A 170 -15.77 0.94 -50.11
C ILE A 170 -16.66 0.02 -49.29
N VAL A 171 -17.85 -0.29 -49.83
CA VAL A 171 -18.77 -1.20 -49.18
C VAL A 171 -18.77 -2.52 -49.95
N VAL A 172 -17.90 -3.43 -49.56
CA VAL A 172 -17.81 -4.74 -50.19
C VAL A 172 -18.84 -5.66 -49.56
N SER A 173 -19.29 -6.66 -50.32
CA SER A 173 -20.28 -7.61 -49.84
C SER A 173 -20.16 -8.88 -50.67
N SER A 174 -21.16 -9.75 -50.56
CA SER A 174 -21.26 -10.90 -51.44
C SER A 174 -21.78 -10.51 -52.82
N GLY A 175 -22.67 -9.52 -52.88
CA GLY A 175 -23.34 -9.16 -54.11
C GLY A 175 -22.75 -8.00 -54.88
N GLY A 176 -22.44 -6.89 -54.19
CA GLY A 176 -21.95 -5.71 -54.85
C GLY A 176 -20.89 -4.99 -54.03
N VAL A 177 -20.16 -4.11 -54.71
CA VAL A 177 -19.14 -3.26 -54.09
C VAL A 177 -19.61 -1.82 -54.26
N LEU A 178 -20.27 -1.28 -53.25
CA LEU A 178 -20.73 0.11 -53.28
C LEU A 178 -19.54 1.01 -52.94
N SER A 179 -19.03 1.72 -53.94
CA SER A 179 -17.84 2.54 -53.76
C SER A 179 -18.01 3.88 -54.45
N ASN A 180 -17.32 4.89 -53.93
CA ASN A 180 -17.28 6.21 -54.53
C ASN A 180 -16.01 6.44 -55.33
N MET A 181 -15.19 5.41 -55.52
CA MET A 181 -13.99 5.46 -56.34
C MET A 181 -14.18 4.63 -57.60
N PRO A 182 -13.50 4.99 -58.70
CA PRO A 182 -13.53 4.12 -59.88
C PRO A 182 -12.63 2.91 -59.69
N LEU A 183 -13.23 1.73 -59.48
CA LEU A 183 -12.48 0.51 -59.26
C LEU A 183 -12.44 -0.31 -60.54
N THR A 184 -11.26 -0.86 -60.83
CA THR A 184 -11.14 -1.86 -61.88
C THR A 184 -12.01 -3.06 -61.54
N GLN A 185 -12.80 -3.52 -62.51
CA GLN A 185 -13.75 -4.59 -62.22
C GLN A 185 -13.04 -5.90 -61.89
N ASP A 186 -11.84 -6.11 -62.44
CA ASP A 186 -11.04 -7.28 -62.05
C ASP A 186 -10.63 -7.18 -60.59
N GLU A 187 -10.16 -6.01 -60.16
CA GLU A 187 -9.76 -5.82 -58.77
C GLU A 187 -10.95 -5.95 -57.83
N ALA A 188 -12.09 -5.39 -58.22
CA ALA A 188 -13.30 -5.53 -57.41
C ALA A 188 -13.73 -6.99 -57.30
N GLU A 189 -13.69 -7.72 -58.41
CA GLU A 189 -14.07 -9.12 -58.39
C GLU A 189 -13.10 -9.94 -57.54
N GLU A 190 -11.82 -9.60 -57.59
CA GLU A 190 -10.83 -10.26 -56.75
C GLU A 190 -11.12 -10.02 -55.27
N LEU A 191 -11.47 -8.78 -54.91
CA LEU A 191 -11.81 -8.48 -53.53
C LEU A 191 -13.09 -9.19 -53.09
N MET A 192 -14.06 -9.32 -53.99
CA MET A 192 -15.28 -10.05 -53.66
C MET A 192 -14.99 -11.54 -53.46
N TYR A 193 -14.12 -12.10 -54.29
CA TYR A 193 -13.75 -13.51 -54.12
C TYR A 193 -13.02 -13.74 -52.81
N ARG A 194 -12.13 -12.80 -52.44
CA ARG A 194 -11.46 -12.90 -51.15
C ARG A 194 -12.45 -12.82 -50.00
N PHE A 195 -13.45 -11.93 -50.11
CA PHE A 195 -14.47 -11.86 -49.07
C PHE A 195 -15.30 -13.13 -49.00
N CYS A 196 -15.62 -13.74 -50.14
CA CYS A 196 -16.37 -14.99 -50.12
C CYS A 196 -15.57 -16.09 -49.46
N ILE A 197 -14.28 -16.17 -49.75
CA ILE A 197 -13.40 -17.14 -49.09
C ILE A 197 -13.35 -16.89 -47.59
N ALA A 198 -13.24 -15.61 -47.18
CA ALA A 198 -13.19 -15.29 -45.76
C ALA A 198 -14.51 -15.62 -45.05
N ASN A 199 -15.64 -15.37 -45.72
CA ASN A 199 -16.93 -15.71 -45.16
C ASN A 199 -17.06 -17.21 -44.95
N GLU A 200 -16.64 -18.00 -45.95
CA GLU A 200 -16.71 -19.45 -45.79
C GLU A 200 -15.74 -19.94 -44.72
N ILE A 201 -14.59 -19.29 -44.59
CA ILE A 201 -13.64 -19.63 -43.53
C ILE A 201 -14.26 -19.36 -42.17
N TYR A 202 -14.94 -18.21 -42.03
CA TYR A 202 -15.62 -17.88 -40.78
C TYR A 202 -16.69 -18.91 -40.46
N THR A 203 -17.46 -19.31 -41.46
CA THR A 203 -18.51 -20.31 -41.24
C THR A 203 -17.92 -21.66 -40.83
N LYS A 204 -16.85 -22.10 -41.48
CA LYS A 204 -16.28 -23.40 -41.19
C LYS A 204 -15.48 -23.42 -39.89
N ALA A 205 -14.94 -22.28 -39.45
CA ALA A 205 -14.14 -22.24 -38.23
C ALA A 205 -14.95 -21.90 -36.99
N ARG A 206 -15.98 -21.05 -37.11
CA ARG A 206 -16.78 -20.70 -35.94
C ARG A 206 -17.62 -21.89 -35.48
N SER A 207 -18.22 -22.62 -36.41
CA SER A 207 -19.08 -23.78 -36.14
C SER A 207 -20.22 -23.44 -35.18
N GLU A 219 -13.43 1.97 -28.30
CA GLU A 219 -12.14 1.58 -27.74
C GLU A 219 -12.30 0.49 -26.69
N GLU A 220 -13.33 0.63 -25.85
CA GLU A 220 -13.61 -0.38 -24.83
C GLU A 220 -14.38 -1.57 -25.38
N LEU A 221 -14.96 -1.45 -26.57
CA LEU A 221 -15.72 -2.55 -27.16
C LEU A 221 -14.82 -3.52 -27.91
N GLU A 222 -13.70 -3.02 -28.45
CA GLU A 222 -12.78 -3.89 -29.19
C GLU A 222 -12.17 -4.94 -28.27
N ALA A 223 -11.80 -4.55 -27.06
CA ALA A 223 -11.26 -5.50 -26.09
C ALA A 223 -12.30 -6.55 -25.70
N ILE A 224 -13.54 -6.12 -25.51
CA ILE A 224 -14.62 -7.05 -25.18
C ILE A 224 -14.80 -8.06 -26.31
N SER A 225 -14.84 -7.57 -27.55
CA SER A 225 -15.01 -8.46 -28.69
C SER A 225 -13.83 -9.43 -28.84
N ARG A 226 -12.62 -8.93 -28.65
CA ARG A 226 -11.42 -9.76 -28.77
C ARG A 226 -11.41 -10.87 -27.71
N ALA A 227 -11.65 -10.50 -26.45
CA ALA A 227 -11.64 -11.50 -25.39
C ALA A 227 -12.79 -12.49 -25.54
N LEU A 228 -13.97 -12.02 -25.94
CA LEU A 228 -15.10 -12.91 -26.15
C LEU A 228 -14.82 -13.89 -27.27
N SER A 229 -14.24 -13.42 -28.38
CA SER A 229 -13.93 -14.31 -29.49
C SER A 229 -12.88 -15.34 -29.10
N PHE A 230 -11.88 -14.93 -28.31
CA PHE A 230 -10.87 -15.89 -27.87
C PHE A 230 -11.47 -16.94 -26.96
N PHE A 231 -12.19 -16.52 -25.91
CA PHE A 231 -12.71 -17.48 -24.95
C PHE A 231 -13.77 -18.38 -25.57
N SER A 232 -14.55 -17.86 -26.52
CA SER A 232 -15.48 -18.72 -27.26
C SER A 232 -14.74 -19.73 -28.12
N LEU A 233 -13.67 -19.31 -28.78
CA LEU A 233 -12.95 -20.19 -29.71
C LEU A 233 -11.83 -20.98 -29.07
N PHE A 234 -11.40 -20.65 -27.85
CA PHE A 234 -10.29 -21.35 -27.21
C PHE A 234 -10.72 -22.75 -26.80
N GLU A 235 -9.91 -23.74 -27.17
CA GLU A 235 -10.21 -25.15 -26.89
C GLU A 235 -9.04 -25.77 -26.14
N PRO A 236 -9.11 -25.84 -24.81
CA PRO A 236 -8.16 -26.68 -24.09
C PRO A 236 -8.41 -28.13 -24.42
N ASN A 237 -7.33 -28.86 -24.74
CA ASN A 237 -7.50 -30.27 -25.09
C ASN A 237 -7.76 -31.08 -23.84
N ILE A 238 -9.03 -31.16 -23.42
CA ILE A 238 -9.39 -31.86 -22.18
C ILE A 238 -9.10 -33.35 -22.31
N GLU A 239 -9.33 -33.91 -23.49
CA GLU A 239 -8.98 -35.31 -23.73
C GLU A 239 -7.48 -35.54 -23.53
N ARG A 240 -6.65 -34.62 -24.01
CA ARG A 240 -5.23 -34.69 -23.70
C ARG A 240 -4.95 -34.36 -22.24
N VAL A 241 -5.71 -33.41 -21.67
CA VAL A 241 -5.45 -32.94 -20.30
C VAL A 241 -5.64 -34.06 -19.29
N GLU A 242 -6.70 -34.86 -19.44
CA GLU A 242 -6.97 -35.94 -18.51
C GLU A 242 -5.82 -36.94 -18.49
N GLY A 243 -5.38 -37.38 -19.67
CA GLY A 243 -4.21 -38.24 -19.75
C GLY A 243 -2.90 -37.57 -19.35
N THR A 244 -2.88 -36.24 -19.29
CA THR A 244 -1.66 -35.51 -18.93
C THR A 244 -1.57 -35.28 -17.43
N PHE A 245 -2.61 -34.72 -16.82
CA PHE A 245 -2.60 -34.39 -15.40
C PHE A 245 -3.63 -35.21 -14.65
N PRO A 246 -3.29 -35.70 -13.45
CA PRO A 246 -4.24 -36.51 -12.69
C PRO A 246 -5.43 -35.70 -12.19
N ASN A 247 -6.57 -36.39 -12.05
CA ASN A 247 -7.80 -35.81 -11.51
C ASN A 247 -8.24 -34.57 -12.28
N SER A 248 -8.10 -34.61 -13.60
CA SER A 248 -8.38 -33.47 -14.46
C SER A 248 -9.56 -33.72 -15.39
N GLU A 249 -10.54 -34.51 -14.94
CA GLU A 249 -11.68 -34.88 -15.77
C GLU A 249 -12.83 -33.89 -15.57
N ILE A 250 -13.45 -33.49 -16.69
CA ILE A 250 -14.54 -32.52 -16.65
C ILE A 250 -15.82 -33.11 -16.07
N LYS A 251 -15.89 -34.44 -15.94
CA LYS A 251 -17.09 -35.11 -15.47
C LYS A 251 -17.45 -34.68 -14.05
N MET A 252 -16.47 -34.66 -13.15
CA MET A 252 -16.73 -34.23 -11.79
C MET A 252 -17.14 -32.77 -11.72
N LEU A 253 -16.55 -31.92 -12.57
CA LEU A 253 -16.92 -30.51 -12.60
C LEU A 253 -18.37 -30.33 -13.02
N GLU A 254 -18.78 -30.98 -14.10
CA GLU A 254 -20.17 -30.83 -14.54
C GLU A 254 -21.14 -31.51 -13.60
N GLN A 255 -20.73 -32.58 -12.91
CA GLN A 255 -21.58 -33.17 -11.88
C GLN A 255 -21.77 -32.24 -10.71
N PHE A 256 -20.69 -31.59 -10.25
CA PHE A 256 -20.80 -30.62 -9.16
C PHE A 256 -21.65 -29.43 -9.57
N LEU A 257 -21.54 -29.00 -10.83
CA LEU A 257 -22.40 -27.95 -11.35
C LEU A 257 -23.86 -28.39 -11.44
N SER A 258 -24.10 -29.68 -11.67
CA SER A 258 -25.45 -30.16 -11.94
C SER A 258 -26.20 -30.57 -10.67
N THR A 259 -25.68 -31.54 -9.93
CA THR A 259 -26.44 -32.15 -8.85
C THR A 259 -26.60 -31.18 -7.68
N PRO A 260 -27.72 -31.27 -6.95
CA PRO A 260 -27.86 -30.47 -5.73
C PRO A 260 -27.09 -31.07 -4.56
N ALA A 261 -27.24 -30.48 -3.38
CA ALA A 261 -26.58 -30.96 -2.17
C ALA A 261 -27.54 -31.82 -1.38
N ASP A 262 -27.07 -33.01 -0.98
CA ASP A 262 -27.89 -33.93 -0.21
C ASP A 262 -28.10 -33.38 1.20
N VAL A 263 -29.33 -32.93 1.48
CA VAL A 263 -29.61 -32.26 2.74
C VAL A 263 -29.48 -33.20 3.93
N ASP A 264 -29.77 -34.49 3.74
CA ASP A 264 -29.62 -35.46 4.82
C ASP A 264 -28.17 -35.61 5.24
N PHE A 265 -27.25 -35.64 4.28
CA PHE A 265 -25.82 -35.74 4.60
C PHE A 265 -25.35 -34.52 5.36
N ILE A 266 -25.74 -33.32 4.91
CA ILE A 266 -25.34 -32.09 5.59
C ILE A 266 -25.90 -32.06 7.00
N THR A 267 -27.17 -32.44 7.15
CA THR A 267 -27.81 -32.45 8.46
C THR A 267 -27.09 -33.40 9.41
N LYS A 268 -26.87 -34.65 8.98
CA LYS A 268 -26.25 -35.65 9.85
C LYS A 268 -24.81 -35.27 10.20
N THR A 269 -24.05 -34.75 9.22
CA THR A 269 -22.68 -34.33 9.50
C THR A 269 -22.65 -33.15 10.46
N LEU A 270 -23.62 -32.23 10.33
CA LEU A 270 -23.72 -31.13 11.28
C LEU A 270 -24.00 -31.64 12.69
N LYS A 271 -24.91 -32.60 12.82
CA LYS A 271 -25.20 -33.16 14.14
C LYS A 271 -23.98 -33.84 14.74
N ALA A 272 -23.26 -34.63 13.94
CA ALA A 272 -22.08 -35.35 14.44
C ALA A 272 -20.97 -34.38 14.84
N LYS A 273 -20.71 -33.37 14.01
CA LYS A 273 -19.66 -32.41 14.34
C LYS A 273 -20.04 -31.58 15.56
N GLU A 274 -21.32 -31.24 15.71
CA GLU A 274 -21.73 -30.44 16.86
C GLU A 274 -21.64 -31.24 18.15
N VAL A 275 -22.03 -32.51 18.13
CA VAL A 275 -21.91 -33.30 19.37
C VAL A 275 -20.45 -33.60 19.67
N GLU A 276 -19.61 -33.77 18.65
CA GLU A 276 -18.17 -33.94 18.89
C GLU A 276 -17.56 -32.68 19.50
N ALA A 277 -17.97 -31.51 19.01
CA ALA A 277 -17.50 -30.25 19.58
C ALA A 277 -17.95 -30.10 21.02
N TYR A 278 -19.21 -30.47 21.31
CA TYR A 278 -19.72 -30.40 22.68
C TYR A 278 -18.93 -31.33 23.60
N ALA A 279 -18.65 -32.55 23.15
CA ALA A 279 -17.90 -33.50 23.96
C ALA A 279 -16.49 -33.00 24.23
N ASP A 280 -15.82 -32.45 23.20
CA ASP A 280 -14.46 -31.95 23.40
C ASP A 280 -14.45 -30.73 24.31
N LEU A 281 -15.45 -29.84 24.17
CA LEU A 281 -15.55 -28.68 25.05
C LEU A 281 -15.74 -29.11 26.49
N CYS A 282 -16.60 -30.10 26.71
CA CYS A 282 -16.85 -30.57 28.08
C CYS A 282 -15.62 -31.25 28.67
N ASP A 283 -14.97 -32.13 27.91
CA ASP A 283 -13.91 -32.94 28.50
C ASP A 283 -12.54 -32.25 28.49
N SER A 284 -12.36 -31.19 27.70
CA SER A 284 -11.08 -30.49 27.67
C SER A 284 -11.07 -29.23 28.51
N HIS A 285 -12.17 -28.49 28.55
CA HIS A 285 -12.24 -27.26 29.32
C HIS A 285 -12.81 -27.47 30.71
N TYR A 286 -12.74 -28.71 31.23
CA TYR A 286 -13.03 -29.02 32.63
C TYR A 286 -14.48 -28.72 33.00
N LEU A 287 -15.38 -29.54 32.48
CA LEU A 287 -16.81 -29.44 32.74
C LEU A 287 -17.25 -30.74 33.41
N LYS A 288 -18.57 -31.00 33.45
CA LYS A 288 -19.26 -32.04 34.21
C LYS A 288 -18.47 -33.35 34.28
N PRO A 289 -18.15 -33.88 35.49
CA PRO A 289 -18.55 -33.48 36.86
C PRO A 289 -18.25 -32.05 37.30
N GLU A 290 -19.21 -31.44 37.99
CA GLU A 290 -19.22 -30.00 38.19
C GLU A 290 -18.10 -29.57 39.14
N LYS A 291 -17.36 -28.55 38.73
CA LYS A 291 -16.30 -27.95 39.53
C LYS A 291 -16.54 -26.44 39.59
N THR A 292 -15.67 -25.74 40.31
CA THR A 292 -15.68 -24.29 40.36
C THR A 292 -14.50 -23.74 39.57
N ILE A 293 -14.59 -22.45 39.23
CA ILE A 293 -13.58 -21.83 38.38
C ILE A 293 -12.20 -21.88 39.04
N GLN A 294 -12.14 -21.70 40.35
CA GLN A 294 -10.86 -21.77 41.06
C GLN A 294 -10.18 -23.12 40.90
N GLU A 295 -10.91 -24.20 41.18
CA GLU A 295 -10.29 -25.53 41.08
C GLU A 295 -10.08 -25.95 39.63
N ARG A 296 -10.95 -25.49 38.72
CA ARG A 296 -10.70 -25.72 37.30
C ARG A 296 -9.40 -25.04 36.87
N LEU A 297 -9.17 -23.81 37.33
CA LEU A 297 -7.93 -23.13 37.02
C LEU A 297 -6.73 -23.82 37.66
N GLU A 298 -6.91 -24.39 38.85
CA GLU A 298 -5.83 -25.13 39.48
C GLU A 298 -5.47 -26.39 38.69
N ILE A 299 -6.48 -27.12 38.24
CA ILE A 299 -6.24 -28.31 37.42
C ILE A 299 -5.61 -27.92 36.09
N ASN A 300 -6.04 -26.79 35.51
CA ASN A 300 -5.43 -26.28 34.29
C ASN A 300 -3.96 -25.94 34.50
N ARG A 301 -3.65 -25.29 35.63
CA ARG A 301 -2.28 -24.99 35.98
C ARG A 301 -1.44 -26.26 36.12
N CYS A 302 -2.00 -27.29 36.77
CA CYS A 302 -1.28 -28.56 36.89
C CYS A 302 -1.05 -29.21 35.52
N GLU A 303 -2.05 -29.13 34.63
CA GLU A 303 -1.88 -29.66 33.28
C GLU A 303 -0.80 -28.91 32.52
N ALA A 304 -0.77 -27.58 32.65
CA ALA A 304 0.26 -26.78 32.02
C ALA A 304 1.64 -27.14 32.57
N ILE A 305 1.73 -27.36 33.89
CA ILE A 305 2.98 -27.79 34.50
C ILE A 305 3.42 -29.13 33.92
N ASP A 306 2.47 -30.07 33.78
CA ASP A 306 2.79 -31.38 33.22
C ASP A 306 3.31 -31.27 31.80
N LYS A 307 2.62 -30.50 30.96
CA LYS A 307 3.05 -30.37 29.57
C LYS A 307 4.39 -29.65 29.44
N THR A 308 4.61 -28.61 30.26
CA THR A 308 5.89 -27.89 30.21
C THR A 308 7.03 -28.78 30.68
N GLN A 309 6.81 -29.58 31.73
CA GLN A 309 7.87 -30.47 32.19
C GLN A 309 8.13 -31.59 31.20
N ASP A 310 7.10 -32.05 30.49
CA ASP A 310 7.31 -33.02 29.43
C ASP A 310 8.15 -32.44 28.31
N LEU A 311 7.88 -31.19 27.91
CA LEU A 311 8.70 -30.54 26.90
C LEU A 311 10.14 -30.35 27.38
N LEU A 312 10.32 -29.95 28.65
CA LEU A 312 11.65 -29.77 29.20
C LEU A 312 12.42 -31.08 29.22
N ALA A 313 11.76 -32.18 29.59
CA ALA A 313 12.41 -33.48 29.57
C ALA A 313 12.78 -33.90 28.15
N GLY A 314 11.87 -33.69 27.20
CA GLY A 314 12.15 -34.05 25.82
C GLY A 314 13.23 -33.20 25.18
N LEU A 315 13.46 -32.00 25.69
CA LEU A 315 14.58 -31.17 25.23
C LEU A 315 15.88 -31.50 25.94
N HIS A 316 15.81 -31.84 27.23
CA HIS A 316 17.02 -32.20 27.97
C HIS A 316 17.56 -33.56 27.53
N ALA A 317 16.68 -34.45 27.07
CA ALA A 317 17.13 -35.74 26.57
C ALA A 317 17.99 -35.59 25.32
N ARG A 318 17.70 -34.59 24.50
CA ARG A 318 18.42 -34.36 23.26
C ARG A 318 19.54 -33.32 23.40
N SER A 319 19.85 -32.90 24.62
CA SER A 319 20.84 -31.86 24.85
C SER A 319 22.23 -32.50 25.03
N ASN A 320 23.21 -31.67 25.40
CA ASN A 320 24.56 -32.14 25.68
C ASN A 320 24.88 -32.09 27.17
N LYS A 321 23.84 -32.04 28.01
CA LYS A 321 23.95 -31.86 29.47
C LYS A 321 24.69 -30.55 29.71
N GLN A 322 25.79 -30.54 30.47
CA GLN A 322 26.66 -29.36 30.65
C GLN A 322 25.86 -28.16 31.18
N THR A 323 25.41 -28.31 32.44
CA THR A 323 24.58 -27.29 33.06
C THR A 323 25.29 -25.95 33.18
N SER A 324 26.62 -25.94 33.25
CA SER A 324 27.40 -24.73 33.31
C SER A 324 28.29 -24.65 32.08
N LEU A 325 28.10 -23.62 31.26
CA LEU A 325 28.82 -23.45 30.01
C LEU A 325 29.10 -21.98 29.79
N ASN A 326 30.29 -21.68 29.27
CA ASN A 326 30.76 -20.30 29.14
C ASN A 326 30.85 -19.91 27.66
N ARG A 327 29.98 -19.01 27.24
CA ARG A 327 30.14 -18.27 25.99
C ARG A 327 29.19 -17.07 26.04
N GLY A 328 29.72 -15.89 25.75
CA GLY A 328 28.92 -14.69 25.85
C GLY A 328 27.78 -14.65 24.83
N THR A 329 26.72 -13.93 25.18
CA THR A 329 25.58 -13.75 24.30
C THR A 329 25.70 -12.52 23.41
N VAL A 330 26.72 -11.69 23.64
CA VAL A 330 27.03 -10.55 22.78
C VAL A 330 28.53 -10.57 22.52
N LYS A 331 28.92 -11.11 21.36
CA LYS A 331 30.32 -11.44 21.08
C LYS A 331 31.10 -10.21 20.59
N LEU A 332 31.10 -9.18 21.42
CA LEU A 332 31.89 -7.98 21.22
C LEU A 332 32.34 -7.46 22.58
N PRO A 333 33.54 -6.89 22.68
CA PRO A 333 34.08 -6.52 24.00
C PRO A 333 33.30 -5.38 24.62
N PRO A 334 33.17 -5.37 25.95
CA PRO A 334 32.48 -4.28 26.62
C PRO A 334 33.39 -3.14 27.04
N TRP A 335 33.79 -2.26 26.12
CA TRP A 335 34.61 -1.13 26.52
C TRP A 335 34.08 0.17 25.90
N LEU A 336 34.12 1.23 26.69
CA LEU A 336 33.68 2.56 26.27
C LEU A 336 34.86 3.52 26.33
N PRO A 337 35.52 3.78 25.20
CA PRO A 337 36.65 4.71 25.21
C PRO A 337 36.22 6.16 24.96
N LYS A 338 37.07 7.07 25.41
CA LYS A 338 36.84 8.50 25.19
C LYS A 338 37.35 8.89 23.81
N PRO A 339 36.47 9.38 22.91
CA PRO A 339 36.93 9.79 21.57
C PRO A 339 37.97 10.91 21.58
N SER A 340 38.61 11.13 20.44
CA SER A 340 39.68 12.11 20.28
C SER A 340 39.98 12.35 18.82
N SER A 341 40.98 13.17 18.53
CA SER A 341 41.38 13.41 17.15
C SER A 341 42.09 12.18 16.58
N GLU A 342 42.12 12.11 15.26
CA GLU A 342 42.73 10.97 14.57
C GLU A 342 44.24 10.98 14.77
N SER A 343 44.76 9.92 15.37
CA SER A 343 46.18 9.82 15.64
C SER A 343 46.55 8.36 15.76
N ILE A 344 47.81 8.06 15.46
CA ILE A 344 48.32 6.69 15.52
C ILE A 344 49.44 6.69 16.57
N ASP A 345 49.13 6.16 17.74
CA ASP A 345 50.10 5.95 18.80
C ASP A 345 50.36 4.46 18.93
N ILE A 346 51.61 4.06 18.81
CA ILE A 346 52.00 2.65 18.78
C ILE A 346 52.80 2.27 20.01
N LYS A 347 53.80 3.07 20.37
CA LYS A 347 54.71 2.74 21.46
C LYS A 347 54.00 2.80 22.81
N THR A 348 54.39 1.90 23.70
CA THR A 348 53.82 1.80 25.04
C THR A 348 54.95 1.77 26.08
N ASP A 349 54.55 1.68 27.35
CA ASP A 349 55.51 1.73 28.44
C ASP A 349 56.37 0.48 28.49
N SER A 350 55.75 -0.70 28.41
CA SER A 350 56.47 -1.95 28.53
C SER A 350 57.12 -2.41 27.23
N GLY A 351 56.83 -1.74 26.12
CA GLY A 351 57.36 -2.15 24.83
C GLY A 351 56.64 -3.36 24.27
N PHE A 352 57.07 -3.75 23.08
CA PHE A 352 56.47 -4.90 22.40
C PHE A 352 57.23 -6.19 22.71
N GLY A 353 57.47 -6.43 24.00
CA GLY A 353 58.15 -7.64 24.43
C GLY A 353 57.31 -8.43 25.41
N SER A 354 56.43 -7.75 26.13
CA SER A 354 55.51 -8.42 27.04
C SER A 354 54.28 -8.96 26.32
N LEU A 355 54.01 -8.50 25.10
CA LEU A 355 52.88 -9.01 24.33
C LEU A 355 53.15 -10.39 23.74
N MET A 356 54.41 -10.74 23.54
CA MET A 356 54.76 -12.05 22.97
C MET A 356 54.36 -13.18 23.90
N ASP A 357 54.60 -13.02 25.19
CA ASP A 357 54.33 -14.07 26.17
C ASP A 357 52.91 -13.98 26.73
N HIS A 358 51.91 -13.93 25.86
CA HIS A 358 50.53 -13.90 26.29
C HIS A 358 49.60 -14.72 25.39
N GLY A 359 50.13 -15.52 24.48
CA GLY A 359 49.34 -16.36 23.62
C GLY A 359 49.50 -16.00 22.15
N ALA A 360 48.76 -16.74 21.32
CA ALA A 360 48.82 -16.54 19.88
C ALA A 360 48.30 -15.16 19.48
N TYR A 361 47.24 -14.70 20.13
CA TYR A 361 46.69 -13.37 19.90
C TYR A 361 47.72 -12.30 20.22
N GLY A 362 48.31 -12.37 21.41
CA GLY A 362 49.40 -11.46 21.75
C GLY A 362 50.57 -11.52 20.79
N GLU A 363 50.86 -12.71 20.25
CA GLU A 363 51.97 -12.84 19.31
C GLU A 363 51.76 -11.98 18.07
N LEU A 364 50.64 -12.18 17.38
CA LEU A 364 50.39 -11.43 16.17
C LEU A 364 50.05 -9.98 16.46
N TRP A 365 49.53 -9.67 17.65
CA TRP A 365 49.32 -8.27 18.01
C TRP A 365 50.62 -7.56 18.31
N ALA A 366 51.67 -8.28 18.67
CA ALA A 366 53.00 -7.68 18.75
C ALA A 366 53.64 -7.57 17.37
N LYS A 367 53.44 -8.59 16.53
CA LYS A 367 54.00 -8.57 15.17
C LYS A 367 53.45 -7.42 14.35
N CYS A 368 52.13 -7.21 14.40
CA CYS A 368 51.49 -6.12 13.66
C CYS A 368 52.03 -4.76 14.10
N LEU A 369 52.16 -4.55 15.41
CA LEU A 369 52.64 -3.27 15.90
C LEU A 369 54.12 -3.06 15.58
N LEU A 370 54.91 -4.14 15.59
CA LEU A 370 56.31 -4.03 15.16
C LEU A 370 56.41 -3.68 13.69
N ASP A 371 55.55 -4.26 12.85
CA ASP A 371 55.58 -3.93 11.43
C ASP A 371 55.11 -2.50 11.17
N VAL A 372 54.09 -2.05 11.91
CA VAL A 372 53.55 -0.71 11.70
C VAL A 372 54.53 0.35 12.17
N SER A 373 55.10 0.17 13.38
CA SER A 373 56.01 1.17 13.92
C SER A 373 57.30 1.26 13.11
N LEU A 374 57.86 0.11 12.72
CA LEU A 374 59.06 0.08 11.89
C LEU A 374 58.69 -0.09 10.42
N GLY A 375 57.88 0.85 9.93
CA GLY A 375 57.43 0.81 8.56
C GLY A 375 56.64 2.05 8.16
N ASN A 376 55.58 1.85 7.38
CA ASN A 376 54.72 2.94 6.93
C ASN A 376 53.33 2.78 7.53
N VAL A 377 52.68 3.91 7.75
CA VAL A 377 51.34 3.93 8.32
C VAL A 377 50.27 4.10 7.24
N GLU A 378 50.64 3.92 5.98
CA GLU A 378 49.66 4.00 4.91
C GLU A 378 48.71 2.80 4.97
N GLY A 379 47.42 3.08 4.91
CA GLY A 379 46.40 2.08 5.04
C GLY A 379 45.93 1.81 6.45
N VAL A 380 46.74 2.18 7.46
CA VAL A 380 46.29 2.09 8.84
C VAL A 380 45.15 3.07 9.08
N VAL A 381 45.30 4.31 8.62
CA VAL A 381 44.23 5.29 8.57
C VAL A 381 44.22 5.89 7.19
N SER A 382 43.05 6.41 6.78
CA SER A 382 42.93 7.10 5.51
C SER A 382 43.44 8.52 5.65
N ASP A 383 44.45 8.88 4.86
CA ASP A 383 45.04 10.20 4.97
C ASP A 383 44.09 11.27 4.47
N PRO A 384 44.10 12.46 5.09
CA PRO A 384 43.22 13.54 4.64
C PRO A 384 43.82 14.41 3.55
N ALA A 385 45.07 14.17 3.16
CA ALA A 385 45.75 14.96 2.15
C ALA A 385 45.75 14.29 0.78
N LYS A 386 46.05 13.00 0.73
CA LYS A 386 46.10 12.20 -0.49
C LYS A 386 44.81 12.28 -1.30
N GLU A 387 43.67 12.48 -0.62
CA GLU A 387 42.39 12.57 -1.30
C GLU A 387 41.96 14.00 -1.60
N LEU A 388 42.58 14.99 -0.95
CA LEU A 388 42.34 16.38 -1.30
C LEU A 388 42.82 16.68 -2.72
N ASP A 389 43.98 16.12 -3.10
CA ASP A 389 44.49 16.33 -4.44
C ASP A 389 43.63 15.66 -5.51
N ILE A 390 42.97 14.56 -5.15
CA ILE A 390 42.09 13.88 -6.10
C ILE A 390 40.68 14.43 -6.07
N ALA A 391 40.33 15.22 -5.06
CA ALA A 391 39.03 15.87 -5.02
C ALA A 391 39.01 17.19 -5.78
N ILE A 392 40.09 17.98 -5.66
CA ILE A 392 40.19 19.23 -6.41
C ILE A 392 40.30 18.96 -7.90
N SER A 393 41.02 17.90 -8.28
CA SER A 393 41.34 17.65 -9.68
C SER A 393 40.16 17.04 -10.41
N ASP A 394 40.39 16.56 -11.64
CA ASP A 394 39.36 15.93 -12.44
C ASP A 394 40.03 15.09 -13.51
N ASP A 395 39.27 14.11 -14.03
CA ASP A 395 39.61 13.16 -15.09
C ASP A 395 41.07 12.70 -15.05
N PRO A 396 41.51 12.01 -13.99
CA PRO A 396 42.90 11.61 -13.90
C PRO A 396 43.15 10.21 -14.47
N ILE A 406 41.56 0.98 -2.68
CA ILE A 406 41.21 1.63 -1.44
C ILE A 406 42.44 1.67 -0.55
N THR A 407 43.44 0.86 -0.91
CA THR A 407 44.78 0.89 -0.32
C THR A 407 44.76 0.59 1.18
N TYR A 408 44.43 -0.67 1.49
CA TYR A 408 44.50 -1.17 2.85
C TYR A 408 45.92 -1.58 3.21
N ARG A 409 46.29 -1.35 4.47
CA ARG A 409 47.59 -1.77 4.97
C ARG A 409 47.63 -3.29 5.08
N ARG A 410 48.68 -3.90 4.52
CA ARG A 410 48.80 -5.34 4.45
C ARG A 410 50.14 -5.76 5.06
N PHE A 411 50.10 -6.78 5.91
CA PHE A 411 51.29 -7.30 6.57
C PHE A 411 51.13 -8.80 6.75
N LYS A 412 52.23 -9.54 6.58
CA LYS A 412 52.23 -10.97 6.80
C LYS A 412 53.06 -11.30 8.02
N PRO A 413 52.46 -11.75 9.12
CA PRO A 413 53.22 -12.08 10.32
C PRO A 413 53.95 -13.41 10.21
N ALA A 414 54.82 -13.65 11.19
CA ALA A 414 55.55 -14.90 11.39
C ALA A 414 54.65 -16.13 11.24
N LEU A 415 53.54 -16.15 11.99
CA LEU A 415 52.56 -17.23 11.92
C LEU A 415 53.16 -18.58 12.29
N SER A 416 53.54 -18.75 13.56
CA SER A 416 53.93 -20.07 14.05
C SER A 416 52.75 -21.04 13.93
N SER A 417 53.08 -22.34 13.93
CA SER A 417 52.09 -23.37 13.64
C SER A 417 51.01 -23.43 14.70
N SER A 418 51.37 -23.23 15.97
CA SER A 418 50.38 -23.24 17.05
C SER A 418 49.40 -22.09 16.90
N ALA A 419 49.89 -20.90 16.52
CA ALA A 419 49.02 -19.76 16.32
C ALA A 419 48.06 -20.00 15.16
N ARG A 420 48.56 -20.61 14.08
CA ARG A 420 47.69 -20.95 12.96
C ARG A 420 46.63 -21.98 13.36
N GLN A 421 47.01 -22.93 14.21
CA GLN A 421 46.04 -23.91 14.71
C GLN A 421 44.95 -23.23 15.54
N GLU A 422 45.34 -22.32 16.43
CA GLU A 422 44.37 -21.61 17.25
C GLU A 422 43.47 -20.72 16.41
N PHE A 423 44.01 -20.10 15.36
CA PHE A 423 43.19 -19.31 14.46
C PHE A 423 42.25 -20.21 13.66
N SER A 424 42.70 -21.41 13.28
CA SER A 424 41.88 -22.34 12.54
C SER A 424 40.74 -22.89 13.38
N LEU A 425 40.90 -22.94 14.71
CA LEU A 425 39.77 -23.30 15.56
C LEU A 425 38.67 -22.26 15.48
N GLN A 426 39.03 -20.98 15.40
CA GLN A 426 38.07 -19.89 15.46
C GLN A 426 37.59 -19.43 14.09
N GLY A 427 38.06 -20.05 12.99
CA GLY A 427 37.58 -19.76 11.65
C GLY A 427 38.66 -19.23 10.72
N VAL A 428 39.70 -18.61 11.27
CA VAL A 428 40.72 -17.97 10.44
C VAL A 428 41.61 -19.03 9.82
N GLU A 429 41.68 -19.03 8.50
CA GLU A 429 42.44 -20.03 7.73
C GLU A 429 42.00 -21.44 8.08
N GLY A 430 40.70 -21.63 8.30
CA GLY A 430 40.16 -22.84 8.86
C GLY A 430 39.78 -23.94 7.89
N LYS A 431 40.14 -23.82 6.61
CA LYS A 431 39.81 -24.86 5.64
C LYS A 431 40.93 -25.87 5.44
N LYS A 432 42.19 -25.45 5.49
CA LYS A 432 43.28 -26.40 5.34
C LYS A 432 43.48 -27.23 6.61
N TRP A 433 43.19 -26.67 7.78
CA TRP A 433 43.25 -27.41 9.03
C TRP A 433 41.87 -28.00 9.34
N LYS A 434 41.37 -28.79 8.39
CA LYS A 434 40.03 -29.35 8.48
C LYS A 434 39.99 -30.72 9.14
N ARG A 435 41.03 -31.52 8.95
CA ARG A 435 41.07 -32.89 9.47
C ARG A 435 42.02 -33.04 10.64
N MET A 436 42.39 -31.94 11.30
CA MET A 436 43.18 -32.00 12.51
C MET A 436 42.30 -32.44 13.68
N ALA A 437 42.92 -33.06 14.67
CA ALA A 437 42.17 -33.67 15.77
C ALA A 437 41.39 -32.64 16.56
N ALA A 438 42.02 -31.50 16.88
CA ALA A 438 41.33 -30.45 17.61
C ALA A 438 40.20 -29.85 16.79
N ASN A 439 40.43 -29.63 15.49
CA ASN A 439 39.40 -29.04 14.66
C ASN A 439 38.22 -29.99 14.46
N GLN A 440 38.49 -31.30 14.31
CA GLN A 440 37.40 -32.26 14.23
C GLN A 440 36.66 -32.37 15.55
N LYS A 441 37.38 -32.23 16.67
CA LYS A 441 36.73 -32.20 17.99
C LYS A 441 35.77 -31.02 18.10
N LYS A 442 36.23 -29.83 17.73
CA LYS A 442 35.39 -28.64 17.77
C LYS A 442 34.22 -28.75 16.81
N GLU A 443 34.44 -29.33 15.63
CA GLU A 443 33.35 -29.55 14.68
C GLU A 443 32.31 -30.52 15.24
N LYS A 444 32.76 -31.56 15.94
CA LYS A 444 31.83 -32.47 16.60
C LYS A 444 31.03 -31.77 17.68
N GLU A 445 31.69 -30.94 18.49
CA GLU A 445 31.02 -30.30 19.62
C GLU A 445 30.16 -29.11 19.21
N SER A 446 30.38 -28.54 18.02
CA SER A 446 29.60 -27.40 17.58
C SER A 446 28.20 -27.76 17.12
N HIS A 447 27.89 -29.04 16.98
CA HIS A 447 26.59 -29.49 16.50
C HIS A 447 25.79 -30.13 17.63
N GLU A 448 26.01 -29.65 18.85
CA GLU A 448 25.39 -30.20 20.04
C GLU A 448 24.41 -29.19 20.63
N THR A 449 23.16 -29.62 20.81
CA THR A 449 22.11 -28.78 21.35
C THR A 449 22.33 -28.54 22.84
N LEU A 450 21.89 -27.36 23.31
CA LEU A 450 21.98 -27.01 24.72
C LEU A 450 20.71 -27.43 25.45
N SER A 451 20.57 -27.04 26.71
CA SER A 451 19.53 -27.55 27.58
C SER A 451 18.71 -26.42 28.19
N PRO A 452 17.42 -26.63 28.43
CA PRO A 452 16.61 -25.59 29.09
C PRO A 452 16.87 -25.44 30.57
N PHE A 453 17.71 -26.30 31.16
CA PHE A 453 18.17 -26.16 32.55
C PHE A 453 19.58 -25.60 32.60
N LEU A 454 19.87 -24.65 31.71
CA LEU A 454 21.21 -24.12 31.49
C LEU A 454 21.69 -23.20 32.62
N ASP A 455 20.81 -22.85 33.57
CA ASP A 455 21.14 -21.96 34.69
C ASP A 455 21.62 -20.61 34.18
N VAL A 456 20.70 -19.89 33.53
CA VAL A 456 21.00 -18.60 32.92
C VAL A 456 20.59 -17.51 33.92
N GLU A 457 21.57 -16.99 34.66
CA GLU A 457 21.36 -15.88 35.56
C GLU A 457 22.07 -14.61 35.12
N ASP A 458 23.07 -14.72 34.26
CA ASP A 458 23.77 -13.54 33.75
C ASP A 458 22.82 -12.64 32.97
N ILE A 459 21.98 -13.23 32.12
CA ILE A 459 21.02 -12.44 31.36
C ILE A 459 19.95 -11.86 32.26
N GLY A 460 19.44 -12.65 33.20
CA GLY A 460 18.42 -12.15 34.12
C GLY A 460 18.92 -11.04 35.02
N ASP A 461 20.17 -11.15 35.48
CA ASP A 461 20.79 -10.08 36.23
C ASP A 461 21.08 -8.87 35.33
N PHE A 462 21.40 -9.13 34.06
CA PHE A 462 21.67 -8.04 33.12
C PHE A 462 20.41 -7.23 32.83
N LEU A 463 19.28 -7.90 32.63
CA LEU A 463 18.03 -7.18 32.38
C LEU A 463 17.29 -6.85 33.68
N THR A 464 18.02 -6.49 34.73
CA THR A 464 17.44 -5.74 35.83
C THR A 464 18.41 -4.63 36.23
N PHE A 465 19.71 -4.93 36.15
CA PHE A 465 20.78 -4.00 36.47
C PHE A 465 21.71 -3.90 35.27
N ASN A 466 21.75 -2.73 34.65
CA ASN A 466 22.76 -2.45 33.63
C ASN A 466 22.93 -0.94 33.50
N ASN A 467 24.12 -0.55 33.08
CA ASN A 467 24.49 0.87 32.98
C ASN A 467 24.18 1.46 31.62
N LEU A 468 23.38 0.77 30.80
CA LEU A 468 23.15 1.19 29.42
C LEU A 468 22.48 2.55 29.36
N LEU A 469 21.56 2.84 30.28
CA LEU A 469 20.83 4.10 30.26
C LEU A 469 21.53 5.20 31.06
N THR A 470 22.58 4.88 31.81
CA THR A 470 23.37 5.91 32.47
C THR A 470 24.11 6.74 31.43
N ASP A 471 24.19 8.05 31.66
CA ASP A 471 24.93 8.91 30.74
C ASP A 471 26.42 8.63 30.84
N SER A 472 27.10 8.75 29.70
CA SER A 472 28.51 8.42 29.60
C SER A 472 29.42 9.59 29.91
N ARG A 473 28.84 10.77 30.16
CA ARG A 473 29.60 12.01 30.35
C ARG A 473 30.55 12.24 29.16
N TYR A 474 29.96 12.18 27.96
CA TYR A 474 30.67 12.28 26.68
C TYR A 474 30.01 13.30 25.78
N GLY A 475 29.54 14.41 26.37
CA GLY A 475 28.78 15.39 25.60
C GLY A 475 29.59 16.07 24.52
N ASP A 476 30.83 16.45 24.82
CA ASP A 476 31.69 17.11 23.84
C ASP A 476 32.72 16.11 23.33
N GLU A 477 32.45 15.57 22.13
CA GLU A 477 33.35 14.66 21.43
C GLU A 477 33.15 14.88 19.95
N SER A 478 34.12 14.40 19.15
CA SER A 478 34.16 14.75 17.74
C SER A 478 32.93 14.27 16.99
N ILE A 479 32.50 13.02 17.21
CA ILE A 479 31.29 12.52 16.57
C ILE A 479 30.06 13.27 17.08
N GLN A 480 30.01 13.52 18.40
CA GLN A 480 28.91 14.28 18.99
C GLN A 480 28.89 15.72 18.51
N ARG A 481 30.05 16.35 18.34
CA ARG A 481 30.07 17.72 17.87
C ARG A 481 29.67 17.82 16.41
N ALA A 482 30.13 16.88 15.58
CA ALA A 482 29.72 16.88 14.18
C ALA A 482 28.22 16.67 14.03
N VAL A 483 27.68 15.67 14.74
CA VAL A 483 26.24 15.40 14.63
C VAL A 483 25.43 16.56 15.21
N SER A 484 25.92 17.20 16.28
CA SER A 484 25.21 18.33 16.86
C SER A 484 25.21 19.53 15.93
N ILE A 485 26.35 19.80 15.27
CA ILE A 485 26.41 20.91 14.34
C ILE A 485 25.47 20.69 13.17
N LEU A 486 25.43 19.45 12.65
CA LEU A 486 24.48 19.15 11.58
C LEU A 486 23.04 19.28 12.07
N LEU A 487 22.76 18.87 13.30
CA LEU A 487 21.42 19.01 13.87
C LEU A 487 21.01 20.48 13.98
N GLU A 488 21.93 21.33 14.43
CA GLU A 488 21.61 22.76 14.55
C GLU A 488 21.41 23.40 13.19
N LYS A 489 22.23 23.02 12.21
CA LYS A 489 22.05 23.53 10.86
C LYS A 489 20.71 23.11 10.28
N ALA A 490 20.27 21.87 10.58
CA ALA A 490 18.92 21.45 10.21
C ALA A 490 17.86 22.26 10.97
N SER A 491 18.08 22.47 12.27
CA SER A 491 17.11 23.14 13.11
C SER A 491 17.01 24.64 12.83
N ALA A 492 17.93 25.17 12.02
CA ALA A 492 17.93 26.61 11.71
C ALA A 492 16.60 27.09 11.15
N MET A 493 15.88 26.23 10.43
CA MET A 493 14.55 26.61 9.95
C MET A 493 13.60 26.90 11.10
N GLN A 494 13.62 26.07 12.15
CA GLN A 494 12.65 26.16 13.25
C GLN A 494 13.44 26.44 14.53
N ASP A 495 13.41 27.70 14.96
CA ASP A 495 14.19 28.12 16.11
C ASP A 495 13.41 28.07 17.41
N THR A 496 12.18 27.56 17.39
CA THR A 496 11.33 27.48 18.57
C THR A 496 12.01 26.71 19.69
N GLU A 497 11.63 27.01 20.93
CA GLU A 497 12.17 26.29 22.07
C GLU A 497 11.68 24.84 22.10
N LEU A 498 10.57 24.56 21.43
CA LEU A 498 10.11 23.19 21.34
C LEU A 498 11.14 22.35 20.60
N THR A 499 11.66 22.89 19.49
CA THR A 499 12.69 22.20 18.72
C THR A 499 13.96 22.05 19.52
N HIS A 500 14.33 23.09 20.28
CA HIS A 500 15.54 23.01 21.08
C HIS A 500 15.40 21.99 22.21
N ALA A 501 14.22 21.92 22.84
CA ALA A 501 14.02 20.94 23.89
C ALA A 501 14.06 19.51 23.36
N LEU A 502 13.45 19.27 22.19
CA LEU A 502 13.52 17.95 21.59
C LEU A 502 14.94 17.62 21.14
N ASN A 503 15.68 18.61 20.64
CA ASN A 503 17.06 18.38 20.26
C ASN A 503 17.95 18.10 21.46
N ASP A 504 17.69 18.77 22.59
CA ASP A 504 18.44 18.49 23.81
C ASP A 504 18.09 17.12 24.38
N SER A 505 16.82 16.72 24.24
CA SER A 505 16.44 15.35 24.58
C SER A 505 17.18 14.34 23.71
N PHE A 506 17.29 14.63 22.41
CA PHE A 506 18.04 13.75 21.51
C PHE A 506 19.52 13.72 21.87
N LYS A 507 20.10 14.86 22.24
CA LYS A 507 21.50 14.89 22.66
C LYS A 507 21.71 14.08 23.94
N ARG A 508 20.78 14.18 24.88
CA ARG A 508 20.88 13.41 26.12
C ARG A 508 20.74 11.91 25.86
N ASN A 509 19.86 11.52 24.93
CA ASN A 509 19.79 10.13 24.53
C ASN A 509 21.08 9.70 23.82
N LEU A 510 21.67 10.62 23.05
CA LEU A 510 22.87 10.34 22.28
C LEU A 510 24.11 10.22 23.16
N SER A 511 24.08 10.82 24.35
CA SER A 511 25.22 10.79 25.26
C SER A 511 25.20 9.58 26.19
N SER A 512 24.23 8.68 26.03
CA SER A 512 24.08 7.54 26.92
C SER A 512 25.21 6.52 26.74
N ASN A 513 25.45 5.73 27.79
CA ASN A 513 26.45 4.67 27.79
C ASN A 513 26.31 3.68 26.65
N VAL A 514 25.09 3.39 26.21
CA VAL A 514 24.90 2.32 25.24
C VAL A 514 25.04 2.85 23.82
N VAL A 515 24.56 4.06 23.56
CA VAL A 515 24.71 4.63 22.23
C VAL A 515 26.14 5.06 21.95
N GLN A 516 26.92 5.43 22.97
CA GLN A 516 28.33 5.73 22.73
C GLN A 516 29.13 4.46 22.47
N TRP A 517 28.62 3.30 22.91
CA TRP A 517 29.18 2.01 22.52
C TRP A 517 28.72 1.59 21.13
N SER A 518 27.47 1.87 20.79
CA SER A 518 26.95 1.51 19.48
C SER A 518 27.49 2.41 18.39
N LEU A 519 27.94 3.63 18.72
CA LEU A 519 28.58 4.46 17.72
C LEU A 519 29.88 3.85 17.24
N TRP A 520 30.72 3.37 18.15
CA TRP A 520 31.95 2.73 17.69
C TRP A 520 31.71 1.34 17.13
N VAL A 521 30.67 0.65 17.60
CA VAL A 521 30.33 -0.63 16.96
C VAL A 521 29.84 -0.41 15.52
N SER A 522 29.05 0.63 15.28
CA SER A 522 28.63 0.95 13.92
C SER A 522 29.82 1.37 13.06
N CYS A 523 30.73 2.16 13.63
CA CYS A 523 31.95 2.51 12.89
C CYS A 523 32.77 1.27 12.54
N LEU A 524 32.88 0.33 13.49
CA LEU A 524 33.60 -0.92 13.24
C LEU A 524 32.93 -1.73 12.14
N ALA A 525 31.60 -1.81 12.16
CA ALA A 525 30.89 -2.56 11.13
C ALA A 525 30.99 -1.89 9.77
N GLN A 526 30.98 -0.55 9.75
CA GLN A 526 31.16 0.19 8.51
C GLN A 526 32.54 -0.04 7.91
N GLU A 527 33.57 -0.08 8.75
CA GLU A 527 34.92 -0.41 8.26
C GLU A 527 34.98 -1.84 7.77
N LEU A 528 34.28 -2.76 8.45
CA LEU A 528 34.34 -4.17 8.08
C LEU A 528 33.63 -4.43 6.75
N ALA A 529 32.53 -3.73 6.48
CA ALA A 529 31.76 -3.95 5.26
C ALA A 529 32.60 -3.62 4.01
N SER A 530 33.32 -2.50 4.04
CA SER A 530 34.20 -2.16 2.94
C SER A 530 35.35 -3.16 2.83
N ALA A 531 35.89 -3.60 3.97
CA ALA A 531 36.98 -4.55 3.97
C ALA A 531 36.56 -5.91 3.41
N LEU A 532 35.25 -6.21 3.46
CA LEU A 532 34.76 -7.53 3.06
C LEU A 532 35.05 -7.83 1.60
N LYS A 533 34.80 -6.87 0.71
CA LYS A 533 35.03 -7.10 -0.71
C LYS A 533 36.52 -7.27 -1.03
N GLN A 534 37.38 -6.68 -0.22
CA GLN A 534 38.81 -6.83 -0.41
C GLN A 534 39.23 -8.28 -0.14
N HIS A 535 40.30 -8.72 -0.80
CA HIS A 535 40.81 -10.06 -0.65
C HIS A 535 42.29 -10.01 -0.26
N CYS A 536 42.72 -11.05 0.45
CA CYS A 536 44.09 -11.14 0.94
C CYS A 536 44.71 -12.46 0.53
N ARG A 537 46.04 -12.46 0.46
CA ARG A 537 46.81 -13.67 0.19
C ARG A 537 46.84 -14.55 1.43
N ALA A 538 47.31 -15.78 1.23
CA ALA A 538 47.41 -16.72 2.35
C ALA A 538 48.38 -16.20 3.40
N GLY A 539 47.90 -16.12 4.64
CA GLY A 539 48.69 -15.59 5.74
C GLY A 539 48.65 -14.09 5.89
N GLU A 540 48.01 -13.37 4.98
CA GLU A 540 47.95 -11.92 5.07
C GLU A 540 46.87 -11.48 6.04
N PHE A 541 47.10 -10.33 6.67
CA PHE A 541 46.14 -9.71 7.56
C PHE A 541 46.13 -8.20 7.31
N ILE A 542 44.99 -7.58 7.59
CA ILE A 542 44.82 -6.13 7.41
C ILE A 542 44.58 -5.51 8.78
N ILE A 543 45.33 -4.45 9.08
CA ILE A 543 45.20 -3.72 10.33
C ILE A 543 44.53 -2.39 10.04
N LYS A 544 43.48 -2.08 10.79
CA LYS A 544 42.74 -0.83 10.64
C LYS A 544 42.53 -0.22 12.02
N LYS A 545 42.42 1.10 12.06
CA LYS A 545 42.11 1.82 13.29
C LYS A 545 40.76 2.51 13.11
N LEU A 546 39.88 2.37 14.09
CA LEU A 546 38.61 3.08 14.05
C LEU A 546 38.86 4.57 14.16
N LYS A 547 37.98 5.35 13.51
CA LYS A 547 38.28 6.74 13.19
C LYS A 547 38.40 7.61 14.45
N PHE A 548 37.41 7.52 15.35
CA PHE A 548 37.36 8.42 16.49
C PHE A 548 37.79 7.76 17.78
N TRP A 549 38.06 6.46 17.78
CA TRP A 549 38.33 5.74 19.00
C TRP A 549 39.68 5.04 18.90
N PRO A 550 40.41 4.94 20.00
CA PRO A 550 41.70 4.24 19.97
C PRO A 550 41.53 2.73 20.00
N ILE A 551 40.92 2.21 18.93
CA ILE A 551 40.62 0.79 18.78
C ILE A 551 41.26 0.31 17.48
N TYR A 552 42.05 -0.75 17.58
CA TYR A 552 42.76 -1.32 16.43
C TYR A 552 42.15 -2.69 16.14
N VAL A 553 41.87 -2.95 14.86
CA VAL A 553 41.24 -4.19 14.44
C VAL A 553 42.13 -4.88 13.41
N ILE A 554 42.37 -6.18 13.61
CA ILE A 554 43.09 -7.02 12.65
C ILE A 554 42.05 -7.82 11.88
N ILE A 555 42.11 -7.72 10.55
CA ILE A 555 41.05 -8.24 9.67
C ILE A 555 41.64 -9.29 8.75
N LYS A 556 41.02 -10.47 8.73
CA LYS A 556 41.34 -11.50 7.76
C LYS A 556 40.21 -11.62 6.76
N PRO A 557 40.38 -11.16 5.52
CA PRO A 557 39.27 -11.25 4.55
C PRO A 557 39.30 -12.51 3.71
N THR A 558 38.20 -13.26 3.73
CA THR A 558 37.99 -14.42 2.86
C THR A 558 37.23 -13.96 1.63
N LYS A 559 36.68 -14.90 0.85
CA LYS A 559 35.77 -14.55 -0.23
C LYS A 559 34.59 -13.78 0.34
N SER A 560 34.06 -12.83 -0.45
CA SER A 560 33.06 -11.89 0.05
C SER A 560 31.82 -12.61 0.56
N SER A 561 31.41 -13.68 -0.12
CA SER A 561 30.31 -14.51 0.38
C SER A 561 30.65 -15.12 1.73
N SER A 562 31.91 -15.54 1.90
CA SER A 562 32.32 -16.17 3.15
C SER A 562 32.44 -15.16 4.28
N HIS A 563 32.58 -15.69 5.49
CA HIS A 563 32.71 -14.86 6.68
C HIS A 563 34.02 -14.07 6.67
N ILE A 564 33.97 -12.88 7.26
CA ILE A 564 35.17 -12.05 7.47
C ILE A 564 35.46 -12.02 8.96
N PHE A 565 36.74 -12.10 9.32
CA PHE A 565 37.17 -12.31 10.69
C PHE A 565 37.88 -11.08 11.22
N TYR A 566 37.55 -10.69 12.46
CA TYR A 566 38.10 -9.50 13.10
C TYR A 566 38.58 -9.81 14.51
N SER A 567 39.72 -9.25 14.88
CA SER A 567 40.19 -9.24 16.27
C SER A 567 40.45 -7.81 16.71
N LEU A 568 39.98 -7.45 17.91
CA LEU A 568 40.03 -6.09 18.41
C LEU A 568 41.09 -5.96 19.49
N GLY A 569 41.92 -4.93 19.38
CA GLY A 569 42.92 -4.64 20.39
C GLY A 569 42.86 -3.20 20.87
N ILE A 570 42.99 -2.98 22.18
CA ILE A 570 42.93 -1.65 22.77
C ILE A 570 44.11 -1.46 23.71
N ARG A 571 44.46 -0.18 23.94
CA ARG A 571 45.61 0.15 24.77
C ARG A 571 45.43 -0.31 26.21
N LYS A 572 44.18 -0.31 26.69
CA LYS A 572 43.71 -0.72 28.02
C LYS A 572 44.05 0.32 29.09
N ALA A 573 44.81 1.36 28.76
CA ALA A 573 44.83 2.55 29.58
C ALA A 573 43.82 3.58 29.09
N ASP A 574 43.23 3.34 27.93
CA ASP A 574 42.22 4.19 27.33
C ASP A 574 40.80 3.67 27.54
N VAL A 575 40.63 2.56 28.25
CA VAL A 575 39.29 1.99 28.48
C VAL A 575 38.74 2.72 29.71
N THR A 576 38.14 3.88 29.45
CA THR A 576 37.63 4.73 30.52
C THR A 576 36.45 4.08 31.23
N ARG A 577 35.51 3.52 30.46
CA ARG A 577 34.32 2.90 31.03
C ARG A 577 34.05 1.56 30.36
N ARG A 578 33.36 0.69 31.09
CA ARG A 578 32.97 -0.63 30.61
C ARG A 578 31.50 -0.83 30.86
N LEU A 579 30.78 -1.31 29.84
CA LEU A 579 29.40 -1.75 30.05
C LEU A 579 29.39 -2.92 31.01
N THR A 580 28.43 -2.92 31.93
CA THR A 580 28.38 -3.91 32.98
C THR A 580 27.59 -5.14 32.55
N GLY A 581 27.81 -6.24 33.25
CA GLY A 581 27.16 -7.50 32.96
C GLY A 581 28.13 -8.53 32.40
N ARG A 582 27.76 -9.80 32.58
CA ARG A 582 28.55 -10.91 32.10
C ARG A 582 28.14 -11.40 30.72
N VAL A 583 27.16 -10.74 30.09
CA VAL A 583 26.69 -11.17 28.78
C VAL A 583 27.78 -11.00 27.73
N PHE A 584 28.62 -9.98 27.87
CA PHE A 584 29.71 -9.76 26.93
C PHE A 584 30.78 -10.85 27.10
N SER A 585 31.30 -11.32 25.98
CA SER A 585 32.27 -12.41 26.00
C SER A 585 33.59 -11.95 26.60
N ASP A 586 34.35 -12.92 27.10
CA ASP A 586 35.59 -12.61 27.82
C ASP A 586 36.69 -12.17 26.85
N THR A 587 37.65 -11.42 27.38
CA THR A 587 38.73 -10.84 26.59
C THR A 587 40.07 -11.36 27.07
N ILE A 588 40.92 -11.76 26.12
CA ILE A 588 42.31 -12.09 26.44
C ILE A 588 43.03 -10.84 26.91
N ASP A 589 43.93 -10.99 27.86
CA ASP A 589 44.74 -9.88 28.34
C ASP A 589 46.18 -10.10 27.96
N ALA A 590 46.77 -9.11 27.27
CA ALA A 590 48.16 -9.18 26.85
C ALA A 590 49.11 -8.50 27.82
N GLY A 591 48.64 -8.14 29.01
CA GLY A 591 49.44 -7.32 29.91
C GLY A 591 49.09 -5.87 29.78
N GLU A 592 49.85 -5.12 28.98
CA GLU A 592 49.50 -3.73 28.70
C GLU A 592 48.19 -3.64 27.94
N TRP A 593 47.98 -4.53 26.96
CA TRP A 593 46.88 -4.42 26.01
C TRP A 593 45.79 -5.44 26.29
N GLU A 594 44.58 -5.13 25.84
CA GLU A 594 43.46 -6.07 25.85
C GLU A 594 43.16 -6.48 24.42
N LEU A 595 43.06 -7.79 24.20
CA LEU A 595 42.84 -8.36 22.88
C LEU A 595 41.69 -9.35 22.95
N THR A 596 41.05 -9.56 21.81
CA THR A 596 39.93 -10.49 21.71
C THR A 596 40.23 -11.50 20.62
N GLU A 597 39.77 -12.73 20.82
CA GLU A 597 39.96 -13.79 19.85
C GLU A 597 39.16 -13.50 18.60
N PHE A 598 39.63 -14.03 17.47
CA PHE A 598 39.00 -13.76 16.18
C PHE A 598 37.56 -14.23 16.16
N LYS A 599 36.67 -13.39 15.64
CA LYS A 599 35.25 -13.67 15.58
C LYS A 599 34.79 -13.48 14.14
N SER A 600 33.65 -14.09 13.81
CA SER A 600 33.22 -14.16 12.43
C SER A 600 31.88 -13.47 12.23
N LEU A 601 31.79 -12.71 11.15
CA LEU A 601 30.54 -12.15 10.66
C LEU A 601 30.48 -12.27 9.15
N LYS A 602 29.28 -12.41 8.62
CA LYS A 602 29.04 -12.39 7.19
C LYS A 602 28.18 -11.18 6.85
N THR A 603 27.78 -11.10 5.57
CA THR A 603 27.14 -9.88 5.06
C THR A 603 25.77 -9.64 5.71
N CYS A 604 24.97 -10.69 5.89
CA CYS A 604 23.62 -10.52 6.42
C CYS A 604 23.63 -10.01 7.85
N LYS A 605 24.54 -10.54 8.69
CA LYS A 605 24.60 -10.12 10.08
C LYS A 605 25.07 -8.68 10.23
N LEU A 606 25.76 -8.15 9.23
CA LEU A 606 26.32 -6.80 9.31
C LEU A 606 25.25 -5.72 9.38
N THR A 607 24.06 -6.00 8.83
CA THR A 607 23.01 -4.99 8.76
C THR A 607 22.57 -4.52 10.14
N ASN A 608 22.44 -5.45 11.08
CA ASN A 608 22.07 -5.05 12.44
C ASN A 608 23.19 -4.24 13.10
N LEU A 609 24.44 -4.56 12.79
CA LEU A 609 25.56 -3.89 13.46
C LEU A 609 25.69 -2.43 13.01
N VAL A 610 25.52 -2.15 11.71
CA VAL A 610 25.64 -0.77 11.23
C VAL A 610 24.50 0.09 11.77
N ASN A 611 23.31 -0.48 11.90
CA ASN A 611 22.12 0.27 12.29
C ASN A 611 21.87 0.24 13.79
N LEU A 612 22.83 -0.25 14.58
CA LEU A 612 22.64 -0.35 16.03
C LEU A 612 22.40 0.98 16.74
N PRO A 613 23.16 2.08 16.50
CA PRO A 613 22.89 3.31 17.27
C PRO A 613 21.51 3.90 17.03
N CYS A 614 21.04 3.92 15.78
CA CYS A 614 19.70 4.39 15.49
C CYS A 614 18.66 3.51 16.15
N THR A 615 18.88 2.19 16.10
CA THR A 615 17.97 1.25 16.75
C THR A 615 17.86 1.52 18.24
N MET A 616 19.01 1.74 18.90
CA MET A 616 18.99 1.96 20.35
C MET A 616 18.38 3.31 20.71
N LEU A 617 18.64 4.34 19.91
CA LEU A 617 18.02 5.64 20.16
C LEU A 617 16.51 5.55 20.01
N ASN A 618 16.04 4.88 18.95
CA ASN A 618 14.61 4.70 18.77
C ASN A 618 13.99 3.86 19.88
N SER A 619 14.75 2.92 20.44
CA SER A 619 14.23 2.10 21.53
C SER A 619 14.14 2.86 22.85
N ILE A 620 15.18 3.62 23.21
CA ILE A 620 15.10 4.37 24.45
C ILE A 620 14.04 5.46 24.36
N ALA A 621 13.94 6.13 23.20
CA ALA A 621 12.89 7.14 23.02
C ALA A 621 11.50 6.50 23.07
N PHE A 622 11.32 5.37 22.38
CA PHE A 622 10.02 4.70 22.35
C PHE A 622 9.57 4.28 23.74
N TRP A 623 10.46 3.66 24.51
CA TRP A 623 10.06 3.18 25.83
C TRP A 623 9.88 4.34 26.82
N ARG A 624 10.69 5.40 26.70
CA ARG A 624 10.50 6.58 27.54
C ARG A 624 9.14 7.23 27.29
N GLU A 625 8.74 7.33 26.01
CA GLU A 625 7.41 7.84 25.71
C GLU A 625 6.34 6.87 26.19
N LYS A 626 6.59 5.57 26.09
CA LYS A 626 5.62 4.57 26.54
C LYS A 626 5.36 4.65 28.04
N LEU A 627 6.39 4.93 28.84
CA LEU A 627 6.23 4.94 30.29
C LEU A 627 5.88 6.32 30.84
N GLY A 628 5.22 7.14 30.03
CA GLY A 628 4.74 8.43 30.48
C GLY A 628 5.80 9.47 30.72
N VAL A 629 7.08 9.16 30.45
CA VAL A 629 8.17 10.10 30.68
C VAL A 629 8.32 10.98 29.44
N ALA A 630 8.13 12.28 29.63
CA ALA A 630 8.25 13.21 28.52
C ALA A 630 9.72 13.44 28.16
N PRO A 631 10.00 13.83 26.91
CA PRO A 631 11.39 14.12 26.54
C PRO A 631 12.02 15.25 27.33
N TRP A 632 11.28 16.31 27.65
CA TRP A 632 11.90 17.48 28.27
C TRP A 632 12.35 17.20 29.70
N LEU A 633 11.55 16.47 30.48
CA LEU A 633 11.98 16.13 31.82
C LEU A 633 13.07 15.06 31.77
N VAL A 634 14.07 15.21 32.63
CA VAL A 634 15.18 14.26 32.75
C VAL A 634 15.09 13.61 34.12
N ARG A 635 15.05 12.28 34.15
CA ARG A 635 14.82 11.54 35.37
C ARG A 635 15.73 10.33 35.41
N LYS A 636 15.89 9.78 36.61
CA LYS A 636 16.56 8.49 36.73
C LYS A 636 15.70 7.42 36.05
N PRO A 637 16.31 6.53 35.27
CA PRO A 637 15.53 5.48 34.61
C PRO A 637 14.93 4.53 35.63
N CYS A 638 13.77 3.99 35.28
CA CYS A 638 13.11 2.99 36.12
C CYS A 638 13.67 1.61 35.77
N SER A 639 13.10 0.56 36.38
CA SER A 639 13.56 -0.79 36.06
C SER A 639 13.12 -1.21 34.67
N GLU A 640 11.89 -0.86 34.28
CA GLU A 640 11.31 -1.40 33.06
C GLU A 640 12.05 -0.91 31.82
N LEU A 641 12.50 0.35 31.83
CA LEU A 641 13.26 0.87 30.69
C LEU A 641 14.54 0.08 30.49
N ARG A 642 15.23 -0.25 31.58
CA ARG A 642 16.43 -1.07 31.46
C ARG A 642 16.12 -2.45 30.89
N GLU A 643 15.01 -3.06 31.34
CA GLU A 643 14.58 -4.38 30.86
C GLU A 643 14.38 -4.39 29.34
N GLN A 644 13.45 -3.56 28.87
CA GLN A 644 13.15 -3.47 27.44
C GLN A 644 14.37 -3.07 26.60
N VAL A 645 15.13 -2.06 27.05
CA VAL A 645 16.25 -1.58 26.26
C VAL A 645 17.36 -2.63 26.21
N GLY A 646 17.67 -3.27 27.34
CA GLY A 646 18.67 -4.33 27.33
C GLY A 646 18.23 -5.54 26.51
N LEU A 647 16.94 -5.89 26.56
CA LEU A 647 16.45 -6.99 25.75
C LEU A 647 16.59 -6.68 24.26
N THR A 648 16.22 -5.46 23.86
CA THR A 648 16.40 -5.05 22.47
C THR A 648 17.87 -5.08 22.08
N PHE A 649 18.74 -4.60 22.96
CA PHE A 649 20.18 -4.65 22.72
C PHE A 649 20.67 -6.08 22.51
N LEU A 650 20.27 -6.99 23.40
CA LEU A 650 20.75 -8.37 23.32
C LEU A 650 20.24 -9.07 22.08
N ILE A 651 18.93 -8.99 21.81
CA ILE A 651 18.38 -9.70 20.66
C ILE A 651 18.87 -9.09 19.36
N SER A 652 19.11 -7.77 19.33
CA SER A 652 19.65 -7.15 18.13
C SER A 652 21.08 -7.61 17.85
N LEU A 653 21.92 -7.68 18.89
CA LEU A 653 23.31 -8.05 18.66
C LEU A 653 23.45 -9.51 18.22
N GLU A 654 22.72 -10.43 18.88
CA GLU A 654 22.92 -11.85 18.59
C GLU A 654 22.49 -12.20 17.17
N ASP A 655 21.37 -11.64 16.71
CA ASP A 655 20.86 -11.80 15.34
C ASP A 655 20.82 -13.27 14.90
N LYS A 656 20.04 -14.06 15.64
CA LYS A 656 19.84 -15.48 15.34
C LYS A 656 18.38 -15.74 15.07
N SER A 657 18.10 -16.64 14.11
CA SER A 657 16.75 -16.84 13.61
C SER A 657 15.83 -17.54 14.60
N LYS A 658 16.37 -18.31 15.54
CA LYS A 658 15.53 -19.00 16.51
C LYS A 658 15.01 -18.07 17.59
N THR A 659 15.75 -17.01 17.90
CA THR A 659 15.47 -16.19 19.07
C THR A 659 14.15 -15.42 18.92
N GLU A 660 13.91 -14.82 17.75
CA GLU A 660 12.72 -13.99 17.58
C GLU A 660 11.44 -14.79 17.44
N GLU A 661 11.53 -16.11 17.29
CA GLU A 661 10.32 -16.93 17.25
C GLU A 661 9.59 -16.90 18.60
N ILE A 662 10.36 -16.87 19.69
CA ILE A 662 9.77 -16.97 21.02
C ILE A 662 8.86 -15.78 21.31
N ILE A 663 9.32 -14.57 21.02
CA ILE A 663 8.53 -13.37 21.33
C ILE A 663 7.28 -13.32 20.44
N THR A 664 7.45 -13.58 19.15
CA THR A 664 6.32 -13.64 18.23
C THR A 664 5.29 -14.68 18.68
N LEU A 665 5.75 -15.77 19.29
CA LEU A 665 4.80 -16.75 19.82
C LEU A 665 4.23 -16.30 21.17
N THR A 666 4.98 -15.54 21.97
CA THR A 666 4.41 -14.95 23.18
C THR A 666 3.27 -14.01 22.87
N ARG A 667 3.26 -13.45 21.66
CA ARG A 667 2.10 -12.68 21.21
C ARG A 667 0.84 -13.55 21.31
N TYR A 668 0.80 -14.62 20.54
CA TYR A 668 -0.27 -15.61 20.58
C TYR A 668 -0.49 -16.22 21.97
N THR A 669 0.58 -16.32 22.77
CA THR A 669 0.46 -16.92 24.10
C THR A 669 -0.29 -16.00 25.04
N GLN A 670 0.02 -14.71 25.04
CA GLN A 670 -0.67 -13.78 25.93
C GLN A 670 -2.01 -13.32 25.37
N MET A 671 -2.37 -13.75 24.15
CA MET A 671 -3.70 -13.54 23.60
C MET A 671 -4.73 -14.51 24.17
N GLU A 672 -4.31 -15.43 25.03
CA GLU A 672 -5.18 -16.44 25.62
C GLU A 672 -5.87 -15.99 26.89
N GLY A 673 -5.28 -15.03 27.61
CA GLY A 673 -5.92 -14.53 28.81
C GLY A 673 -7.16 -13.70 28.57
N PHE A 674 -7.40 -13.28 27.32
CA PHE A 674 -8.63 -12.57 27.01
C PHE A 674 -9.79 -13.52 26.77
N VAL A 675 -9.53 -14.83 26.64
CA VAL A 675 -10.59 -15.81 26.53
C VAL A 675 -11.41 -15.83 27.82
N SER A 676 -12.72 -15.82 27.68
CA SER A 676 -13.66 -15.69 28.77
C SER A 676 -14.37 -17.02 29.04
N PRO A 677 -15.01 -17.16 30.21
CA PRO A 677 -15.93 -18.30 30.43
C PRO A 677 -16.93 -18.43 29.30
N PRO A 678 -17.36 -19.66 28.98
CA PRO A 678 -17.19 -20.92 29.72
C PRO A 678 -15.89 -21.66 29.44
N MET A 679 -14.97 -21.04 28.70
CA MET A 679 -13.70 -21.67 28.38
C MET A 679 -12.60 -21.10 29.27
N LEU A 680 -11.65 -21.94 29.59
CA LEU A 680 -10.48 -21.56 30.34
C LEU A 680 -9.33 -21.23 29.41
N PRO A 681 -8.41 -20.37 29.82
CA PRO A 681 -7.19 -20.16 29.03
C PRO A 681 -6.43 -21.47 28.87
N LYS A 682 -6.10 -21.79 27.61
CA LYS A 682 -5.39 -23.03 27.27
C LYS A 682 -4.17 -22.68 26.43
N PRO A 683 -3.16 -22.06 27.05
CA PRO A 683 -2.01 -21.60 26.28
C PRO A 683 -1.10 -22.73 25.84
N GLN A 684 -1.22 -23.90 26.45
CA GLN A 684 -0.24 -24.98 26.24
C GLN A 684 -0.20 -25.45 24.80
N LYS A 685 -1.24 -25.15 24.02
CA LYS A 685 -1.31 -25.36 22.58
C LYS A 685 -0.01 -24.99 21.85
N MET A 686 0.59 -23.85 22.22
CA MET A 686 1.76 -23.32 21.52
C MET A 686 3.00 -24.18 21.65
N LEU A 687 2.98 -25.20 22.51
CA LEU A 687 4.16 -26.04 22.71
C LEU A 687 4.52 -26.88 21.50
N GLY A 688 3.63 -27.01 20.51
CA GLY A 688 3.96 -27.73 19.30
C GLY A 688 4.93 -27.02 18.39
N LYS A 689 5.18 -25.73 18.63
CA LYS A 689 6.18 -24.97 17.89
C LYS A 689 7.40 -24.61 18.72
N LEU A 690 7.33 -24.70 20.04
CA LEU A 690 8.47 -24.40 20.90
C LEU A 690 9.50 -25.52 20.92
N ASP A 691 9.18 -26.70 20.41
CA ASP A 691 10.10 -27.83 20.40
C ASP A 691 11.08 -27.65 19.25
N GLY A 692 12.18 -26.96 19.53
CA GLY A 692 13.20 -26.70 18.55
C GLY A 692 14.56 -26.64 19.20
N PRO A 693 15.61 -27.01 18.47
CA PRO A 693 16.96 -27.01 19.05
C PRO A 693 17.40 -25.64 19.55
N LEU A 694 17.90 -25.60 20.77
CA LEU A 694 18.38 -24.38 21.41
C LEU A 694 19.90 -24.40 21.41
N ARG A 695 20.52 -23.48 20.67
CA ARG A 695 21.96 -23.48 20.50
C ARG A 695 22.63 -22.26 21.12
N THR A 696 21.90 -21.49 21.93
CA THR A 696 22.48 -20.32 22.59
C THR A 696 21.84 -20.18 23.98
N LYS A 697 22.31 -19.18 24.73
CA LYS A 697 21.76 -18.95 26.07
C LYS A 697 20.54 -18.06 26.06
N LEU A 698 20.51 -17.05 25.18
CA LEU A 698 19.37 -16.14 25.11
C LEU A 698 18.10 -16.88 24.70
N GLN A 699 18.23 -17.91 23.86
CA GLN A 699 17.09 -18.74 23.50
C GLN A 699 16.57 -19.53 24.70
N VAL A 700 17.47 -20.03 25.54
CA VAL A 700 17.05 -20.75 26.75
C VAL A 700 16.35 -19.80 27.71
N TYR A 701 16.90 -18.60 27.90
CA TYR A 701 16.28 -17.63 28.79
C TYR A 701 14.90 -17.22 28.28
N LEU A 702 14.76 -17.02 26.97
CA LEU A 702 13.46 -16.68 26.41
C LEU A 702 12.48 -17.83 26.57
N LEU A 703 12.93 -19.06 26.39
CA LEU A 703 12.09 -20.23 26.60
C LEU A 703 11.60 -20.31 28.05
N ARG A 704 12.49 -20.04 29.00
CA ARG A 704 12.12 -20.11 30.42
C ARG A 704 11.10 -19.03 30.78
N LYS A 705 11.37 -17.77 30.38
CA LYS A 705 10.41 -16.70 30.65
C LYS A 705 9.07 -16.96 29.97
N HIS A 706 9.12 -17.48 28.73
CA HIS A 706 7.90 -17.80 28.00
C HIS A 706 7.08 -18.87 28.71
N LEU A 707 7.74 -19.89 29.25
CA LEU A 707 7.00 -20.92 29.96
C LEU A 707 6.48 -20.43 31.31
N ASP A 708 7.21 -19.54 31.99
CA ASP A 708 6.69 -18.96 33.23
C ASP A 708 5.45 -18.10 32.96
N CYS A 709 5.49 -17.30 31.89
CA CYS A 709 4.32 -16.54 31.47
C CYS A 709 3.17 -17.46 31.08
N MET A 710 3.49 -18.55 30.38
CA MET A 710 2.51 -19.58 30.05
C MET A 710 1.80 -20.12 31.28
N VAL A 711 2.58 -20.50 32.31
CA VAL A 711 1.99 -21.02 33.55
C VAL A 711 1.15 -19.96 34.24
N ARG A 712 1.64 -18.73 34.28
CA ARG A 712 0.90 -17.66 34.95
C ARG A 712 -0.43 -17.37 34.27
N ILE A 713 -0.43 -17.33 32.93
CA ILE A 713 -1.67 -17.02 32.22
C ILE A 713 -2.59 -18.23 32.14
N ALA A 714 -2.05 -19.44 32.25
CA ALA A 714 -2.91 -20.62 32.39
C ALA A 714 -3.60 -20.64 33.74
N SER A 715 -2.89 -20.23 34.80
CA SER A 715 -3.49 -20.24 36.13
C SER A 715 -4.52 -19.14 36.32
N GLN A 716 -4.50 -18.09 35.51
CA GLN A 716 -5.40 -16.97 35.75
C GLN A 716 -5.70 -16.19 34.47
N PRO A 717 -6.97 -16.02 34.11
CA PRO A 717 -7.30 -15.19 32.95
C PRO A 717 -7.08 -13.71 33.26
N PHE A 718 -6.89 -12.93 32.19
CA PHE A 718 -6.82 -11.48 32.34
C PHE A 718 -8.17 -10.95 32.77
N SER A 719 -8.21 -10.34 33.96
CA SER A 719 -9.48 -9.90 34.53
C SER A 719 -10.07 -8.74 33.73
N LEU A 720 -11.38 -8.81 33.51
CA LEU A 720 -12.12 -7.76 32.83
C LEU A 720 -12.82 -6.93 33.89
N ILE A 721 -12.56 -5.62 33.90
CA ILE A 721 -13.09 -4.74 34.93
C ILE A 721 -14.09 -3.78 34.31
N PRO A 722 -15.38 -4.10 34.33
CA PRO A 722 -16.38 -3.17 33.78
C PRO A 722 -16.47 -1.90 34.63
N ARG A 723 -16.79 -0.80 33.95
CA ARG A 723 -16.88 0.52 34.56
C ARG A 723 -18.11 1.21 33.99
N GLU A 724 -18.18 2.53 34.10
CA GLU A 724 -19.37 3.29 33.66
C GLU A 724 -19.42 3.36 32.13
N GLY A 725 -19.62 2.19 31.54
CA GLY A 725 -19.52 1.97 30.12
C GLY A 725 -18.15 1.50 29.67
N ARG A 726 -17.10 2.00 30.29
CA ARG A 726 -15.75 1.62 29.90
C ARG A 726 -15.42 0.22 30.39
N VAL A 727 -14.76 -0.57 29.54
CA VAL A 727 -14.27 -1.89 29.91
C VAL A 727 -12.76 -1.91 29.74
N GLU A 728 -12.06 -2.48 30.71
CA GLU A 728 -10.60 -2.56 30.73
C GLU A 728 -10.17 -3.98 31.07
N TRP A 729 -8.94 -4.31 30.71
CA TRP A 729 -8.34 -5.58 31.11
C TRP A 729 -7.21 -5.31 32.08
N GLY A 730 -7.17 -6.08 33.16
CA GLY A 730 -6.19 -5.88 34.21
C GLY A 730 -5.44 -7.15 34.52
N GLY A 731 -4.21 -6.98 34.97
CA GLY A 731 -3.31 -8.10 35.18
C GLY A 731 -2.36 -8.35 34.04
N THR A 732 -2.41 -7.52 32.99
CA THR A 732 -1.51 -7.68 31.86
C THR A 732 -0.06 -7.45 32.30
N PHE A 733 0.86 -8.18 31.66
CA PHE A 733 2.24 -8.20 32.10
C PHE A 733 3.14 -8.50 30.91
N HIS A 734 4.40 -8.11 31.03
CA HIS A 734 5.39 -8.43 30.00
C HIS A 734 5.62 -9.94 29.97
N ALA A 735 5.75 -10.49 28.76
CA ALA A 735 5.97 -11.93 28.62
C ALA A 735 7.33 -12.34 29.17
N ILE A 736 8.39 -11.59 28.83
CA ILE A 736 9.75 -11.99 29.15
C ILE A 736 10.28 -11.35 30.43
N SER A 737 9.48 -10.53 31.10
CA SER A 737 9.86 -9.96 32.38
C SER A 737 8.64 -9.89 33.29
N GLY A 738 8.88 -9.97 34.60
CA GLY A 738 7.79 -10.15 35.55
C GLY A 738 6.83 -8.98 35.61
N ARG A 739 7.36 -7.75 35.51
CA ARG A 739 6.64 -6.49 35.67
C ARG A 739 5.28 -6.42 34.99
N SER A 740 4.27 -5.97 35.71
CA SER A 740 2.92 -5.80 35.17
C SER A 740 2.77 -4.38 34.66
N THR A 741 2.23 -4.25 33.43
CA THR A 741 2.16 -2.98 32.74
C THR A 741 0.81 -2.86 32.04
N ASN A 742 0.61 -1.73 31.35
CA ASN A 742 -0.60 -1.53 30.58
C ASN A 742 -0.63 -2.44 29.36
N LEU A 743 -1.84 -2.61 28.81
CA LEU A 743 -2.06 -3.52 27.69
C LEU A 743 -1.29 -3.11 26.45
N GLU A 744 -1.19 -1.79 26.20
CA GLU A 744 -0.43 -1.29 25.05
C GLU A 744 1.03 -1.71 25.13
N ASN A 745 1.64 -1.58 26.31
CA ASN A 745 3.05 -1.95 26.47
C ASN A 745 3.26 -3.43 26.21
N MET A 746 2.34 -4.28 26.67
CA MET A 746 2.44 -5.71 26.39
C MET A 746 2.31 -6.02 24.90
N VAL A 747 1.33 -5.40 24.23
CA VAL A 747 1.11 -5.64 22.80
C VAL A 747 2.33 -5.21 22.01
N ASN A 748 2.96 -4.09 22.40
CA ASN A 748 4.17 -3.65 21.72
C ASN A 748 5.41 -4.45 22.13
N SER A 749 5.40 -5.05 23.32
CA SER A 749 6.53 -5.88 23.75
C SER A 749 6.56 -7.20 22.99
N TRP A 750 5.39 -7.66 22.52
CA TRP A 750 5.35 -8.86 21.68
C TRP A 750 6.25 -8.72 20.45
N TYR A 751 6.32 -7.52 19.87
CA TYR A 751 6.91 -7.35 18.55
C TYR A 751 8.42 -7.17 18.59
N ILE A 752 9.01 -7.13 19.79
CA ILE A 752 10.44 -6.90 20.01
C ILE A 752 11.33 -7.70 19.06
N GLY A 753 11.02 -8.99 18.85
CA GLY A 753 11.83 -9.85 18.00
C GLY A 753 11.95 -9.40 16.56
N TYR A 754 11.07 -8.50 16.11
CA TYR A 754 11.16 -7.95 14.76
C TYR A 754 12.43 -7.14 14.54
N TYR A 755 13.13 -6.74 15.62
CA TYR A 755 14.39 -6.04 15.47
C TYR A 755 15.43 -6.88 14.73
N LYS A 756 15.41 -8.20 14.95
CA LYS A 756 16.27 -9.11 14.20
C LYS A 756 16.01 -8.98 12.70
N ASN A 757 17.08 -9.07 11.91
CA ASN A 757 17.04 -8.77 10.49
C ASN A 757 16.10 -9.72 9.76
N LYS A 758 15.19 -9.15 8.96
CA LYS A 758 14.25 -9.96 8.20
C LYS A 758 14.95 -10.77 7.13
N GLU A 759 15.98 -10.21 6.50
CA GLU A 759 16.71 -10.89 5.45
C GLU A 759 18.02 -11.43 6.01
N GLU A 760 18.18 -12.75 5.96
CA GLU A 760 19.42 -13.41 6.36
C GLU A 760 19.80 -14.41 5.28
N SER A 761 21.11 -14.57 5.08
CA SER A 761 21.58 -15.50 4.06
C SER A 761 21.27 -16.93 4.45
N THR A 762 20.82 -17.72 3.48
CA THR A 762 20.47 -19.12 3.70
C THR A 762 21.63 -20.01 3.25
N GLU A 763 22.22 -20.70 4.22
CA GLU A 763 23.34 -21.58 3.94
C GLU A 763 22.87 -22.89 3.31
N LEU A 764 23.82 -23.62 2.73
CA LEU A 764 23.49 -24.85 2.03
C LEU A 764 23.11 -26.00 2.96
N ASN A 765 23.52 -25.94 4.23
CA ASN A 765 23.03 -26.92 5.19
C ASN A 765 21.56 -26.69 5.52
N ALA A 766 21.05 -25.49 5.27
CA ALA A 766 19.63 -25.20 5.37
C ALA A 766 18.95 -25.65 4.07
N LEU A 767 17.71 -25.18 3.88
CA LEU A 767 16.81 -25.47 2.76
C LEU A 767 16.26 -26.90 2.82
N GLY A 768 16.83 -27.73 3.70
CA GLY A 768 16.26 -29.05 3.91
C GLY A 768 14.97 -28.98 4.69
N GLU A 769 14.83 -27.97 5.56
CA GLU A 769 13.57 -27.70 6.23
C GLU A 769 12.51 -27.25 5.24
N MET A 770 12.91 -26.51 4.20
CA MET A 770 11.97 -26.10 3.16
C MET A 770 11.43 -27.30 2.39
N TYR A 771 12.33 -28.19 1.95
CA TYR A 771 11.89 -29.37 1.20
C TYR A 771 11.09 -30.30 2.10
N LYS A 772 11.42 -30.35 3.39
CA LYS A 772 10.63 -31.11 4.35
C LYS A 772 9.22 -30.53 4.48
N LYS A 773 9.09 -29.21 4.52
CA LYS A 773 7.78 -28.59 4.62
C LYS A 773 6.96 -28.83 3.36
N ILE A 774 7.60 -28.77 2.19
CA ILE A 774 6.90 -28.94 0.92
C ILE A 774 6.31 -30.34 0.81
N VAL A 775 7.10 -31.36 1.14
CA VAL A 775 6.69 -32.75 0.89
C VAL A 775 5.98 -33.39 2.07
N GLU A 776 5.80 -32.67 3.18
CA GLU A 776 5.21 -33.27 4.38
C GLU A 776 3.78 -33.72 4.14
N MET A 777 2.99 -32.91 3.44
CA MET A 777 1.62 -33.29 3.09
C MET A 777 1.56 -34.21 1.88
N GLU A 778 2.64 -34.30 1.10
CA GLU A 778 2.63 -35.11 -0.11
C GLU A 778 2.49 -36.60 0.21
N GLU A 779 3.16 -37.08 1.26
CA GLU A 779 3.07 -38.48 1.63
C GLU A 779 1.66 -38.85 2.07
N ASP A 780 0.99 -37.95 2.78
CA ASP A 780 -0.34 -38.21 3.32
C ASP A 780 -1.44 -38.08 2.26
N LYS A 781 -1.08 -37.86 1.00
CA LYS A 781 -2.06 -37.75 -0.06
C LYS A 781 -2.90 -39.03 -0.17
N PRO A 782 -4.22 -38.93 -0.21
CA PRO A 782 -5.04 -40.13 -0.37
C PRO A 782 -4.90 -40.71 -1.77
N SER A 783 -5.11 -42.02 -1.87
CA SER A 783 -5.01 -42.71 -3.14
C SER A 783 -6.34 -42.89 -3.85
N SER A 784 -7.43 -43.03 -3.11
CA SER A 784 -8.76 -43.08 -3.70
C SER A 784 -9.22 -41.68 -4.08
N PRO A 785 -9.47 -41.38 -5.36
CA PRO A 785 -9.94 -40.06 -5.74
C PRO A 785 -11.44 -39.83 -5.56
N GLU A 786 -12.15 -40.76 -4.93
CA GLU A 786 -13.58 -40.60 -4.72
C GLU A 786 -13.90 -39.49 -3.72
N PHE A 787 -12.93 -39.09 -2.90
CA PHE A 787 -13.15 -38.08 -1.87
C PHE A 787 -12.43 -36.78 -2.16
N LEU A 788 -11.87 -36.63 -3.35
CA LEU A 788 -11.20 -35.40 -3.77
C LEU A 788 -12.10 -34.54 -4.67
N GLY A 789 -13.38 -34.49 -4.38
CA GLY A 789 -14.33 -33.74 -5.19
C GLY A 789 -15.40 -34.58 -5.85
N TRP A 790 -15.43 -35.90 -5.64
CA TRP A 790 -16.43 -36.77 -6.23
C TRP A 790 -17.54 -37.12 -5.25
N GLY A 791 -17.20 -37.53 -4.02
CA GLY A 791 -18.17 -37.99 -3.05
C GLY A 791 -18.20 -37.11 -1.81
N ASP A 792 -19.22 -37.36 -0.99
CA ASP A 792 -19.43 -36.64 0.26
C ASP A 792 -18.83 -37.44 1.42
N THR A 793 -18.04 -36.78 2.25
CA THR A 793 -17.27 -37.45 3.29
C THR A 793 -17.62 -36.88 4.66
N ASP A 794 -17.51 -37.74 5.67
CA ASP A 794 -17.52 -37.33 7.07
C ASP A 794 -16.16 -37.63 7.66
N SER A 795 -15.57 -36.63 8.31
CA SER A 795 -14.23 -36.68 8.91
C SER A 795 -13.18 -37.13 7.92
N PRO A 796 -12.82 -36.30 6.94
CA PRO A 796 -11.72 -36.66 6.02
C PRO A 796 -10.37 -36.56 6.72
N LYS A 797 -9.38 -37.24 6.13
CA LYS A 797 -8.13 -37.45 6.85
C LYS A 797 -7.19 -36.24 6.78
N LYS A 798 -6.67 -35.94 5.58
CA LYS A 798 -5.74 -34.82 5.45
C LYS A 798 -5.90 -33.99 4.18
N HIS A 799 -6.60 -34.47 3.16
CA HIS A 799 -6.76 -33.71 1.92
C HIS A 799 -8.17 -33.72 1.36
N GLU A 800 -9.07 -34.54 1.88
CA GLU A 800 -10.36 -34.77 1.27
C GLU A 800 -11.39 -33.78 1.79
N PHE A 801 -12.50 -33.70 1.07
CA PHE A 801 -13.58 -32.78 1.42
C PHE A 801 -14.87 -33.35 0.85
N SER A 802 -15.97 -32.66 1.11
CA SER A 802 -17.29 -33.07 0.66
C SER A 802 -17.83 -32.03 -0.31
N ARG A 803 -18.30 -32.48 -1.47
CA ARG A 803 -18.83 -31.57 -2.47
C ARG A 803 -20.17 -30.98 -2.08
N SER A 804 -20.93 -31.65 -1.20
CA SER A 804 -22.19 -31.09 -0.74
C SER A 804 -21.97 -29.86 0.12
N PHE A 805 -21.01 -29.92 1.05
CA PHE A 805 -20.69 -28.76 1.87
C PHE A 805 -20.11 -27.63 1.03
N LEU A 806 -19.26 -27.97 0.05
CA LEU A 806 -18.71 -26.96 -0.85
C LEU A 806 -19.81 -26.28 -1.66
N ARG A 807 -20.76 -27.07 -2.17
CA ARG A 807 -21.87 -26.49 -2.93
C ARG A 807 -22.76 -25.64 -2.04
N ALA A 808 -22.99 -26.07 -0.80
CA ALA A 808 -23.77 -25.26 0.13
C ALA A 808 -23.10 -23.93 0.42
N ALA A 809 -21.77 -23.95 0.65
CA ALA A 809 -21.05 -22.72 0.94
C ALA A 809 -21.06 -21.77 -0.25
N CYS A 810 -20.79 -22.30 -1.45
CA CYS A 810 -20.77 -21.44 -2.63
C CYS A 810 -22.16 -20.93 -2.98
N SER A 811 -23.21 -21.73 -2.75
CA SER A 811 -24.56 -21.25 -2.98
C SER A 811 -24.94 -20.16 -1.97
N SER A 812 -24.51 -20.30 -0.71
CA SER A 812 -24.76 -19.27 0.28
C SER A 812 -24.06 -17.97 -0.09
N LEU A 813 -22.81 -18.05 -0.55
CA LEU A 813 -22.12 -16.83 -0.96
C LEU A 813 -22.73 -16.24 -2.22
N GLU A 814 -23.21 -17.08 -3.13
CA GLU A 814 -23.92 -16.58 -4.31
C GLU A 814 -25.19 -15.83 -3.91
N ARG A 815 -25.95 -16.38 -2.96
CA ARG A 815 -27.14 -15.70 -2.48
C ARG A 815 -26.80 -14.37 -1.82
N GLU A 816 -25.73 -14.35 -1.02
CA GLU A 816 -25.34 -13.11 -0.35
C GLU A 816 -24.87 -12.06 -1.34
N ILE A 817 -24.14 -12.46 -2.38
CA ILE A 817 -23.68 -11.51 -3.39
C ILE A 817 -24.84 -10.99 -4.22
N ALA A 818 -25.77 -11.87 -4.59
CA ALA A 818 -26.95 -11.44 -5.34
C ALA A 818 -27.84 -10.53 -4.51
N GLN A 819 -27.85 -10.71 -3.19
CA GLN A 819 -28.56 -9.77 -2.33
C GLN A 819 -27.84 -8.43 -2.27
N ARG A 820 -26.52 -8.46 -2.12
CA ARG A 820 -25.75 -7.21 -2.05
C ARG A 820 -25.74 -6.50 -3.40
N HIS A 821 -25.41 -7.21 -4.47
CA HIS A 821 -25.33 -6.61 -5.79
C HIS A 821 -26.67 -6.74 -6.50
N GLY A 822 -26.70 -6.43 -7.79
CA GLY A 822 -27.92 -6.57 -8.57
C GLY A 822 -28.17 -8.01 -9.00
N ARG A 823 -29.33 -8.21 -9.62
CA ARG A 823 -29.68 -9.52 -10.14
C ARG A 823 -29.00 -9.83 -11.47
N GLN A 824 -28.31 -8.86 -12.06
CA GLN A 824 -27.55 -9.06 -13.29
C GLN A 824 -26.05 -9.04 -13.01
N TRP A 825 -25.67 -9.53 -11.83
CA TRP A 825 -24.27 -9.43 -11.41
C TRP A 825 -23.35 -10.32 -12.23
N LYS A 826 -23.85 -11.47 -12.70
CA LYS A 826 -23.02 -12.38 -13.49
C LYS A 826 -22.69 -11.79 -14.85
N GLN A 827 -23.67 -11.14 -15.50
CA GLN A 827 -23.43 -10.53 -16.80
C GLN A 827 -22.40 -9.39 -16.69
N ASN A 828 -22.54 -8.55 -15.68
CA ASN A 828 -21.59 -7.46 -15.49
C ASN A 828 -20.22 -7.97 -15.06
N LEU A 829 -20.18 -9.07 -14.30
CA LEU A 829 -18.91 -9.70 -13.98
C LEU A 829 -18.21 -10.24 -15.23
N GLU A 830 -18.99 -10.84 -16.13
CA GLU A 830 -18.42 -11.30 -17.40
C GLU A 830 -17.88 -10.13 -18.22
N GLU A 831 -18.64 -9.04 -18.29
CA GLU A 831 -18.18 -7.85 -18.99
C GLU A 831 -16.90 -7.30 -18.35
N ARG A 832 -16.84 -7.29 -17.02
CA ARG A 832 -15.67 -6.80 -16.31
C ARG A 832 -14.44 -7.63 -16.62
N VAL A 833 -14.56 -8.96 -16.54
CA VAL A 833 -13.38 -9.80 -16.75
C VAL A 833 -12.95 -9.77 -18.21
N LEU A 834 -13.91 -9.72 -19.14
CA LEU A 834 -13.55 -9.63 -20.56
C LEU A 834 -12.87 -8.30 -20.87
N ARG A 835 -13.33 -7.20 -20.26
CA ARG A 835 -12.68 -5.91 -20.48
C ARG A 835 -11.30 -5.86 -19.85
N GLU A 836 -11.13 -6.51 -18.69
CA GLU A 836 -9.83 -6.55 -18.05
C GLU A 836 -8.83 -7.36 -18.87
N ILE A 837 -9.23 -8.53 -19.36
CA ILE A 837 -8.33 -9.38 -20.12
C ILE A 837 -8.03 -8.77 -21.49
N GLY A 838 -9.05 -8.20 -22.14
CA GLY A 838 -8.84 -7.64 -23.46
C GLY A 838 -7.91 -6.44 -23.48
N THR A 839 -7.97 -5.62 -22.43
CA THR A 839 -7.13 -4.43 -22.36
C THR A 839 -5.72 -4.73 -21.87
N LYS A 840 -5.43 -5.96 -21.48
CA LYS A 840 -4.09 -6.29 -21.04
C LYS A 840 -3.11 -6.32 -22.20
N ASN A 841 -1.89 -5.86 -21.95
CA ASN A 841 -0.81 -5.87 -22.92
C ASN A 841 0.33 -6.73 -22.41
N ILE A 842 1.20 -7.12 -23.34
CA ILE A 842 2.43 -7.83 -22.97
C ILE A 842 3.32 -6.93 -22.13
N LEU A 843 3.40 -5.64 -22.49
CA LEU A 843 4.24 -4.71 -21.74
C LEU A 843 3.76 -4.52 -20.31
N ASP A 844 2.46 -4.66 -20.06
CA ASP A 844 1.92 -4.58 -18.71
C ASP A 844 2.34 -5.78 -17.86
N LEU A 845 2.85 -6.84 -18.49
CA LEU A 845 3.47 -7.99 -17.84
C LEU A 845 4.94 -7.63 -17.61
N ALA A 846 5.80 -8.63 -17.47
CA ALA A 846 7.19 -8.45 -17.04
C ALA A 846 7.15 -7.72 -15.70
N SER A 847 7.76 -6.52 -15.58
CA SER A 847 7.92 -5.72 -14.37
C SER A 847 9.08 -6.22 -13.53
N MET A 848 9.99 -6.97 -14.16
CA MET A 848 11.30 -7.31 -13.59
C MET A 848 11.16 -8.22 -12.37
N LYS A 849 10.33 -9.25 -12.52
CA LYS A 849 10.14 -10.26 -11.51
C LYS A 849 10.81 -11.56 -11.98
N ALA A 850 11.47 -12.24 -11.06
CA ALA A 850 12.29 -13.38 -11.43
C ALA A 850 11.42 -14.57 -11.85
N THR A 851 11.89 -15.29 -12.85
CA THR A 851 11.23 -16.47 -13.38
C THR A 851 12.14 -17.69 -13.19
N SER A 852 11.71 -18.81 -13.74
CA SER A 852 12.46 -20.06 -13.67
C SER A 852 12.81 -20.52 -15.08
N ASN A 853 14.08 -20.87 -15.29
CA ASN A 853 14.54 -21.44 -16.55
C ASN A 853 14.62 -22.97 -16.48
N PHE A 854 14.05 -23.58 -15.45
CA PHE A 854 13.94 -25.02 -15.36
C PHE A 854 13.16 -25.56 -16.56
N SER A 855 13.76 -26.53 -17.26
CA SER A 855 13.15 -27.16 -18.42
C SER A 855 13.52 -28.65 -18.38
N LYS A 856 13.27 -29.34 -19.49
CA LYS A 856 13.54 -30.78 -19.55
C LYS A 856 15.03 -31.08 -19.45
N ASP A 857 15.87 -30.16 -19.90
CA ASP A 857 17.32 -30.32 -19.85
C ASP A 857 17.82 -30.58 -18.44
N TRP A 858 17.46 -29.67 -17.52
CA TRP A 858 17.95 -29.74 -16.14
C TRP A 858 17.53 -31.01 -15.40
N GLU A 859 16.51 -31.72 -15.89
CA GLU A 859 15.88 -32.79 -15.13
C GLU A 859 16.76 -34.02 -14.91
N LEU A 860 18.02 -34.00 -15.34
CA LEU A 860 18.93 -35.14 -15.21
C LEU A 860 20.21 -34.68 -14.52
N TYR A 861 20.40 -35.10 -13.27
CA TYR A 861 21.61 -34.71 -12.54
C TYR A 861 22.84 -35.40 -13.13
N SER A 862 23.99 -34.72 -12.99
CA SER A 862 25.32 -35.08 -13.48
C SER A 862 25.42 -34.90 -15.00
N GLU A 863 24.28 -34.64 -15.65
CA GLU A 863 24.29 -33.90 -16.91
C GLU A 863 24.46 -32.42 -16.65
N VAL A 864 23.82 -31.91 -15.59
CA VAL A 864 23.80 -30.49 -15.31
C VAL A 864 24.73 -30.08 -14.19
N GLN A 865 25.54 -31.00 -13.66
CA GLN A 865 26.46 -30.65 -12.58
C GLN A 865 27.51 -29.66 -13.05
N THR A 866 27.89 -29.74 -14.33
CA THR A 866 28.93 -28.85 -14.86
C THR A 866 28.45 -27.42 -14.99
N LYS A 867 27.26 -27.22 -15.55
CA LYS A 867 26.76 -25.86 -15.72
C LYS A 867 26.01 -25.40 -14.48
N GLU A 868 25.84 -24.09 -14.36
CA GLU A 868 25.27 -23.47 -13.16
C GLU A 868 23.95 -22.80 -13.51
N TYR A 869 22.90 -23.19 -12.79
CA TYR A 869 21.57 -22.65 -13.05
C TYR A 869 21.48 -21.18 -12.65
N HIS A 870 20.85 -20.39 -13.51
CA HIS A 870 20.63 -18.97 -13.25
C HIS A 870 19.19 -18.59 -13.57
N ARG A 871 18.51 -17.99 -12.60
CA ARG A 871 17.16 -17.49 -12.83
C ARG A 871 17.21 -16.19 -13.62
N SER A 872 16.28 -16.03 -14.54
CA SER A 872 16.24 -14.89 -15.44
C SER A 872 14.98 -14.06 -15.23
N LYS A 873 15.04 -12.79 -15.59
CA LYS A 873 13.92 -11.88 -15.43
C LYS A 873 12.90 -12.06 -16.54
N LEU A 874 11.64 -11.77 -16.22
CA LEU A 874 10.56 -11.84 -17.20
C LEU A 874 10.73 -10.83 -18.33
N LEU A 875 11.59 -9.82 -18.16
CA LEU A 875 11.78 -8.80 -19.18
C LEU A 875 12.34 -9.39 -20.48
N GLU A 876 13.30 -10.30 -20.36
CA GLU A 876 13.88 -10.92 -21.56
C GLU A 876 12.86 -11.80 -22.28
N LYS A 877 12.07 -12.56 -21.52
CA LYS A 877 11.02 -13.38 -22.12
C LYS A 877 9.99 -12.51 -22.82
N MET A 878 9.63 -11.38 -22.22
CA MET A 878 8.69 -10.46 -22.86
C MET A 878 9.30 -9.79 -24.09
N ALA A 879 10.60 -9.52 -24.07
CA ALA A 879 11.26 -9.00 -25.26
C ALA A 879 11.21 -10.00 -26.40
N THR A 880 11.48 -11.28 -26.11
CA THR A 880 11.35 -12.31 -27.13
C THR A 880 9.92 -12.43 -27.63
N LEU A 881 8.94 -12.30 -26.73
CA LEU A 881 7.54 -12.36 -27.14
C LEU A 881 7.16 -11.17 -28.02
N ILE A 882 7.68 -9.98 -27.70
CA ILE A 882 7.41 -8.81 -28.53
C ILE A 882 8.03 -8.98 -29.91
N GLU A 883 9.27 -9.47 -29.98
CA GLU A 883 9.88 -9.75 -31.28
C GLU A 883 9.23 -10.95 -31.98
N LYS A 884 8.43 -11.73 -31.27
CA LYS A 884 7.71 -12.85 -31.85
C LYS A 884 6.43 -12.44 -32.57
N GLY A 885 6.06 -11.16 -32.49
CA GLY A 885 4.84 -10.69 -33.12
C GLY A 885 3.62 -10.66 -32.22
N VAL A 886 3.80 -10.75 -30.91
CA VAL A 886 2.70 -10.76 -29.95
C VAL A 886 2.67 -9.42 -29.25
N MET A 887 1.50 -8.78 -29.24
CA MET A 887 1.36 -7.48 -28.61
C MET A 887 0.39 -7.49 -27.43
N TRP A 888 -0.78 -8.09 -27.59
CA TRP A 888 -1.71 -8.22 -26.48
C TRP A 888 -1.34 -9.44 -25.63
N TYR A 889 -1.80 -9.43 -24.38
CA TYR A 889 -1.56 -10.57 -23.50
C TYR A 889 -2.30 -11.81 -23.99
N ILE A 890 -3.53 -11.62 -24.46
CA ILE A 890 -4.38 -12.75 -24.85
C ILE A 890 -3.90 -13.45 -26.11
N ASP A 891 -2.97 -12.85 -26.85
CA ASP A 891 -2.42 -13.48 -28.04
C ASP A 891 -1.33 -14.51 -27.74
N ALA A 892 -0.82 -14.55 -26.50
CA ALA A 892 0.25 -15.46 -26.14
C ALA A 892 -0.20 -16.56 -25.17
N VAL A 893 -1.48 -16.61 -24.83
CA VAL A 893 -1.97 -17.63 -23.91
C VAL A 893 -1.95 -19.00 -24.57
N GLY A 894 -2.32 -19.07 -25.85
CA GLY A 894 -2.38 -20.36 -26.53
C GLY A 894 -1.02 -21.03 -26.67
N GLN A 895 -0.01 -20.26 -27.06
CA GLN A 895 1.34 -20.82 -27.21
C GLN A 895 1.90 -21.28 -25.87
N ALA A 896 1.68 -20.50 -24.81
CA ALA A 896 2.15 -20.89 -23.48
C ALA A 896 1.43 -22.13 -22.98
N TRP A 897 0.10 -22.21 -23.22
CA TRP A 897 -0.65 -23.40 -22.84
C TRP A 897 -0.15 -24.63 -23.59
N LYS A 898 0.10 -24.48 -24.89
CA LYS A 898 0.63 -25.59 -25.68
C LYS A 898 2.01 -26.01 -25.18
N ALA A 899 2.85 -25.05 -24.82
CA ALA A 899 4.18 -25.38 -24.30
C ALA A 899 4.07 -26.11 -22.97
N VAL A 900 3.11 -25.74 -22.13
CA VAL A 900 2.91 -26.45 -20.86
C VAL A 900 2.38 -27.85 -21.11
N LEU A 901 1.38 -27.99 -21.97
CA LEU A 901 0.76 -29.29 -22.22
C LEU A 901 1.71 -30.25 -22.91
N ASP A 902 2.60 -29.73 -23.77
CA ASP A 902 3.63 -30.56 -24.38
C ASP A 902 4.71 -30.98 -23.40
N ASP A 903 4.70 -30.42 -22.18
CA ASP A 903 5.67 -30.77 -21.15
C ASP A 903 5.09 -31.66 -20.06
N GLY A 904 3.77 -31.63 -19.85
CA GLY A 904 3.14 -32.47 -18.86
C GLY A 904 3.35 -32.03 -17.44
N CYS A 905 3.85 -30.81 -17.22
CA CYS A 905 4.13 -30.32 -15.88
C CYS A 905 4.34 -28.81 -15.94
N MET A 906 4.31 -28.19 -14.76
CA MET A 906 4.72 -26.80 -14.59
C MET A 906 6.04 -26.78 -13.80
N ARG A 907 6.99 -25.97 -14.26
CA ARG A 907 8.32 -25.94 -13.69
C ARG A 907 8.44 -24.80 -12.70
N ILE A 908 8.93 -25.10 -11.50
CA ILE A 908 9.00 -24.16 -10.40
C ILE A 908 10.40 -24.20 -9.81
N CYS A 909 10.98 -23.03 -9.57
CA CYS A 909 12.22 -22.91 -8.82
C CYS A 909 11.91 -22.47 -7.39
N LEU A 910 12.95 -22.37 -6.58
CA LEU A 910 12.76 -22.21 -5.14
C LEU A 910 13.71 -21.15 -4.62
N PHE A 911 13.22 -20.39 -3.64
CA PHE A 911 14.01 -19.43 -2.89
C PHE A 911 13.44 -19.34 -1.49
N LYS A 912 14.30 -19.06 -0.52
CA LYS A 912 13.90 -18.93 0.87
C LYS A 912 13.94 -17.46 1.27
N LYS A 913 12.83 -16.76 1.04
CA LYS A 913 12.62 -15.48 1.71
C LYS A 913 12.38 -15.73 3.19
N ASN A 914 12.94 -14.88 4.03
CA ASN A 914 12.72 -14.96 5.46
C ASN A 914 11.80 -13.83 5.89
N GLN A 915 10.74 -14.20 6.60
CA GLN A 915 9.71 -13.26 7.05
C GLN A 915 9.68 -13.25 8.57
N HIS A 916 9.39 -12.08 9.14
CA HIS A 916 9.31 -11.88 10.59
C HIS A 916 8.38 -12.87 11.29
N GLY A 917 7.50 -13.52 10.53
CA GLY A 917 6.74 -14.64 11.06
C GLY A 917 7.59 -15.90 11.19
N GLY A 918 7.03 -17.05 10.85
CA GLY A 918 7.81 -18.27 10.93
C GLY A 918 8.88 -18.39 9.87
N LEU A 919 8.47 -18.68 8.63
CA LEU A 919 9.37 -18.92 7.51
C LEU A 919 8.53 -18.96 6.24
N ARG A 920 9.16 -18.63 5.12
CA ARG A 920 8.50 -18.61 3.82
C ARG A 920 9.13 -19.63 2.89
N GLU A 921 8.33 -20.13 1.95
CA GLU A 921 8.68 -21.25 1.08
C GLU A 921 8.47 -20.88 -0.38
N ILE A 922 9.05 -19.75 -0.79
CA ILE A 922 8.69 -19.10 -2.04
C ILE A 922 8.94 -19.99 -3.25
N TYR A 923 7.93 -20.12 -4.10
CA TYR A 923 8.00 -20.91 -5.32
C TYR A 923 8.05 -19.97 -6.52
N VAL A 924 9.19 -19.94 -7.21
CA VAL A 924 9.35 -19.14 -8.42
C VAL A 924 8.55 -19.83 -9.53
N MET A 925 8.31 -19.12 -10.63
CA MET A 925 7.37 -19.58 -11.65
C MET A 925 8.00 -19.45 -13.04
N ASP A 926 7.70 -20.42 -13.90
CA ASP A 926 8.09 -20.37 -15.30
C ASP A 926 7.26 -19.31 -16.03
N ALA A 927 7.86 -18.70 -17.05
CA ALA A 927 7.21 -17.62 -17.79
C ALA A 927 5.87 -18.06 -18.39
N ASN A 928 5.84 -19.24 -19.02
CA ASN A 928 4.60 -19.73 -19.61
C ASN A 928 3.55 -20.00 -18.54
N ALA A 929 3.95 -20.61 -17.43
CA ALA A 929 3.03 -20.84 -16.32
C ALA A 929 2.49 -19.53 -15.77
N ARG A 930 3.34 -18.50 -15.68
CA ARG A 930 2.89 -17.18 -15.26
C ARG A 930 1.87 -16.60 -16.24
N LEU A 931 2.12 -16.76 -17.54
CA LEU A 931 1.19 -16.26 -18.55
C LEU A 931 -0.17 -16.95 -18.44
N VAL A 932 -0.17 -18.26 -18.21
CA VAL A 932 -1.43 -18.98 -18.08
C VAL A 932 -2.13 -18.60 -16.77
N GLN A 933 -1.37 -18.44 -15.69
CA GLN A 933 -1.94 -18.22 -14.36
C GLN A 933 -2.47 -16.80 -14.17
N PHE A 934 -1.94 -15.83 -14.91
CA PHE A 934 -2.39 -14.45 -14.75
C PHE A 934 -3.88 -14.29 -15.06
N GLY A 935 -4.36 -14.98 -16.09
CA GLY A 935 -5.76 -14.85 -16.47
C GLY A 935 -6.72 -15.33 -15.41
N VAL A 936 -6.47 -16.52 -14.85
CA VAL A 936 -7.34 -17.02 -13.79
C VAL A 936 -7.17 -16.19 -12.53
N GLU A 937 -5.98 -15.62 -12.30
CA GLU A 937 -5.82 -14.71 -11.18
C GLU A 937 -6.71 -13.48 -11.31
N THR A 938 -6.75 -12.89 -12.51
CA THR A 938 -7.64 -11.76 -12.74
C THR A 938 -9.11 -12.16 -12.61
N MET A 939 -9.46 -13.33 -13.15
CA MET A 939 -10.83 -13.82 -13.07
C MET A 939 -11.27 -14.02 -11.63
N ALA A 940 -10.38 -14.47 -10.75
CA ALA A 940 -10.70 -14.63 -9.35
C ALA A 940 -10.68 -13.31 -8.59
N ARG A 941 -9.80 -12.40 -8.99
CA ARG A 941 -9.72 -11.08 -8.36
C ARG A 941 -11.01 -10.30 -8.56
N CYS A 942 -11.61 -10.40 -9.74
CA CYS A 942 -12.87 -9.69 -9.98
C CYS A 942 -14.00 -10.20 -9.09
N VAL A 943 -14.10 -11.53 -8.93
CA VAL A 943 -15.16 -12.08 -8.08
C VAL A 943 -14.88 -11.81 -6.62
N CYS A 944 -13.60 -11.73 -6.24
CA CYS A 944 -13.27 -11.29 -4.88
C CYS A 944 -13.68 -9.83 -4.67
N GLU A 945 -13.49 -8.99 -5.69
CA GLU A 945 -13.98 -7.61 -5.61
C GLU A 945 -15.50 -7.54 -5.59
N LEU A 946 -16.19 -8.61 -6.01
CA LEU A 946 -17.64 -8.68 -5.87
C LEU A 946 -18.09 -9.23 -4.52
N SER A 947 -17.18 -9.79 -3.73
CA SER A 947 -17.55 -10.38 -2.44
C SER A 947 -17.82 -9.28 -1.42
N PRO A 948 -18.76 -9.49 -0.49
CA PRO A 948 -19.10 -8.46 0.49
C PRO A 948 -18.39 -8.58 1.84
N HIS A 949 -17.49 -9.54 2.04
CA HIS A 949 -16.83 -9.65 3.34
C HIS A 949 -15.36 -10.01 3.26
N GLU A 950 -14.72 -9.86 2.11
CA GLU A 950 -13.30 -10.15 1.98
C GLU A 950 -12.51 -8.83 1.95
N THR A 951 -11.20 -8.94 2.19
CA THR A 951 -10.34 -7.78 2.36
C THR A 951 -9.25 -7.67 1.32
N VAL A 952 -8.81 -8.77 0.72
CA VAL A 952 -7.62 -8.77 -0.14
C VAL A 952 -7.86 -7.96 -1.40
N ALA A 953 -9.01 -8.15 -2.05
CA ALA A 953 -9.38 -7.34 -3.20
C ALA A 953 -10.32 -6.20 -2.84
N ASN A 954 -10.80 -6.13 -1.59
CA ASN A 954 -11.64 -5.05 -1.10
C ASN A 954 -10.99 -4.46 0.15
N PRO A 955 -10.03 -3.56 -0.03
CA PRO A 955 -9.35 -2.97 1.14
C PRO A 955 -10.27 -2.22 2.08
N ARG A 956 -11.39 -1.69 1.55
CA ARG A 956 -12.33 -0.93 2.37
C ARG A 956 -12.92 -1.78 3.49
N LEU A 957 -13.21 -3.06 3.21
CA LEU A 957 -13.96 -3.88 4.15
C LEU A 957 -13.19 -4.19 5.43
N LYS A 958 -11.85 -4.02 5.41
CA LYS A 958 -11.06 -4.30 6.62
C LYS A 958 -11.45 -3.37 7.77
N ASN A 959 -11.60 -2.08 7.50
CA ASN A 959 -11.96 -1.12 8.54
C ASN A 959 -13.44 -0.77 8.56
N SER A 960 -14.27 -1.43 7.76
CA SER A 960 -15.69 -1.11 7.70
C SER A 960 -16.58 -2.31 8.03
N ILE A 961 -16.00 -3.37 8.59
CA ILE A 961 -16.75 -4.53 9.05
C ILE A 961 -16.65 -4.72 10.56
N ILE A 962 -15.44 -4.55 11.11
CA ILE A 962 -15.23 -4.67 12.56
C ILE A 962 -15.58 -3.39 13.28
N GLU A 963 -15.75 -2.29 12.56
CA GLU A 963 -16.09 -1.00 13.16
C GLU A 963 -17.55 -0.65 12.97
N ASN A 964 -18.15 -1.06 11.84
CA ASN A 964 -19.59 -0.93 11.67
C ASN A 964 -20.36 -1.87 12.59
N HIS A 965 -19.71 -2.96 13.04
CA HIS A 965 -20.42 -4.03 13.74
C HIS A 965 -21.04 -3.55 15.05
N GLY A 966 -20.35 -2.68 15.79
CA GLY A 966 -20.95 -2.11 16.98
C GLY A 966 -22.18 -1.28 16.67
N LEU A 967 -22.11 -0.45 15.63
CA LEU A 967 -23.27 0.32 15.19
C LEU A 967 -24.41 -0.58 14.76
N LYS A 968 -24.10 -1.63 13.99
CA LYS A 968 -25.16 -2.52 13.50
C LYS A 968 -25.82 -3.28 14.63
N SER A 969 -25.03 -3.73 15.62
CA SER A 969 -25.61 -4.40 16.77
C SER A 969 -26.45 -3.44 17.61
N ALA A 970 -26.05 -2.17 17.67
CA ALA A 970 -26.85 -1.18 18.37
C ALA A 970 -28.26 -1.09 17.78
N ARG A 971 -28.36 -1.05 16.45
CA ARG A 971 -29.67 -1.00 15.82
C ARG A 971 -30.43 -2.32 15.98
N SER A 972 -29.77 -3.44 15.68
CA SER A 972 -30.46 -4.71 15.59
C SER A 972 -30.87 -5.25 16.96
N LEU A 973 -30.01 -5.09 17.96
CA LEU A 973 -30.26 -5.68 19.28
C LEU A 973 -30.77 -4.67 20.28
N GLY A 974 -30.06 -3.56 20.47
CA GLY A 974 -30.42 -2.58 21.44
C GLY A 974 -29.24 -2.16 22.28
N PRO A 975 -29.40 -1.12 23.09
CA PRO A 975 -28.30 -0.67 23.96
C PRO A 975 -27.98 -1.72 25.02
N GLY A 976 -26.72 -1.74 25.43
CA GLY A 976 -26.26 -2.69 26.42
C GLY A 976 -26.22 -4.11 25.90
N SER A 977 -25.54 -4.32 24.78
CA SER A 977 -25.43 -5.63 24.15
C SER A 977 -24.03 -6.19 24.32
N ILE A 978 -23.95 -7.49 24.59
CA ILE A 978 -22.68 -8.15 24.83
C ILE A 978 -22.16 -8.73 23.52
N ASN A 979 -20.89 -8.44 23.21
CA ASN A 979 -20.26 -8.90 21.99
C ASN A 979 -19.36 -10.10 22.29
N ILE A 980 -19.36 -11.06 21.36
CA ILE A 980 -18.46 -12.21 21.41
C ILE A 980 -17.69 -12.24 20.09
N ASN A 981 -16.40 -12.53 20.17
CA ASN A 981 -15.54 -12.49 19.00
C ASN A 981 -14.66 -13.73 18.93
N SER A 982 -14.24 -14.07 17.72
CA SER A 982 -13.28 -15.14 17.48
C SER A 982 -12.24 -14.65 16.49
N SER A 983 -11.06 -15.28 16.52
CA SER A 983 -9.96 -14.94 15.63
C SER A 983 -9.40 -16.24 15.05
N ASN A 984 -9.89 -16.63 13.89
CA ASN A 984 -9.55 -17.91 13.29
C ASN A 984 -8.38 -17.78 12.33
N ASP A 985 -7.46 -18.75 12.37
CA ASP A 985 -6.31 -18.79 11.48
C ASP A 985 -6.24 -20.12 10.73
N ALA A 986 -5.16 -20.34 9.99
CA ALA A 986 -4.94 -21.58 9.28
C ALA A 986 -3.45 -21.92 9.34
N LYS A 987 -3.13 -23.14 9.76
CA LYS A 987 -1.74 -23.53 9.99
C LYS A 987 -1.09 -24.13 8.75
N LYS A 988 -1.87 -24.72 7.86
CA LYS A 988 -1.37 -25.38 6.67
C LYS A 988 -2.10 -24.87 5.45
N TRP A 989 -2.18 -23.53 5.36
CA TRP A 989 -2.96 -22.88 4.32
C TRP A 989 -2.36 -23.07 2.93
N ASN A 990 -1.05 -23.27 2.83
CA ASN A 990 -0.42 -23.44 1.52
C ASN A 990 -0.67 -24.84 0.96
N GLN A 991 -0.21 -25.86 1.66
CA GLN A 991 -0.40 -27.25 1.23
C GLN A 991 -1.61 -27.83 1.96
N GLY A 992 -2.55 -28.36 1.19
CA GLY A 992 -3.77 -28.89 1.78
C GLY A 992 -4.99 -28.50 0.96
N HIS A 993 -4.86 -27.41 0.21
CA HIS A 993 -5.91 -26.96 -0.69
C HIS A 993 -5.75 -27.69 -2.01
N TYR A 994 -6.42 -28.83 -2.14
CA TYR A 994 -6.37 -29.59 -3.38
C TYR A 994 -7.07 -28.81 -4.49
N THR A 995 -6.38 -28.69 -5.61
CA THR A 995 -6.74 -27.81 -6.72
C THR A 995 -8.15 -28.02 -7.24
N THR A 996 -8.66 -29.26 -7.15
CA THR A 996 -10.02 -29.55 -7.59
C THR A 996 -11.04 -28.67 -6.87
N LYS A 997 -10.87 -28.50 -5.55
CA LYS A 997 -11.82 -27.70 -4.77
C LYS A 997 -11.82 -26.24 -5.21
N LEU A 998 -10.62 -25.67 -5.42
CA LEU A 998 -10.52 -24.30 -5.90
C LEU A 998 -11.14 -24.15 -7.27
N ALA A 999 -10.88 -25.12 -8.16
CA ALA A 999 -11.46 -25.09 -9.50
C ALA A 999 -12.98 -25.18 -9.45
N LEU A 1000 -13.53 -26.00 -8.54
CA LEU A 1000 -14.97 -26.15 -8.44
C LEU A 1000 -15.63 -24.87 -7.95
N VAL A 1001 -15.08 -24.26 -6.89
CA VAL A 1001 -15.65 -23.01 -6.37
C VAL A 1001 -15.55 -21.90 -7.42
N LEU A 1002 -14.38 -21.77 -8.07
CA LEU A 1002 -14.18 -20.72 -9.06
C LEU A 1002 -15.13 -20.88 -10.22
N CYS A 1003 -15.19 -22.08 -10.82
CA CYS A 1003 -16.11 -22.32 -11.93
C CYS A 1003 -17.56 -22.16 -11.52
N TRP A 1004 -17.89 -22.42 -10.25
CA TRP A 1004 -19.22 -22.11 -9.78
C TRP A 1004 -19.49 -20.61 -9.84
N PHE A 1005 -18.47 -19.79 -9.56
CA PHE A 1005 -18.65 -18.34 -9.56
C PHE A 1005 -18.30 -17.68 -10.90
N MET A 1006 -18.46 -18.40 -12.01
CA MET A 1006 -18.20 -17.86 -13.35
C MET A 1006 -19.32 -18.20 -14.30
N PRO A 1007 -19.39 -17.51 -15.44
CA PRO A 1007 -20.20 -17.99 -16.57
C PRO A 1007 -19.58 -19.21 -17.23
N ALA A 1008 -20.40 -19.85 -18.07
CA ALA A 1008 -20.05 -21.14 -18.64
C ALA A 1008 -18.86 -21.03 -19.60
N LYS A 1009 -18.72 -19.89 -20.28
CA LYS A 1009 -17.68 -19.76 -21.30
C LYS A 1009 -16.29 -19.89 -20.70
N PHE A 1010 -16.09 -19.35 -19.50
CA PHE A 1010 -14.77 -19.35 -18.88
C PHE A 1010 -14.39 -20.71 -18.31
N HIS A 1011 -15.38 -21.60 -18.08
CA HIS A 1011 -15.17 -22.77 -17.22
C HIS A 1011 -14.09 -23.70 -17.76
N ARG A 1012 -14.09 -23.94 -19.07
CA ARG A 1012 -13.12 -24.86 -19.67
C ARG A 1012 -11.68 -24.39 -19.49
N PHE A 1013 -11.41 -23.13 -19.84
CA PHE A 1013 -10.06 -22.58 -19.70
C PHE A 1013 -9.63 -22.57 -18.24
N ILE A 1014 -10.55 -22.23 -17.34
CA ILE A 1014 -10.24 -22.21 -15.90
C ILE A 1014 -9.86 -23.61 -15.43
N TRP A 1015 -10.70 -24.60 -15.75
CA TRP A 1015 -10.43 -25.97 -15.34
C TRP A 1015 -9.10 -26.46 -15.88
N ALA A 1016 -8.80 -26.14 -17.14
CA ALA A 1016 -7.51 -26.54 -17.72
C ALA A 1016 -6.35 -25.88 -16.98
N ALA A 1017 -6.49 -24.59 -16.66
CA ALA A 1017 -5.42 -23.89 -15.95
C ALA A 1017 -5.16 -24.50 -14.58
N ILE A 1018 -6.23 -24.81 -13.84
CA ILE A 1018 -6.05 -25.43 -12.52
C ILE A 1018 -5.50 -26.85 -12.67
N SER A 1019 -5.83 -27.53 -13.78
CA SER A 1019 -5.31 -28.88 -14.01
C SER A 1019 -3.79 -28.88 -14.17
N MET A 1020 -3.22 -27.76 -14.64
CA MET A 1020 -1.77 -27.63 -14.73
C MET A 1020 -1.12 -27.80 -13.36
N PHE A 1021 -1.80 -27.34 -12.31
CA PHE A 1021 -1.23 -27.33 -10.97
C PHE A 1021 -1.12 -28.71 -10.34
N ARG A 1022 -1.69 -29.74 -10.98
CA ARG A 1022 -1.66 -31.08 -10.39
C ARG A 1022 -0.24 -31.61 -10.26
N ARG A 1023 0.59 -31.45 -11.29
CA ARG A 1023 1.98 -31.87 -11.25
C ARG A 1023 2.86 -30.64 -11.22
N LYS A 1024 3.71 -30.54 -10.19
CA LYS A 1024 4.56 -29.37 -9.99
C LYS A 1024 6.00 -29.84 -9.77
N LYS A 1025 6.75 -30.04 -10.85
CA LYS A 1025 8.16 -30.32 -10.70
C LYS A 1025 8.88 -29.09 -10.17
N MET A 1026 9.62 -29.27 -9.08
CA MET A 1026 10.33 -28.17 -8.43
C MET A 1026 11.81 -28.47 -8.41
N MET A 1027 12.61 -27.53 -8.88
CA MET A 1027 14.06 -27.71 -8.89
C MET A 1027 14.62 -27.65 -7.48
N VAL A 1028 15.55 -28.57 -7.19
CA VAL A 1028 16.32 -28.56 -5.95
C VAL A 1028 17.64 -27.87 -6.26
N ASP A 1029 18.13 -27.07 -5.31
CA ASP A 1029 19.37 -26.32 -5.51
C ASP A 1029 20.50 -27.25 -5.92
N LEU A 1030 21.15 -26.91 -7.04
CA LEU A 1030 22.17 -27.79 -7.60
C LEU A 1030 23.39 -27.89 -6.70
N ARG A 1031 23.74 -26.80 -6.01
CA ARG A 1031 24.84 -26.85 -5.06
C ARG A 1031 24.53 -27.81 -3.92
N PHE A 1032 23.27 -27.86 -3.49
CA PHE A 1032 22.86 -28.83 -2.47
C PHE A 1032 22.98 -30.27 -2.98
N LEU A 1033 22.59 -30.49 -4.25
CA LEU A 1033 22.70 -31.82 -4.84
C LEU A 1033 24.15 -32.22 -5.08
N ALA A 1034 25.06 -31.23 -5.17
CA ALA A 1034 26.48 -31.55 -5.33
C ALA A 1034 27.02 -32.28 -4.11
N HIS A 1035 26.58 -31.88 -2.92
CA HIS A 1035 27.00 -32.53 -1.70
C HIS A 1035 26.04 -33.63 -1.26
N LEU A 1036 24.84 -33.68 -1.83
CA LEU A 1036 23.95 -34.82 -1.58
C LEU A 1036 24.41 -36.05 -2.34
N SER A 1037 24.82 -35.87 -3.61
CA SER A 1037 25.26 -37.00 -4.41
C SER A 1037 26.65 -37.49 -3.98
N SER A 1038 27.50 -36.59 -3.49
CA SER A 1038 28.87 -36.95 -3.12
C SER A 1038 28.95 -37.76 -1.83
N LYS A 1039 27.85 -37.85 -1.07
CA LYS A 1039 27.82 -38.60 0.18
C LYS A 1039 26.64 -39.56 0.12
N SER A 1040 26.93 -40.82 -0.20
CA SER A 1040 25.89 -41.84 -0.26
C SER A 1040 25.47 -42.33 1.13
N GLU A 1041 26.28 -42.06 2.15
CA GLU A 1041 25.97 -42.48 3.51
C GLU A 1041 25.11 -41.41 4.18
N SER A 1042 24.02 -41.86 4.81
CA SER A 1042 23.02 -40.92 5.32
C SER A 1042 23.40 -40.38 6.69
N ARG A 1043 23.60 -41.28 7.66
CA ARG A 1043 23.89 -40.96 9.08
C ARG A 1043 22.73 -40.10 9.60
N SER A 1044 23.02 -39.07 10.42
CA SER A 1044 22.04 -38.07 10.88
C SER A 1044 20.93 -38.67 11.73
N SER A 1045 20.05 -37.82 12.26
CA SER A 1045 18.93 -38.25 13.08
C SER A 1045 17.57 -37.99 12.44
N ASP A 1046 17.38 -36.85 11.79
CA ASP A 1046 16.09 -36.51 11.21
C ASP A 1046 15.79 -37.44 10.04
N PRO A 1047 14.62 -38.08 10.01
CA PRO A 1047 14.35 -39.09 8.98
C PRO A 1047 14.22 -38.52 7.58
N PHE A 1048 13.94 -37.22 7.44
CA PHE A 1048 13.76 -36.64 6.11
C PHE A 1048 15.08 -36.58 5.35
N ARG A 1049 16.18 -36.26 6.05
CA ARG A 1049 17.48 -36.21 5.38
C ARG A 1049 17.86 -37.58 4.83
N GLU A 1050 17.66 -38.63 5.64
CA GLU A 1050 17.92 -39.99 5.17
C GLU A 1050 16.98 -40.36 4.03
N ALA A 1051 15.71 -39.92 4.12
CA ALA A 1051 14.75 -40.24 3.07
C ALA A 1051 15.15 -39.63 1.74
N MET A 1052 15.54 -38.35 1.73
CA MET A 1052 15.96 -37.70 0.49
C MET A 1052 17.25 -38.30 -0.04
N THR A 1053 18.22 -38.57 0.84
CA THR A 1053 19.48 -39.14 0.39
C THR A 1053 19.28 -40.51 -0.23
N ASP A 1054 18.51 -41.38 0.42
CA ASP A 1054 18.20 -42.69 -0.14
C ASP A 1054 17.38 -42.58 -1.42
N ALA A 1055 16.42 -41.66 -1.47
CA ALA A 1055 15.60 -41.51 -2.67
C ALA A 1055 16.41 -41.06 -3.87
N PHE A 1056 17.32 -40.11 -3.66
CA PHE A 1056 18.23 -39.69 -4.71
C PHE A 1056 19.12 -40.86 -5.11
N HIS A 1057 19.81 -41.47 -4.15
CA HIS A 1057 20.68 -42.60 -4.46
C HIS A 1057 19.89 -43.86 -4.79
N GLY A 1058 18.57 -43.81 -4.63
CA GLY A 1058 17.70 -44.85 -5.13
C GLY A 1058 17.50 -46.05 -4.25
N ASN A 1059 18.05 -46.06 -3.03
CA ASN A 1059 17.78 -47.18 -2.13
C ASN A 1059 16.58 -46.91 -1.26
N ARG A 1060 15.52 -46.41 -1.88
CA ARG A 1060 14.20 -46.14 -1.29
C ARG A 1060 13.29 -45.66 -2.41
N ASP A 1061 11.98 -45.85 -2.28
CA ASP A 1061 11.04 -45.38 -3.28
C ASP A 1061 10.03 -44.44 -2.65
N VAL A 1062 9.98 -43.21 -3.15
CA VAL A 1062 8.99 -42.21 -2.78
C VAL A 1062 8.45 -41.61 -4.06
N SER A 1063 7.18 -41.23 -4.05
CA SER A 1063 6.56 -40.54 -5.18
C SER A 1063 7.34 -39.29 -5.59
N TRP A 1064 7.94 -38.61 -4.62
CA TRP A 1064 8.60 -37.33 -4.87
C TRP A 1064 10.11 -37.50 -5.14
N MET A 1065 10.41 -38.42 -6.06
CA MET A 1065 11.76 -38.63 -6.61
C MET A 1065 11.64 -39.64 -7.74
N ASP A 1066 12.65 -39.62 -8.63
CA ASP A 1066 12.64 -40.49 -9.80
C ASP A 1066 14.04 -41.03 -10.11
N LYS A 1067 14.77 -41.47 -9.08
CA LYS A 1067 16.04 -42.20 -9.21
C LYS A 1067 17.10 -41.38 -9.97
N GLY A 1068 17.49 -40.28 -9.32
CA GLY A 1068 18.61 -39.49 -9.79
C GLY A 1068 18.28 -38.26 -10.61
N ARG A 1069 17.17 -37.58 -10.31
CA ARG A 1069 16.73 -36.41 -11.04
C ARG A 1069 16.89 -35.16 -10.17
N THR A 1070 16.82 -33.99 -10.82
CA THR A 1070 16.98 -32.72 -10.13
C THR A 1070 15.64 -32.09 -9.73
N TYR A 1071 14.53 -32.80 -9.92
CA TYR A 1071 13.20 -32.27 -9.60
C TYR A 1071 12.53 -33.16 -8.56
N ILE A 1072 11.91 -32.54 -7.56
CA ILE A 1072 11.06 -33.24 -6.61
C ILE A 1072 9.62 -33.13 -7.10
N LYS A 1073 9.03 -34.25 -7.49
CA LYS A 1073 7.65 -34.22 -7.96
C LYS A 1073 6.71 -33.95 -6.79
N THR A 1074 5.54 -33.39 -7.09
CA THR A 1074 4.57 -33.06 -6.05
C THR A 1074 3.19 -32.99 -6.67
N GLU A 1075 2.20 -33.60 -6.01
CA GLU A 1075 0.87 -33.74 -6.57
C GLU A 1075 -0.19 -32.93 -5.83
N THR A 1076 0.06 -32.51 -4.59
CA THR A 1076 -0.93 -31.88 -3.75
C THR A 1076 -0.54 -30.43 -3.44
N GLY A 1077 -1.56 -29.64 -3.15
CA GLY A 1077 -1.37 -28.31 -2.60
C GLY A 1077 -1.31 -27.23 -3.68
N MET A 1078 -1.65 -26.01 -3.29
CA MET A 1078 -1.53 -24.83 -4.14
C MET A 1078 -0.36 -24.03 -3.59
N MET A 1079 0.70 -23.91 -4.40
CA MET A 1079 1.92 -23.20 -4.05
C MET A 1079 1.68 -21.80 -3.50
N GLN A 1080 2.54 -21.38 -2.58
CA GLN A 1080 2.26 -20.23 -1.73
C GLN A 1080 2.29 -18.95 -2.55
N GLY A 1081 1.11 -18.33 -2.72
CA GLY A 1081 1.04 -17.01 -3.30
C GLY A 1081 0.56 -16.92 -4.74
N ILE A 1082 0.92 -17.90 -5.57
CA ILE A 1082 0.60 -17.81 -6.99
C ILE A 1082 -0.90 -17.92 -7.21
N LEU A 1083 -1.63 -18.51 -6.25
CA LEU A 1083 -3.09 -18.43 -6.18
C LEU A 1083 -3.42 -17.69 -4.89
N HIS A 1084 -3.71 -16.40 -5.01
CA HIS A 1084 -4.01 -15.58 -3.85
C HIS A 1084 -5.48 -15.18 -3.77
N PHE A 1085 -6.24 -15.39 -4.84
CA PHE A 1085 -7.65 -14.99 -4.86
C PHE A 1085 -8.62 -16.15 -4.99
N THR A 1086 -8.23 -17.26 -5.64
CA THR A 1086 -9.11 -18.42 -5.68
C THR A 1086 -9.34 -19.01 -4.30
N SER A 1087 -8.25 -19.19 -3.54
CA SER A 1087 -8.39 -19.71 -2.19
C SER A 1087 -9.01 -18.69 -1.26
N SER A 1088 -8.79 -17.39 -1.52
CA SER A 1088 -9.49 -16.36 -0.77
C SER A 1088 -10.99 -16.40 -1.01
N LEU A 1089 -11.40 -16.66 -2.26
CA LEU A 1089 -12.81 -16.82 -2.57
C LEU A 1089 -13.38 -18.06 -1.90
N LEU A 1090 -12.60 -19.14 -1.85
CA LEU A 1090 -13.03 -20.34 -1.12
C LEU A 1090 -13.23 -20.05 0.36
N HIS A 1091 -12.29 -19.31 0.96
CA HIS A 1091 -12.41 -18.97 2.38
C HIS A 1091 -13.59 -18.03 2.63
N SER A 1092 -13.87 -17.13 1.68
CA SER A 1092 -15.06 -16.29 1.79
C SER A 1092 -16.34 -17.12 1.71
N CYS A 1093 -16.35 -18.14 0.85
CA CYS A 1093 -17.47 -19.06 0.80
C CYS A 1093 -17.67 -19.77 2.14
N VAL A 1094 -16.56 -20.23 2.74
CA VAL A 1094 -16.63 -20.88 4.04
C VAL A 1094 -17.18 -19.94 5.09
N GLN A 1095 -16.68 -18.71 5.11
CA GLN A 1095 -17.13 -17.71 6.09
C GLN A 1095 -18.61 -17.38 5.91
N SER A 1096 -19.07 -17.28 4.66
CA SER A 1096 -20.47 -16.99 4.41
C SER A 1096 -21.37 -18.14 4.86
N PHE A 1097 -20.94 -19.38 4.61
CA PHE A 1097 -21.69 -20.53 5.11
C PHE A 1097 -21.70 -20.57 6.63
N TYR A 1098 -20.59 -20.20 7.27
CA TYR A 1098 -20.56 -20.14 8.72
C TYR A 1098 -21.52 -19.07 9.25
N LYS A 1099 -21.57 -17.92 8.60
CA LYS A 1099 -22.50 -16.88 9.02
C LYS A 1099 -23.95 -17.32 8.87
N SER A 1100 -24.27 -17.99 7.76
CA SER A 1100 -25.63 -18.50 7.56
C SER A 1100 -25.99 -19.54 8.61
N TYR A 1101 -25.06 -20.46 8.91
CA TYR A 1101 -25.31 -21.48 9.93
C TYR A 1101 -25.47 -20.84 11.31
N PHE A 1102 -24.68 -19.82 11.62
CA PHE A 1102 -24.81 -19.13 12.89
C PHE A 1102 -26.14 -18.42 13.01
N VAL A 1103 -26.60 -17.79 11.92
CA VAL A 1103 -27.92 -17.15 11.93
C VAL A 1103 -29.01 -18.19 12.15
N SER A 1104 -28.91 -19.34 11.47
CA SER A 1104 -29.91 -20.38 11.60
C SER A 1104 -29.96 -20.93 13.03
N LYS A 1105 -28.78 -21.14 13.65
CA LYS A 1105 -28.77 -21.66 15.01
C LYS A 1105 -29.19 -20.59 16.03
N LEU A 1106 -28.90 -19.32 15.77
CA LEU A 1106 -29.31 -18.27 16.68
C LEU A 1106 -30.81 -18.04 16.64
N LYS A 1107 -31.44 -18.25 15.48
CA LYS A 1107 -32.88 -18.02 15.39
C LYS A 1107 -33.67 -19.09 16.13
N GLU A 1108 -33.10 -20.28 16.32
CA GLU A 1108 -33.73 -21.35 17.07
C GLU A 1108 -32.66 -22.10 17.86
N GLY A 1109 -32.58 -21.84 19.16
CA GLY A 1109 -31.60 -22.53 19.98
C GLY A 1109 -31.92 -22.39 21.44
N TYR A 1110 -31.44 -23.37 22.22
CA TYR A 1110 -31.64 -23.42 23.67
C TYR A 1110 -33.13 -23.36 24.01
N MET A 1111 -33.83 -24.43 23.63
CA MET A 1111 -35.24 -24.68 23.94
C MET A 1111 -36.18 -23.81 23.11
N GLY A 1112 -35.64 -23.13 22.10
CA GLY A 1112 -36.46 -22.46 21.10
C GLY A 1112 -36.70 -20.98 21.32
N GLU A 1113 -36.24 -20.41 22.43
CA GLU A 1113 -36.32 -18.96 22.59
C GLU A 1113 -35.24 -18.33 21.73
N SER A 1114 -35.64 -17.49 20.78
CA SER A 1114 -34.71 -16.97 19.79
C SER A 1114 -33.73 -16.00 20.45
N ILE A 1115 -32.46 -16.39 20.53
CA ILE A 1115 -31.42 -15.53 21.04
C ILE A 1115 -31.17 -14.45 20.00
N SER A 1116 -31.56 -13.21 20.32
CA SER A 1116 -31.38 -12.11 19.40
C SER A 1116 -29.90 -11.83 19.19
N GLY A 1117 -29.44 -11.91 17.96
CA GLY A 1117 -28.01 -11.79 17.69
C GLY A 1117 -27.71 -11.46 16.25
N VAL A 1118 -26.54 -10.89 16.05
CA VAL A 1118 -26.01 -10.56 14.73
C VAL A 1118 -24.58 -11.09 14.64
N VAL A 1119 -24.25 -11.70 13.52
CA VAL A 1119 -22.91 -12.24 13.28
C VAL A 1119 -22.36 -11.61 12.00
N ASP A 1120 -21.12 -11.12 12.09
CA ASP A 1120 -20.45 -10.52 10.94
C ASP A 1120 -19.10 -11.20 10.78
N VAL A 1121 -18.84 -11.70 9.57
CA VAL A 1121 -17.64 -12.47 9.26
C VAL A 1121 -16.72 -11.63 8.39
N ILE A 1122 -15.42 -11.76 8.62
CA ILE A 1122 -14.42 -11.09 7.80
C ILE A 1122 -13.28 -12.08 7.55
N GLU A 1123 -12.67 -12.00 6.37
CA GLU A 1123 -11.63 -12.94 6.00
C GLU A 1123 -10.67 -12.30 5.01
N GLY A 1124 -9.41 -12.70 5.12
CA GLY A 1124 -8.39 -12.33 4.15
C GLY A 1124 -8.02 -13.54 3.32
N SER A 1125 -6.89 -14.18 3.66
CA SER A 1125 -6.56 -15.47 3.10
C SER A 1125 -6.60 -16.56 4.17
N ASP A 1126 -5.80 -16.44 5.22
CA ASP A 1126 -5.81 -17.41 6.30
C ASP A 1126 -6.29 -16.83 7.62
N ASP A 1127 -6.05 -15.54 7.87
CA ASP A 1127 -6.52 -14.91 9.09
C ASP A 1127 -7.95 -14.43 8.90
N SER A 1128 -8.81 -14.78 9.85
CA SER A 1128 -10.23 -14.43 9.78
C SER A 1128 -10.75 -14.17 11.18
N ALA A 1129 -11.89 -13.49 11.25
CA ALA A 1129 -12.51 -13.12 12.51
C ALA A 1129 -14.02 -13.26 12.40
N ILE A 1130 -14.63 -13.99 13.34
CA ILE A 1130 -16.06 -14.15 13.43
C ILE A 1130 -16.54 -13.46 14.70
N MET A 1131 -17.47 -12.52 14.57
CA MET A 1131 -17.96 -11.72 15.69
C MET A 1131 -19.46 -11.88 15.81
N ILE A 1132 -19.93 -12.34 16.97
CA ILE A 1132 -21.36 -12.49 17.26
C ILE A 1132 -21.69 -11.63 18.48
N SER A 1133 -22.68 -10.76 18.34
CA SER A 1133 -23.14 -9.94 19.46
C SER A 1133 -24.52 -10.42 19.89
N ILE A 1134 -24.82 -10.21 21.18
CA ILE A 1134 -26.08 -10.66 21.76
C ILE A 1134 -26.53 -9.63 22.79
N ARG A 1135 -27.84 -9.58 23.03
CA ARG A 1135 -28.41 -8.70 24.05
C ARG A 1135 -29.40 -9.50 24.88
N PRO A 1136 -28.99 -10.00 26.04
CA PRO A 1136 -29.88 -10.80 26.89
C PRO A 1136 -30.74 -9.91 27.78
N LYS A 1137 -31.60 -10.57 28.57
CA LYS A 1137 -32.53 -9.89 29.45
C LYS A 1137 -32.42 -10.27 30.91
N SER A 1138 -31.63 -11.29 31.25
CA SER A 1138 -31.53 -11.75 32.63
C SER A 1138 -30.21 -12.46 32.82
N ASP A 1139 -29.93 -12.84 34.07
CA ASP A 1139 -28.69 -13.57 34.37
C ASP A 1139 -28.66 -14.91 33.67
N MET A 1140 -29.73 -15.70 33.80
CA MET A 1140 -29.80 -16.99 33.14
C MET A 1140 -29.79 -16.82 31.62
N ASP A 1141 -30.49 -15.81 31.11
CA ASP A 1141 -30.46 -15.53 29.68
C ASP A 1141 -29.05 -15.17 29.22
N GLU A 1142 -28.35 -14.34 30.01
CA GLU A 1142 -26.99 -13.94 29.64
C GLU A 1142 -26.06 -15.13 29.58
N VAL A 1143 -26.11 -15.98 30.61
CA VAL A 1143 -25.18 -17.10 30.69
C VAL A 1143 -25.50 -18.14 29.63
N ARG A 1144 -26.78 -18.48 29.44
CA ARG A 1144 -27.17 -19.43 28.40
C ARG A 1144 -26.81 -18.93 27.01
N SER A 1145 -27.08 -17.65 26.72
CA SER A 1145 -26.72 -17.09 25.43
C SER A 1145 -25.21 -17.10 25.21
N ARG A 1146 -24.44 -16.76 26.24
CA ARG A 1146 -22.98 -16.77 26.09
C ARG A 1146 -22.46 -18.18 25.87
N PHE A 1147 -23.04 -19.16 26.56
CA PHE A 1147 -22.65 -20.56 26.35
C PHE A 1147 -23.00 -21.03 24.94
N PHE A 1148 -24.19 -20.67 24.44
CA PHE A 1148 -24.59 -21.07 23.10
C PHE A 1148 -23.68 -20.45 22.04
N VAL A 1149 -23.35 -19.16 22.20
CA VAL A 1149 -22.45 -18.51 21.26
C VAL A 1149 -21.04 -19.09 21.36
N ALA A 1150 -20.62 -19.46 22.57
CA ALA A 1150 -19.34 -20.12 22.73
C ALA A 1150 -19.30 -21.45 22.00
N ASN A 1151 -20.38 -22.22 22.08
CA ASN A 1151 -20.45 -23.47 21.32
C ASN A 1151 -20.43 -23.23 19.82
N LEU A 1152 -21.14 -22.18 19.37
CA LEU A 1152 -21.13 -21.84 17.94
C LEU A 1152 -19.74 -21.48 17.47
N LEU A 1153 -18.99 -20.71 18.26
CA LEU A 1153 -17.64 -20.33 17.88
C LEU A 1153 -16.65 -21.48 18.02
N HIS A 1154 -16.91 -22.41 18.95
CA HIS A 1154 -16.03 -23.55 19.15
C HIS A 1154 -16.23 -24.63 18.10
N SER A 1155 -17.43 -24.73 17.52
CA SER A 1155 -17.68 -25.72 16.48
C SER A 1155 -16.93 -25.44 15.19
N VAL A 1156 -16.30 -24.26 15.05
CA VAL A 1156 -15.63 -23.89 13.81
C VAL A 1156 -14.47 -24.83 13.51
N LYS A 1157 -13.66 -25.16 14.52
CA LYS A 1157 -12.49 -25.99 14.29
C LYS A 1157 -12.87 -27.40 13.86
N PHE A 1158 -14.01 -27.90 14.34
CA PHE A 1158 -14.48 -29.22 13.94
C PHE A 1158 -15.16 -29.19 12.57
N LEU A 1159 -15.92 -28.13 12.27
CA LEU A 1159 -16.58 -28.03 10.97
C LEU A 1159 -15.58 -27.75 9.85
N ASN A 1160 -14.45 -27.13 10.18
CA ASN A 1160 -13.47 -26.75 9.16
C ASN A 1160 -12.89 -27.90 8.34
N PRO A 1161 -12.48 -29.05 8.91
CA PRO A 1161 -11.90 -30.11 8.05
C PRO A 1161 -12.82 -30.66 6.99
N LEU A 1162 -14.14 -30.45 7.10
CA LEU A 1162 -15.03 -30.75 5.98
C LEU A 1162 -14.61 -29.99 4.73
N PHE A 1163 -14.13 -28.77 4.90
CA PHE A 1163 -13.37 -28.07 3.86
C PHE A 1163 -11.88 -28.32 4.03
N GLY A 1164 -11.10 -27.95 3.02
CA GLY A 1164 -9.67 -28.09 3.17
C GLY A 1164 -9.03 -26.92 3.88
N ILE A 1165 -9.36 -26.71 5.15
CA ILE A 1165 -8.89 -25.53 5.88
C ILE A 1165 -7.85 -25.89 6.94
N TYR A 1166 -8.19 -26.83 7.83
CA TYR A 1166 -7.30 -27.27 8.92
C TYR A 1166 -6.92 -26.12 9.84
N SER A 1167 -7.89 -25.63 10.64
CA SER A 1167 -7.73 -24.56 11.62
C SER A 1167 -6.43 -24.59 12.41
N SER A 1168 -5.78 -23.44 12.51
CA SER A 1168 -4.49 -23.35 13.18
C SER A 1168 -4.64 -23.42 14.70
N GLU A 1169 -3.53 -23.74 15.36
CA GLU A 1169 -3.45 -23.71 16.81
C GLU A 1169 -3.04 -22.34 17.34
N LYS A 1170 -2.86 -21.35 16.47
CA LYS A 1170 -2.55 -20.00 16.89
C LYS A 1170 -3.79 -19.12 16.97
N SER A 1171 -4.96 -19.71 16.74
CA SER A 1171 -6.21 -18.98 16.77
C SER A 1171 -6.56 -18.56 18.19
N THR A 1172 -7.50 -17.62 18.29
CA THR A 1172 -8.00 -17.15 19.57
C THR A 1172 -9.52 -17.10 19.48
N VAL A 1173 -10.18 -17.99 20.21
CA VAL A 1173 -11.63 -18.13 20.14
C VAL A 1173 -12.23 -17.65 21.46
N ASN A 1174 -13.47 -17.15 21.36
CA ASN A 1174 -14.29 -16.76 22.51
C ASN A 1174 -13.62 -15.64 23.33
N THR A 1175 -13.52 -14.48 22.69
CA THR A 1175 -13.07 -13.27 23.35
C THR A 1175 -14.18 -12.24 23.26
N VAL A 1176 -14.37 -11.48 24.34
CA VAL A 1176 -15.58 -10.68 24.49
C VAL A 1176 -15.47 -9.40 23.69
N TYR A 1177 -14.51 -8.54 24.05
CA TYR A 1177 -14.41 -7.23 23.42
C TYR A 1177 -13.03 -7.05 22.80
N CYS A 1178 -12.53 -8.08 22.13
CA CYS A 1178 -11.20 -8.02 21.54
C CYS A 1178 -11.18 -8.85 20.26
N VAL A 1179 -10.48 -8.34 19.25
CA VAL A 1179 -10.38 -9.04 17.97
C VAL A 1179 -9.12 -8.54 17.26
N GLU A 1180 -8.35 -9.49 16.72
CA GLU A 1180 -7.13 -9.19 15.99
C GLU A 1180 -7.25 -9.77 14.57
N TYR A 1181 -7.80 -8.98 13.66
CA TYR A 1181 -7.99 -9.48 12.30
C TYR A 1181 -6.67 -9.58 11.54
N ASN A 1182 -5.98 -8.46 11.36
CA ASN A 1182 -4.78 -8.41 10.51
C ASN A 1182 -3.66 -7.67 11.22
N SER A 1183 -3.40 -8.07 12.47
CA SER A 1183 -2.42 -7.50 13.41
C SER A 1183 -2.90 -6.18 13.97
N GLU A 1184 -4.15 -5.81 13.72
CA GLU A 1184 -4.76 -4.61 14.30
C GLU A 1184 -5.61 -5.09 15.48
N PHE A 1185 -5.12 -4.86 16.69
CA PHE A 1185 -5.75 -5.38 17.91
C PHE A 1185 -6.78 -4.38 18.40
N HIS A 1186 -8.07 -4.70 18.23
CA HIS A 1186 -9.15 -3.84 18.69
C HIS A 1186 -9.60 -4.31 20.07
N PHE A 1187 -9.07 -3.68 21.11
CA PHE A 1187 -9.42 -4.03 22.49
C PHE A 1187 -10.53 -3.07 22.92
N HIS A 1188 -11.76 -3.46 22.61
CA HIS A 1188 -12.99 -2.68 22.84
C HIS A 1188 -12.84 -1.37 22.06
N ARG A 1189 -13.06 -0.21 22.68
CA ARG A 1189 -12.91 1.04 21.96
C ARG A 1189 -11.46 1.37 21.71
N HIS A 1190 -10.58 1.03 22.65
CA HIS A 1190 -9.15 1.20 22.44
C HIS A 1190 -8.69 0.33 21.27
N LEU A 1191 -8.03 0.96 20.31
CA LEU A 1191 -7.49 0.27 19.15
C LEU A 1191 -5.99 0.30 19.24
N VAL A 1192 -5.36 -0.87 19.29
CA VAL A 1192 -3.93 -0.99 19.50
C VAL A 1192 -3.30 -1.58 18.26
N ARG A 1193 -2.40 -0.83 17.64
CA ARG A 1193 -1.56 -1.34 16.58
C ARG A 1193 -0.12 -1.10 17.01
N PRO A 1194 0.74 -2.11 16.94
CA PRO A 1194 2.10 -1.95 17.47
C PRO A 1194 2.91 -0.94 16.66
N THR A 1195 3.57 -0.04 17.37
CA THR A 1195 4.44 0.95 16.74
C THR A 1195 5.90 0.52 16.76
N LEU A 1196 6.25 -0.49 17.55
CA LEU A 1196 7.61 -0.99 17.57
C LEU A 1196 7.99 -1.63 16.25
N ARG A 1197 7.02 -2.26 15.58
CA ARG A 1197 7.29 -2.93 14.30
C ARG A 1197 7.72 -1.94 13.23
N TRP A 1198 7.11 -0.75 13.20
CA TRP A 1198 7.50 0.26 12.22
C TRP A 1198 8.64 1.14 12.70
N ILE A 1199 8.82 1.28 14.02
CA ILE A 1199 9.99 1.97 14.54
C ILE A 1199 11.26 1.18 14.29
N ALA A 1200 11.17 -0.15 14.25
CA ALA A 1200 12.31 -0.99 13.92
C ALA A 1200 12.70 -0.87 12.46
N ALA A 1201 11.73 -0.67 11.57
CA ALA A 1201 11.97 -0.57 10.14
C ALA A 1201 12.20 0.86 9.67
N SER A 1202 12.45 1.78 10.60
CA SER A 1202 12.60 3.19 10.24
C SER A 1202 13.79 3.43 9.32
N HIS A 1203 14.91 2.76 9.57
CA HIS A 1203 16.17 3.08 8.91
C HIS A 1203 16.63 2.02 7.93
N GLN A 1204 15.72 1.38 7.20
CA GLN A 1204 16.10 0.47 6.12
C GLN A 1204 15.96 1.22 4.80
N ILE A 1205 17.09 1.62 4.24
CA ILE A 1205 17.09 2.45 3.03
C ILE A 1205 17.04 1.56 1.80
N SER A 1206 16.73 2.19 0.67
CA SER A 1206 16.77 1.55 -0.64
C SER A 1206 17.80 2.27 -1.49
N GLU A 1207 18.41 1.55 -2.42
CA GLU A 1207 19.44 2.12 -3.28
C GLU A 1207 18.88 3.28 -4.09
N THR A 1208 19.66 4.37 -4.16
CA THR A 1208 19.21 5.60 -4.79
C THR A 1208 20.24 6.06 -5.81
N GLU A 1209 19.76 6.38 -7.01
CA GLU A 1209 20.62 7.00 -8.02
C GLU A 1209 20.91 8.45 -7.67
N ALA A 1210 19.86 9.21 -7.38
CA ALA A 1210 19.98 10.56 -6.86
C ALA A 1210 20.33 10.49 -5.38
N LEU A 1211 20.33 11.65 -4.72
CA LEU A 1211 20.62 11.72 -3.29
C LEU A 1211 19.47 12.23 -2.45
N ALA A 1212 18.50 12.95 -3.05
CA ALA A 1212 17.32 13.36 -2.31
C ALA A 1212 16.31 12.23 -2.15
N SER A 1213 16.34 11.25 -3.04
CA SER A 1213 15.42 10.12 -2.94
C SER A 1213 15.66 9.29 -1.68
N ARG A 1214 16.89 9.26 -1.19
CA ARG A 1214 17.17 8.62 0.10
C ARG A 1214 16.41 9.30 1.22
N GLN A 1215 16.43 10.63 1.24
CA GLN A 1215 15.67 11.37 2.24
C GLN A 1215 14.18 11.21 2.04
N GLU A 1216 13.74 11.10 0.78
CA GLU A 1216 12.33 10.85 0.51
C GLU A 1216 11.88 9.49 1.05
N ASP A 1217 12.71 8.46 0.87
CA ASP A 1217 12.43 7.16 1.46
C ASP A 1217 12.44 7.22 2.99
N TYR A 1218 13.37 7.98 3.55
CA TYR A 1218 13.37 8.23 5.00
C TYR A 1218 12.05 8.86 5.45
N SER A 1219 11.55 9.81 4.67
CA SER A 1219 10.28 10.45 4.98
C SER A 1219 9.13 9.46 4.91
N ASN A 1220 9.13 8.57 3.91
CA ASN A 1220 8.07 7.56 3.83
C ASN A 1220 8.11 6.62 5.02
N LEU A 1221 9.32 6.20 5.43
CA LEU A 1221 9.44 5.34 6.60
C LEU A 1221 9.02 6.05 7.87
N LEU A 1222 9.35 7.34 7.99
CA LEU A 1222 8.90 8.13 9.15
C LEU A 1222 7.38 8.29 9.16
N THR A 1223 6.78 8.49 7.98
CA THR A 1223 5.33 8.62 7.89
C THR A 1223 4.64 7.33 8.29
N GLN A 1224 5.21 6.18 7.89
CA GLN A 1224 4.67 4.90 8.32
C GLN A 1224 4.73 4.75 9.84
N CYS A 1225 5.81 5.24 10.46
CA CYS A 1225 5.88 5.28 11.92
C CYS A 1225 4.78 6.16 12.50
N LEU A 1226 4.48 7.27 11.83
CA LEU A 1226 3.39 8.14 12.29
C LEU A 1226 2.04 7.42 12.22
N GLU A 1227 1.83 6.62 11.17
CA GLU A 1227 0.58 5.85 11.08
C GLU A 1227 0.44 4.86 12.22
N GLY A 1228 1.56 4.34 12.71
CA GLY A 1228 1.55 3.30 13.73
C GLY A 1228 1.09 3.75 15.10
N GLY A 1229 0.88 5.03 15.32
CA GLY A 1229 0.49 5.55 16.62
C GLY A 1229 1.59 6.24 17.39
N ALA A 1230 2.75 6.47 16.77
CA ALA A 1230 3.82 7.19 17.43
C ALA A 1230 3.46 8.65 17.63
N SER A 1231 3.86 9.19 18.78
CA SER A 1231 3.64 10.60 19.07
C SER A 1231 4.55 11.46 18.20
N PHE A 1232 4.15 12.73 18.01
CA PHE A 1232 4.90 13.64 17.16
C PHE A 1232 6.30 13.91 17.71
N SER A 1233 6.43 13.99 19.04
CA SER A 1233 7.76 14.12 19.64
C SER A 1233 8.61 12.88 19.38
N LEU A 1234 8.01 11.70 19.53
CA LEU A 1234 8.70 10.46 19.19
C LEU A 1234 9.04 10.42 17.71
N THR A 1235 8.13 10.88 16.86
CA THR A 1235 8.39 10.92 15.43
C THR A 1235 9.57 11.83 15.10
N TYR A 1236 9.65 12.99 15.74
CA TYR A 1236 10.76 13.89 15.52
C TYR A 1236 12.08 13.28 16.00
N LEU A 1237 12.05 12.58 17.13
CA LEU A 1237 13.25 11.90 17.61
C LEU A 1237 13.69 10.80 16.66
N ILE A 1238 12.75 10.07 16.08
CA ILE A 1238 13.09 9.06 15.08
C ILE A 1238 13.72 9.70 13.86
N GLN A 1239 13.21 10.85 13.43
CA GLN A 1239 13.83 11.55 12.30
C GLN A 1239 15.23 12.08 12.66
N CYS A 1240 15.42 12.50 13.91
CA CYS A 1240 16.77 12.87 14.36
C CYS A 1240 17.72 11.69 14.30
N ALA A 1241 17.24 10.49 14.65
CA ALA A 1241 18.02 9.28 14.46
C ALA A 1241 18.28 9.00 12.98
N GLN A 1242 17.28 9.25 12.13
CA GLN A 1242 17.44 9.05 10.70
C GLN A 1242 18.50 9.97 10.12
N LEU A 1243 18.58 11.20 10.63
CA LEU A 1243 19.64 12.12 10.22
C LEU A 1243 21.02 11.52 10.46
N LEU A 1244 21.24 10.96 11.66
CA LEU A 1244 22.50 10.31 11.98
C LEU A 1244 22.76 9.12 11.07
N HIS A 1245 21.72 8.35 10.77
CA HIS A 1245 21.89 7.21 9.86
C HIS A 1245 22.29 7.66 8.47
N HIS A 1246 21.65 8.72 7.97
CA HIS A 1246 21.96 9.23 6.64
C HIS A 1246 23.38 9.76 6.56
N TYR A 1247 23.81 10.47 7.61
CA TYR A 1247 25.18 10.98 7.60
C TYR A 1247 26.21 9.88 7.76
N MET A 1248 25.90 8.83 8.55
CA MET A 1248 26.83 7.72 8.68
C MET A 1248 26.98 6.95 7.38
N LEU A 1249 25.87 6.70 6.68
CA LEU A 1249 25.99 6.06 5.37
C LEU A 1249 26.66 7.00 4.38
N LEU A 1250 26.55 8.31 4.60
CA LEU A 1250 27.24 9.28 3.76
C LEU A 1250 28.75 9.29 3.99
N GLY A 1251 29.21 8.85 5.15
CA GLY A 1251 30.64 8.85 5.45
C GLY A 1251 31.05 9.54 6.73
N LEU A 1252 30.16 9.75 7.72
CA LEU A 1252 30.50 10.54 8.90
C LEU A 1252 31.55 9.87 9.78
N CYS A 1253 31.88 8.63 9.48
CA CYS A 1253 32.80 7.88 10.34
C CYS A 1253 33.81 7.08 9.55
N LEU A 1254 33.81 7.21 8.23
CA LEU A 1254 34.77 6.48 7.39
C LEU A 1254 35.69 7.40 6.61
N HIS A 1255 35.16 8.35 5.85
CA HIS A 1255 35.99 9.13 4.96
C HIS A 1255 36.67 10.27 5.71
N PRO A 1256 37.99 10.45 5.55
CA PRO A 1256 38.68 11.55 6.24
C PRO A 1256 38.17 12.93 5.83
N LEU A 1257 37.81 13.11 4.56
CA LEU A 1257 37.41 14.43 4.06
C LEU A 1257 35.99 14.83 4.45
N PHE A 1258 35.33 14.08 5.33
CA PHE A 1258 33.95 14.40 5.70
C PHE A 1258 33.83 15.79 6.31
N GLY A 1259 34.79 16.17 7.15
CA GLY A 1259 34.83 17.50 7.76
C GLY A 1259 34.73 18.63 6.75
N THR A 1260 35.48 18.52 5.65
CA THR A 1260 35.37 19.51 4.58
C THR A 1260 34.00 19.46 3.93
N PHE A 1261 33.46 18.25 3.73
CA PHE A 1261 32.10 18.12 3.21
C PHE A 1261 31.08 18.72 4.18
N MET A 1262 31.31 18.57 5.48
CA MET A 1262 30.43 19.18 6.47
C MET A 1262 30.48 20.70 6.38
N GLY A 1263 31.69 21.26 6.27
CA GLY A 1263 31.82 22.71 6.13
C GLY A 1263 31.16 23.23 4.86
N MET A 1264 31.29 22.50 3.76
CA MET A 1264 30.62 22.87 2.52
C MET A 1264 29.10 22.79 2.67
N LEU A 1265 28.59 21.77 3.37
CA LEU A 1265 27.16 21.66 3.59
C LEU A 1265 26.62 22.80 4.45
N ILE A 1266 27.41 23.25 5.43
CA ILE A 1266 26.99 24.36 6.29
C ILE A 1266 26.75 25.62 5.47
N SER A 1267 27.67 25.93 4.55
CA SER A 1267 27.52 27.11 3.72
C SER A 1267 26.35 26.97 2.75
N ASP A 1268 26.24 25.82 2.09
CA ASP A 1268 25.15 25.55 1.16
C ASP A 1268 24.34 24.36 1.62
N PRO A 1269 23.24 24.56 2.37
CA PRO A 1269 22.36 23.44 2.68
C PRO A 1269 21.45 23.11 1.52
N ASP A 1270 21.67 21.97 0.88
CA ASP A 1270 20.93 21.63 -0.33
C ASP A 1270 20.50 20.17 -0.27
N PRO A 1271 19.20 19.88 -0.37
CA PRO A 1271 18.79 18.50 -0.65
C PRO A 1271 19.31 18.04 -2.00
N ALA A 1272 19.64 16.75 -2.09
CA ALA A 1272 20.31 16.04 -3.18
C ALA A 1272 21.80 16.37 -3.22
N LEU A 1273 22.29 17.24 -2.34
CA LEU A 1273 23.71 17.41 -2.08
C LEU A 1273 24.11 16.93 -0.70
N GLY A 1274 23.26 16.14 -0.05
CA GLY A 1274 23.59 15.50 1.21
C GLY A 1274 23.09 16.17 2.47
N PHE A 1275 22.31 17.25 2.37
CA PHE A 1275 21.75 17.89 3.54
C PHE A 1275 20.38 17.30 3.87
N PHE A 1276 20.10 17.13 5.16
CA PHE A 1276 18.87 16.47 5.63
C PHE A 1276 17.92 17.54 6.15
N LEU A 1277 16.73 17.62 5.55
CA LEU A 1277 15.71 18.55 5.99
C LEU A 1277 14.99 18.00 7.22
N MET A 1278 14.99 18.76 8.31
CA MET A 1278 14.35 18.34 9.55
C MET A 1278 12.96 18.98 9.65
N ASP A 1279 11.97 18.17 9.96
CA ASP A 1279 10.59 18.63 10.03
C ASP A 1279 10.35 19.45 11.30
N ASN A 1280 9.23 20.16 11.32
CA ASN A 1280 8.80 20.86 12.52
C ASN A 1280 8.49 19.83 13.61
N PRO A 1281 8.82 20.13 14.88
CA PRO A 1281 8.55 19.17 15.96
C PRO A 1281 7.08 18.87 16.16
N ALA A 1282 6.21 19.89 16.09
CA ALA A 1282 4.78 19.68 16.36
C ALA A 1282 4.14 18.80 15.30
N PHE A 1283 4.46 19.02 14.02
CA PHE A 1283 4.02 18.18 12.92
C PHE A 1283 5.24 17.58 12.25
N ALA A 1284 5.49 16.29 12.48
CA ALA A 1284 6.74 15.67 12.09
C ALA A 1284 6.62 14.77 10.86
N GLY A 1285 5.74 13.77 10.91
CA GLY A 1285 5.59 12.85 9.81
C GLY A 1285 4.42 13.12 8.90
N GLY A 1286 3.58 14.09 9.24
CA GLY A 1286 2.41 14.38 8.43
C GLY A 1286 2.76 14.94 7.06
N ALA A 1287 3.80 15.77 6.99
CA ALA A 1287 4.15 16.49 5.79
C ALA A 1287 5.33 15.81 5.10
N GLY A 1288 5.17 15.52 3.82
CA GLY A 1288 6.22 14.86 3.05
C GLY A 1288 7.45 15.70 2.78
N PHE A 1289 8.29 15.23 1.87
CA PHE A 1289 9.52 15.95 1.53
C PHE A 1289 9.23 17.26 0.82
N ARG A 1290 8.11 17.33 0.10
CA ARG A 1290 7.74 18.53 -0.64
C ARG A 1290 7.55 19.72 0.29
N PHE A 1291 6.86 19.53 1.41
CA PHE A 1291 6.64 20.62 2.34
C PHE A 1291 7.96 21.13 2.93
N ASN A 1292 8.87 20.21 3.26
CA ASN A 1292 10.17 20.60 3.78
C ASN A 1292 10.99 21.36 2.74
N LEU A 1293 10.95 20.91 1.49
CA LEU A 1293 11.61 21.62 0.40
C LEU A 1293 11.02 23.01 0.22
N TRP A 1294 9.70 23.14 0.28
CA TRP A 1294 9.07 24.44 0.13
C TRP A 1294 9.46 25.38 1.26
N ARG A 1295 9.46 24.88 2.50
CA ARG A 1295 9.81 25.72 3.64
C ARG A 1295 11.27 26.17 3.58
N ALA A 1296 12.18 25.25 3.20
CA ALA A 1296 13.58 25.62 3.06
C ALA A 1296 13.79 26.62 1.93
N CYS A 1297 13.06 26.44 0.82
CA CYS A 1297 13.14 27.42 -0.26
C CYS A 1297 12.65 28.79 0.20
N LYS A 1298 11.63 28.81 1.05
CA LYS A 1298 11.15 30.09 1.57
C LYS A 1298 12.16 30.74 2.51
N THR A 1299 12.92 29.95 3.28
CA THR A 1299 13.74 30.52 4.35
C THR A 1299 15.18 29.99 4.34
N THR A 1300 15.77 29.81 3.17
CA THR A 1300 17.21 29.53 3.08
C THR A 1300 17.71 29.96 1.71
N ASP A 1301 19.03 29.83 1.53
CA ASP A 1301 19.67 30.03 0.24
C ASP A 1301 19.34 28.94 -0.77
N LEU A 1302 18.67 27.87 -0.33
CA LEU A 1302 18.09 26.90 -1.25
C LEU A 1302 17.10 27.57 -2.18
N GLY A 1303 16.39 28.59 -1.70
CA GLY A 1303 15.59 29.41 -2.59
C GLY A 1303 16.42 30.06 -3.69
N ARG A 1304 17.59 30.59 -3.34
CA ARG A 1304 18.49 31.19 -4.33
C ARG A 1304 18.91 30.18 -5.38
N LYS A 1305 19.34 28.99 -4.94
CA LYS A 1305 19.75 27.94 -5.87
C LYS A 1305 18.60 27.46 -6.74
N TYR A 1306 17.41 27.29 -6.16
CA TYR A 1306 16.25 26.86 -6.93
C TYR A 1306 15.86 27.91 -7.97
N ALA A 1307 15.86 29.18 -7.57
CA ALA A 1307 15.59 30.28 -8.51
C ALA A 1307 16.59 30.27 -9.65
N TYR A 1308 17.88 30.11 -9.35
CA TYR A 1308 18.89 29.96 -10.39
C TYR A 1308 18.55 28.81 -11.34
N TYR A 1309 18.27 27.63 -10.78
CA TYR A 1309 17.97 26.46 -11.61
C TYR A 1309 16.75 26.70 -12.48
N PHE A 1310 15.69 27.29 -11.93
CA PHE A 1310 14.51 27.55 -12.74
C PHE A 1310 14.70 28.72 -13.71
N ASN A 1311 15.72 29.56 -13.50
CA ASN A 1311 16.08 30.52 -14.54
C ASN A 1311 16.81 29.83 -15.68
N GLU A 1312 17.62 28.82 -15.35
CA GLU A 1312 18.21 27.98 -16.38
C GLU A 1312 17.14 27.26 -17.17
N ILE A 1313 16.11 26.76 -16.48
CA ILE A 1313 15.01 26.06 -17.14
C ILE A 1313 14.19 27.02 -18.00
N GLN A 1314 13.92 28.23 -17.49
CA GLN A 1314 13.17 29.21 -18.27
C GLN A 1314 13.99 29.75 -19.44
N GLY A 1315 15.31 29.75 -19.32
CA GLY A 1315 16.18 30.14 -20.41
C GLY A 1315 16.69 31.56 -20.39
N LYS A 1316 16.42 32.32 -19.33
CA LYS A 1316 16.91 33.69 -19.23
C LYS A 1316 18.34 33.77 -18.72
N THR A 1317 18.93 32.64 -18.35
CA THR A 1317 20.33 32.54 -17.95
C THR A 1317 20.92 31.34 -18.67
N LYS A 1318 22.02 31.55 -19.40
CA LYS A 1318 22.62 30.46 -20.16
C LYS A 1318 23.19 29.39 -19.24
N GLY A 1319 24.22 29.74 -18.47
CA GLY A 1319 24.81 28.82 -17.50
C GLY A 1319 25.18 27.47 -18.09
N ASP A 1320 25.77 27.47 -19.29
CA ASP A 1320 25.84 26.29 -20.13
C ASP A 1320 26.72 25.21 -19.53
N GLU A 1321 26.53 23.99 -20.02
CA GLU A 1321 27.30 22.78 -19.65
C GLU A 1321 27.02 22.49 -18.18
N ASP A 1322 28.03 22.47 -17.30
CA ASP A 1322 27.81 22.14 -15.90
C ASP A 1322 26.85 23.13 -15.25
N TYR A 1323 26.07 22.60 -14.30
CA TYR A 1323 24.89 23.16 -13.62
C TYR A 1323 23.66 22.64 -14.35
N ARG A 1324 22.66 23.50 -14.53
CA ARG A 1324 21.48 23.23 -15.35
C ARG A 1324 20.76 21.96 -14.93
N ALA A 1325 20.18 22.02 -13.73
CA ALA A 1325 19.43 20.89 -13.18
C ALA A 1325 18.11 20.76 -13.95
N LEU A 1326 18.21 20.16 -15.14
CA LEU A 1326 17.10 20.01 -16.05
C LEU A 1326 16.39 18.67 -15.88
N ASP A 1327 16.75 17.90 -14.86
CA ASP A 1327 16.10 16.64 -14.54
C ASP A 1327 15.63 16.66 -13.10
N ALA A 1328 14.46 16.06 -12.87
CA ALA A 1328 13.85 16.04 -11.55
C ALA A 1328 13.48 14.62 -11.18
N THR A 1329 13.32 14.39 -9.88
CA THR A 1329 12.94 13.10 -9.34
C THR A 1329 11.55 13.23 -8.71
N SER A 1330 11.07 12.14 -8.12
CA SER A 1330 9.76 12.15 -7.49
C SER A 1330 9.78 13.04 -6.24
N GLY A 1331 8.59 13.46 -5.83
CA GLY A 1331 8.49 14.37 -4.71
C GLY A 1331 8.99 15.77 -5.01
N GLY A 1332 8.89 16.21 -6.25
CA GLY A 1332 9.16 17.60 -6.63
C GLY A 1332 10.55 18.10 -6.33
N THR A 1333 11.57 17.27 -6.57
CA THR A 1333 12.96 17.63 -6.33
C THR A 1333 13.74 17.53 -7.62
N LEU A 1334 14.44 18.60 -7.97
CA LEU A 1334 15.22 18.67 -9.21
C LEU A 1334 16.69 18.86 -8.87
N SER A 1335 17.55 18.09 -9.52
CA SER A 1335 18.99 18.20 -9.32
C SER A 1335 19.69 17.55 -10.50
N HIS A 1336 20.88 18.07 -10.82
CA HIS A 1336 21.74 17.50 -11.83
C HIS A 1336 22.75 16.51 -11.26
N SER A 1337 22.58 16.12 -10.00
CA SER A 1337 23.50 15.21 -9.33
C SER A 1337 22.91 13.82 -9.27
N VAL A 1338 23.64 12.85 -9.83
CA VAL A 1338 23.23 11.44 -9.80
C VAL A 1338 24.48 10.58 -9.90
N MET A 1339 24.56 9.53 -9.07
CA MET A 1339 25.65 8.57 -9.15
C MET A 1339 25.20 7.33 -9.91
N VAL A 1340 25.20 7.49 -11.24
CA VAL A 1340 24.78 6.43 -12.14
C VAL A 1340 25.68 5.20 -12.02
N TYR A 1341 26.97 5.43 -11.73
CA TYR A 1341 27.96 4.36 -11.76
C TYR A 1341 27.61 3.22 -10.80
N TRP A 1342 27.35 3.55 -9.53
CA TRP A 1342 26.82 2.62 -8.53
C TRP A 1342 27.61 1.30 -8.47
N GLY A 1343 28.93 1.40 -8.47
CA GLY A 1343 29.74 0.19 -8.51
C GLY A 1343 29.65 -0.56 -9.82
N ASP A 1344 29.56 0.18 -10.94
CA ASP A 1344 29.73 -0.27 -12.33
C ASP A 1344 28.42 -0.83 -12.87
N ARG A 1345 28.41 -1.18 -14.17
CA ARG A 1345 27.19 -1.55 -14.88
C ARG A 1345 27.38 -2.85 -15.64
N LYS A 1346 28.00 -3.83 -14.98
CA LYS A 1346 28.18 -5.14 -15.61
C LYS A 1346 26.83 -5.84 -15.82
N LYS A 1347 26.01 -5.88 -14.76
CA LYS A 1347 24.70 -6.53 -14.87
C LYS A 1347 23.78 -5.75 -15.80
N TYR A 1348 23.85 -4.42 -15.74
CA TYR A 1348 23.03 -3.59 -16.61
C TYR A 1348 23.40 -3.80 -18.07
N GLN A 1349 24.70 -3.89 -18.36
CA GLN A 1349 25.12 -4.11 -19.74
C GLN A 1349 24.76 -5.51 -20.21
N ALA A 1350 24.83 -6.51 -19.32
CA ALA A 1350 24.39 -7.85 -19.69
C ALA A 1350 22.90 -7.89 -20.02
N LEU A 1351 22.09 -7.21 -19.21
CA LEU A 1351 20.65 -7.12 -19.50
C LEU A 1351 20.40 -6.35 -20.79
N LEU A 1352 21.20 -5.32 -21.04
CA LEU A 1352 21.01 -4.50 -22.24
C LEU A 1352 21.32 -5.29 -23.51
N ASN A 1353 22.48 -5.96 -23.56
CA ASN A 1353 22.86 -6.65 -24.78
C ASN A 1353 22.24 -8.04 -24.91
N ARG A 1354 21.67 -8.59 -23.85
CA ARG A 1354 20.95 -9.85 -23.99
C ARG A 1354 19.66 -9.68 -24.78
N MET A 1355 18.96 -8.55 -24.56
CA MET A 1355 17.73 -8.26 -25.26
C MET A 1355 18.00 -7.47 -26.53
N GLY A 1356 17.24 -7.76 -27.58
CA GLY A 1356 17.46 -7.14 -28.88
C GLY A 1356 16.73 -5.83 -29.06
N LEU A 1357 16.88 -4.91 -28.12
CA LEU A 1357 16.29 -3.59 -28.24
C LEU A 1357 17.12 -2.71 -29.16
N PRO A 1358 16.51 -1.71 -29.78
CA PRO A 1358 17.30 -0.71 -30.53
C PRO A 1358 17.95 0.27 -29.58
N GLU A 1359 19.26 0.46 -29.73
CA GLU A 1359 20.02 1.32 -28.84
C GLU A 1359 19.96 2.79 -29.24
N ASP A 1360 19.08 3.16 -30.16
CA ASP A 1360 18.85 4.52 -30.58
C ASP A 1360 17.41 4.92 -30.33
N TRP A 1361 16.89 4.57 -29.14
CA TRP A 1361 15.49 4.78 -28.84
C TRP A 1361 15.15 6.26 -28.67
N VAL A 1362 16.13 7.08 -28.27
CA VAL A 1362 15.87 8.51 -28.10
C VAL A 1362 15.69 9.23 -29.44
N GLU A 1363 16.20 8.66 -30.53
CA GLU A 1363 16.03 9.28 -31.84
C GLU A 1363 14.64 9.05 -32.39
N GLN A 1364 14.08 7.85 -32.18
CA GLN A 1364 12.70 7.60 -32.57
C GLN A 1364 11.70 8.21 -31.59
N ILE A 1365 12.10 8.37 -30.32
CA ILE A 1365 11.25 9.08 -29.37
C ILE A 1365 11.19 10.56 -29.71
N ASP A 1366 12.31 11.15 -30.13
CA ASP A 1366 12.32 12.55 -30.52
C ASP A 1366 11.43 12.80 -31.74
N GLU A 1367 11.54 11.96 -32.77
CA GLU A 1367 10.74 12.15 -33.97
C GLU A 1367 9.29 11.75 -33.79
N ASN A 1368 9.00 10.88 -32.83
CA ASN A 1368 7.62 10.47 -32.52
C ASN A 1368 7.42 10.58 -31.01
N PRO A 1369 7.16 11.77 -30.48
CA PRO A 1369 6.90 11.94 -29.06
C PRO A 1369 5.51 11.51 -28.62
N GLY A 1370 4.72 10.91 -29.51
CA GLY A 1370 3.35 10.57 -29.20
C GLY A 1370 3.21 9.53 -28.10
N VAL A 1371 4.07 8.51 -28.12
CA VAL A 1371 3.93 7.39 -27.17
C VAL A 1371 4.69 7.80 -25.92
N LEU A 1372 4.05 8.66 -25.13
CA LEU A 1372 4.36 8.85 -23.72
C LEU A 1372 3.08 9.04 -22.93
N TYR A 1373 1.93 9.10 -23.59
CA TYR A 1373 0.63 9.24 -22.92
C TYR A 1373 -0.42 8.32 -23.51
N ARG A 1374 -0.10 7.54 -24.54
CA ARG A 1374 -1.03 6.59 -25.15
C ARG A 1374 -0.58 5.16 -24.87
N ARG A 1375 -1.55 4.28 -24.70
CA ARG A 1375 -1.29 2.90 -24.31
C ARG A 1375 -0.51 2.11 -25.36
N ALA A 1376 -1.10 1.88 -26.52
CA ALA A 1376 -0.51 0.98 -27.52
C ALA A 1376 -1.19 1.10 -28.88
N ALA A 1377 -0.41 1.26 -29.93
CA ALA A 1377 -0.94 1.20 -31.29
C ALA A 1377 -0.31 0.09 -32.12
N ASN A 1378 1.02 0.03 -32.19
CA ASN A 1378 1.71 -0.97 -33.00
C ASN A 1378 2.99 -1.40 -32.29
N LYS A 1379 3.68 -2.36 -32.91
CA LYS A 1379 4.80 -3.04 -32.24
C LYS A 1379 6.01 -2.13 -32.08
N LYS A 1380 6.25 -1.20 -33.01
CA LYS A 1380 7.40 -0.31 -32.90
C LYS A 1380 7.27 0.59 -31.69
N GLU A 1381 6.07 1.11 -31.44
CA GLU A 1381 5.83 1.91 -30.25
C GLU A 1381 5.94 1.09 -28.97
N LEU A 1382 5.52 -0.18 -29.03
CA LEU A 1382 5.72 -1.08 -27.89
C LEU A 1382 7.20 -1.28 -27.59
N LEU A 1383 8.01 -1.44 -28.63
CA LEU A 1383 9.44 -1.59 -28.44
C LEU A 1383 10.06 -0.31 -27.89
N LEU A 1384 9.58 0.85 -28.35
CA LEU A 1384 10.08 2.12 -27.81
C LEU A 1384 9.75 2.27 -26.33
N LYS A 1385 8.52 1.91 -25.95
CA LYS A 1385 8.15 1.98 -24.53
C LYS A 1385 8.91 0.96 -23.69
N LEU A 1386 9.19 -0.22 -24.26
CA LEU A 1386 10.02 -1.21 -23.56
C LEU A 1386 11.43 -0.67 -23.34
N ALA A 1387 11.99 -0.01 -24.35
CA ALA A 1387 13.32 0.60 -24.21
C ALA A 1387 13.31 1.73 -23.20
N GLU A 1388 12.21 2.47 -23.13
CA GLU A 1388 12.08 3.51 -22.10
C GLU A 1388 12.03 2.89 -20.72
N LYS A 1389 11.28 1.79 -20.55
CA LYS A 1389 11.15 1.16 -19.23
C LYS A 1389 12.42 0.44 -18.83
N VAL A 1390 13.26 0.02 -19.80
CA VAL A 1390 14.53 -0.62 -19.48
C VAL A 1390 15.63 0.39 -19.20
N HIS A 1391 15.33 1.68 -19.31
CA HIS A 1391 16.28 2.74 -18.96
C HIS A 1391 15.72 3.70 -17.93
N SER A 1392 14.66 3.33 -17.23
CA SER A 1392 14.06 4.18 -16.21
C SER A 1392 14.99 4.29 -15.01
N PRO A 1393 15.03 5.46 -14.36
CA PRO A 1393 15.87 5.60 -13.17
C PRO A 1393 15.49 4.66 -12.04
N GLY A 1394 14.21 4.33 -11.88
CA GLY A 1394 13.83 3.42 -10.82
C GLY A 1394 13.49 2.01 -11.24
N VAL A 1395 12.67 1.85 -12.28
CA VAL A 1395 11.95 0.58 -12.50
C VAL A 1395 12.93 -0.55 -12.75
N THR A 1396 13.95 -0.30 -13.57
CA THR A 1396 14.96 -1.30 -13.90
C THR A 1396 16.20 -1.20 -13.02
N SER A 1397 16.62 0.01 -12.69
CA SER A 1397 17.87 0.19 -11.95
C SER A 1397 17.76 -0.33 -10.51
N SER A 1398 16.65 -0.03 -9.82
CA SER A 1398 16.56 -0.34 -8.40
C SER A 1398 16.37 -1.83 -8.16
N LEU A 1399 15.73 -2.53 -9.11
CA LEU A 1399 15.23 -3.89 -8.86
C LEU A 1399 16.35 -4.87 -8.54
N SER A 1400 17.48 -4.76 -9.23
CA SER A 1400 18.62 -5.60 -8.89
C SER A 1400 19.21 -5.18 -7.55
N LYS A 1401 19.25 -6.13 -6.60
CA LYS A 1401 19.68 -5.85 -5.24
C LYS A 1401 19.82 -7.10 -4.38
N GLY A 1402 20.72 -7.04 -3.40
CA GLY A 1402 20.81 -8.07 -2.37
C GLY A 1402 20.57 -7.49 -0.98
N HIS A 1403 21.63 -7.38 -0.19
CA HIS A 1403 21.59 -6.67 1.08
C HIS A 1403 21.97 -5.21 0.82
N VAL A 1404 20.98 -4.33 0.89
CA VAL A 1404 21.16 -2.96 0.40
C VAL A 1404 22.06 -2.15 1.33
N VAL A 1405 21.81 -2.20 2.64
CA VAL A 1405 22.48 -1.28 3.55
C VAL A 1405 23.99 -1.49 3.65
N PRO A 1406 24.52 -2.72 3.80
CA PRO A 1406 25.99 -2.86 3.73
C PRO A 1406 26.60 -2.43 2.41
N ARG A 1407 25.92 -2.73 1.30
CA ARG A 1407 26.40 -2.34 -0.02
C ARG A 1407 26.51 -0.82 -0.14
N VAL A 1408 25.48 -0.11 0.35
CA VAL A 1408 25.50 1.35 0.35
C VAL A 1408 26.63 1.86 1.25
N VAL A 1409 26.69 1.35 2.48
CA VAL A 1409 27.64 1.88 3.45
C VAL A 1409 29.08 1.55 3.09
N ALA A 1410 29.30 0.54 2.24
CA ALA A 1410 30.64 0.28 1.75
C ALA A 1410 31.12 1.37 0.80
N ALA A 1411 30.20 2.13 0.20
CA ALA A 1411 30.55 3.23 -0.68
C ALA A 1411 30.87 4.51 0.07
N GLY A 1412 30.76 4.52 1.40
CA GLY A 1412 31.03 5.72 2.17
C GLY A 1412 32.48 6.15 2.16
N VAL A 1413 33.39 5.28 1.72
CA VAL A 1413 34.81 5.61 1.70
C VAL A 1413 35.26 6.21 0.37
N TYR A 1414 34.47 6.06 -0.70
CA TYR A 1414 34.81 6.68 -1.98
C TYR A 1414 33.76 7.66 -2.50
N LEU A 1415 32.57 7.69 -1.90
CA LEU A 1415 31.52 8.59 -2.39
C LEU A 1415 31.93 10.05 -2.29
N LEU A 1416 32.57 10.42 -1.19
CA LEU A 1416 32.89 11.82 -0.95
C LEU A 1416 33.98 12.33 -1.88
N SER A 1417 35.05 11.55 -2.09
CA SER A 1417 36.16 11.96 -2.94
C SER A 1417 36.52 10.84 -3.93
N ARG A 1418 35.82 10.81 -5.06
CA ARG A 1418 36.13 9.99 -6.22
C ARG A 1418 35.15 10.40 -7.32
N HIS A 1419 35.41 9.92 -8.54
CA HIS A 1419 34.61 10.30 -9.70
C HIS A 1419 33.47 9.31 -9.86
N CYS A 1420 32.34 9.63 -9.25
CA CYS A 1420 31.18 8.74 -9.27
C CYS A 1420 29.92 9.47 -9.73
N PHE A 1421 29.87 10.77 -9.50
CA PHE A 1421 28.66 11.56 -9.76
C PHE A 1421 28.71 12.12 -11.17
N ARG A 1422 27.82 11.63 -12.03
CA ARG A 1422 27.67 12.19 -13.37
C ARG A 1422 26.85 13.46 -13.32
N PHE A 1423 27.11 14.35 -14.28
CA PHE A 1423 26.37 15.61 -14.41
C PHE A 1423 25.11 15.34 -15.22
N SER A 1424 23.96 15.43 -14.56
CA SER A 1424 22.69 15.19 -15.22
C SER A 1424 22.09 16.49 -15.75
N THR A 1433 28.70 13.75 -19.07
CA THR A 1433 29.63 12.72 -19.51
C THR A 1433 30.68 12.45 -18.44
N GLN A 1434 31.40 13.50 -18.05
CA GLN A 1434 32.43 13.36 -17.04
C GLN A 1434 31.81 13.17 -15.66
N LYS A 1435 32.58 12.54 -14.77
CA LYS A 1435 32.16 12.27 -13.41
C LYS A 1435 32.97 13.13 -12.44
N ALA A 1436 32.46 13.23 -11.22
CA ALA A 1436 33.10 14.03 -10.18
C ALA A 1436 32.63 13.51 -8.82
N SER A 1437 32.86 14.29 -7.78
CA SER A 1437 32.54 13.93 -6.42
C SER A 1437 31.50 14.88 -5.83
N LEU A 1438 31.07 14.55 -4.61
CA LEU A 1438 30.20 15.48 -3.88
C LEU A 1438 30.94 16.77 -3.58
N ILE A 1439 32.21 16.67 -3.23
CA ILE A 1439 33.02 17.85 -2.95
C ILE A 1439 33.23 18.67 -4.22
N LYS A 1440 33.53 18.00 -5.34
CA LYS A 1440 33.70 18.71 -6.61
C LYS A 1440 32.42 19.42 -7.03
N LEU A 1441 31.27 18.74 -6.90
CA LEU A 1441 29.99 19.34 -7.25
C LEU A 1441 29.66 20.51 -6.33
N LEU A 1442 29.94 20.38 -5.03
CA LEU A 1442 29.71 21.47 -4.10
C LEU A 1442 30.59 22.66 -4.40
N MET A 1443 31.86 22.42 -4.76
CA MET A 1443 32.74 23.52 -5.12
C MET A 1443 32.30 24.20 -6.42
N MET A 1444 31.76 23.42 -7.37
CA MET A 1444 31.22 24.02 -8.58
C MET A 1444 29.97 24.85 -8.28
N SER A 1445 29.12 24.38 -7.38
CA SER A 1445 27.95 25.15 -6.99
C SER A 1445 28.28 26.31 -6.05
N SER A 1446 29.49 26.34 -5.49
CA SER A 1446 29.89 27.42 -4.61
C SER A 1446 30.15 28.72 -5.35
N ILE A 1447 30.29 28.67 -6.67
CA ILE A 1447 30.44 29.87 -7.49
C ILE A 1447 29.20 30.11 -8.33
N SER A 1448 28.13 29.36 -8.08
CA SER A 1448 26.87 29.51 -8.81
C SER A 1448 25.73 29.97 -7.92
N ALA A 1449 25.43 29.25 -6.83
CA ALA A 1449 24.28 29.60 -5.99
C ALA A 1449 24.53 30.92 -5.26
N MET A 1450 25.72 31.08 -4.68
CA MET A 1450 26.06 32.34 -4.02
C MET A 1450 26.10 33.48 -5.02
N LYS A 1451 26.62 33.21 -6.22
CA LYS A 1451 26.75 34.25 -7.23
C LYS A 1451 25.40 34.67 -7.79
N HIS A 1452 24.40 33.78 -7.73
CA HIS A 1452 23.10 34.07 -8.34
C HIS A 1452 22.40 35.24 -7.66
N GLY A 1453 22.25 35.17 -6.35
CA GLY A 1453 21.69 36.29 -5.58
C GLY A 1453 20.28 36.70 -5.98
N GLY A 1454 19.40 35.73 -6.19
CA GLY A 1454 18.02 36.04 -6.53
C GLY A 1454 17.00 35.59 -5.51
N SER A 1455 15.81 35.23 -5.98
CA SER A 1455 14.70 34.78 -5.14
C SER A 1455 13.63 34.19 -6.04
N LEU A 1456 12.60 33.62 -5.43
CA LEU A 1456 11.51 32.96 -6.15
C LEU A 1456 10.31 33.89 -6.19
N ASN A 1457 9.94 34.33 -7.40
CA ASN A 1457 8.72 35.07 -7.57
C ASN A 1457 7.52 34.13 -7.40
N PRO A 1458 6.34 34.68 -7.07
CA PRO A 1458 5.19 33.80 -6.78
C PRO A 1458 4.78 32.89 -7.94
N ASN A 1459 4.91 33.32 -9.19
CA ASN A 1459 4.64 32.41 -10.30
C ASN A 1459 5.66 31.27 -10.33
N GLN A 1460 6.93 31.60 -10.14
CA GLN A 1460 7.99 30.58 -10.12
C GLN A 1460 7.77 29.58 -8.99
N GLU A 1461 7.33 30.06 -7.83
CA GLU A 1461 7.05 29.16 -6.71
C GLU A 1461 5.80 28.33 -6.99
N ARG A 1462 4.75 28.96 -7.53
CA ARG A 1462 3.48 28.29 -7.74
C ARG A 1462 3.52 27.41 -9.00
N MET A 1463 4.70 27.29 -9.59
CA MET A 1463 4.94 26.18 -10.51
C MET A 1463 6.07 25.26 -10.09
N LEU A 1464 6.95 25.69 -9.20
CA LEU A 1464 7.82 24.75 -8.50
C LEU A 1464 7.07 24.00 -7.40
N PHE A 1465 6.03 24.62 -6.84
CA PHE A 1465 5.24 24.02 -5.75
C PHE A 1465 3.78 24.38 -5.94
N PRO A 1466 3.06 23.61 -6.79
CA PRO A 1466 1.63 23.86 -7.02
C PRO A 1466 0.78 23.89 -5.75
N GLN A 1467 1.24 23.20 -4.70
CA GLN A 1467 0.52 23.12 -3.44
C GLN A 1467 0.97 24.15 -2.43
N ALA A 1468 1.54 25.28 -2.88
CA ALA A 1468 2.13 26.25 -1.97
C ALA A 1468 1.09 26.87 -1.04
N GLN A 1469 -0.13 27.05 -1.52
CA GLN A 1469 -1.18 27.67 -0.69
C GLN A 1469 -1.48 26.82 0.53
N GLU A 1470 -1.66 25.51 0.34
CA GLU A 1470 -1.86 24.62 1.47
C GLU A 1470 -0.63 24.59 2.36
N TYR A 1471 0.56 24.72 1.76
CA TYR A 1471 1.80 24.71 2.54
C TYR A 1471 1.87 25.90 3.49
N ASP A 1472 1.55 27.10 3.00
CA ASP A 1472 1.57 28.27 3.89
C ASP A 1472 0.42 28.23 4.89
N ARG A 1473 -0.73 27.69 4.48
CA ARG A 1473 -1.84 27.54 5.44
C ARG A 1473 -1.46 26.61 6.59
N VAL A 1474 -0.79 25.49 6.28
CA VAL A 1474 -0.35 24.58 7.33
C VAL A 1474 0.78 25.19 8.15
N CYS A 1475 1.68 25.92 7.50
CA CYS A 1475 2.81 26.54 8.20
C CYS A 1475 2.35 27.62 9.16
N THR A 1476 1.24 28.32 8.84
CA THR A 1476 0.66 29.26 9.78
C THR A 1476 0.18 28.55 11.05
N LEU A 1477 -0.47 27.40 10.90
CA LEU A 1477 -0.91 26.63 12.05
C LEU A 1477 0.28 26.11 12.86
N LEU A 1478 1.31 25.62 12.17
CA LEU A 1478 2.50 25.11 12.85
C LEU A 1478 3.25 26.22 13.57
N GLU A 1479 3.31 27.41 12.97
CA GLU A 1479 4.02 28.53 13.60
C GLU A 1479 3.36 28.97 14.89
N GLU A 1480 2.02 28.84 14.97
CA GLU A 1480 1.29 29.30 16.15
C GLU A 1480 1.67 28.50 17.39
N VAL A 1481 1.84 27.19 17.26
CA VAL A 1481 2.10 26.32 18.40
C VAL A 1481 3.60 26.11 18.54
N GLU A 1482 4.26 26.93 19.37
CA GLU A 1482 5.67 26.68 19.62
C GLU A 1482 6.02 26.44 21.08
N HIS A 1483 5.64 27.39 21.95
CA HIS A 1483 5.93 27.45 23.39
C HIS A 1483 5.75 26.14 24.14
N LEU A 1484 6.74 25.77 24.96
CA LEU A 1484 6.68 24.57 25.79
C LEU A 1484 6.06 24.94 27.15
N THR A 1485 4.81 25.38 27.11
CA THR A 1485 4.02 25.61 28.32
C THR A 1485 2.70 24.87 28.19
N GLY A 1486 2.49 23.87 29.05
CA GLY A 1486 1.33 23.02 28.89
C GLY A 1486 1.08 22.19 30.13
N LYS A 1487 -0.11 21.58 30.17
CA LYS A 1487 -0.60 20.84 31.32
C LYS A 1487 -0.75 19.37 30.96
N PHE A 1488 -0.21 18.49 31.80
CA PHE A 1488 -0.53 17.07 31.67
C PHE A 1488 -1.97 16.84 32.10
N VAL A 1489 -2.75 16.20 31.24
CA VAL A 1489 -4.17 16.00 31.50
C VAL A 1489 -4.48 14.51 31.42
N VAL A 1490 -5.76 14.17 31.53
CA VAL A 1490 -6.18 12.78 31.56
C VAL A 1490 -6.23 12.24 30.13
N ARG A 1491 -5.81 11.00 29.97
CA ARG A 1491 -5.74 10.39 28.65
C ARG A 1491 -7.13 10.05 28.14
N GLU A 1492 -7.23 9.89 26.82
CA GLU A 1492 -8.49 9.59 26.17
C GLU A 1492 -8.55 8.09 25.90
N ARG A 1493 -9.67 7.47 26.28
CA ARG A 1493 -9.83 6.03 26.08
C ARG A 1493 -10.22 5.70 24.64
N ASN A 1494 -10.99 6.58 23.99
CA ASN A 1494 -11.73 6.20 22.79
C ASN A 1494 -10.83 5.71 21.67
N ILE A 1495 -9.83 6.50 21.28
CA ILE A 1495 -8.72 6.11 20.39
C ILE A 1495 -9.17 5.40 19.12
N VAL A 1496 -9.22 6.14 18.01
CA VAL A 1496 -9.69 5.58 16.75
C VAL A 1496 -8.71 5.95 15.64
N ARG A 1497 -9.02 5.59 14.41
CA ARG A 1497 -8.19 5.94 13.27
C ARG A 1497 -8.92 6.94 12.38
N SER A 1498 -8.79 8.21 12.75
CA SER A 1498 -9.30 9.30 11.92
C SER A 1498 -8.38 9.49 10.72
N ARG A 1499 -8.97 9.98 9.62
CA ARG A 1499 -8.23 10.27 8.40
C ARG A 1499 -8.27 11.78 8.18
N ILE A 1500 -7.30 12.49 8.77
CA ILE A 1500 -7.18 13.91 8.54
C ILE A 1500 -6.62 14.15 7.14
N ASP A 1501 -7.27 15.01 6.38
CA ASP A 1501 -6.89 15.28 5.00
C ASP A 1501 -6.17 16.63 4.93
N LEU A 1502 -4.96 16.61 4.37
CA LEU A 1502 -4.16 17.81 4.22
C LEU A 1502 -3.59 17.85 2.82
N PHE A 1503 -3.22 19.06 2.39
CA PHE A 1503 -2.58 19.31 1.10
C PHE A 1503 -3.43 18.78 -0.05
N GLN A 1504 -4.70 19.19 -0.07
CA GLN A 1504 -5.56 18.85 -1.19
C GLN A 1504 -5.11 19.57 -2.46
N GLU A 1505 -5.51 19.04 -3.60
CA GLU A 1505 -5.11 19.61 -4.88
C GLU A 1505 -5.72 21.01 -5.03
N PRO A 1506 -4.92 22.02 -5.34
CA PRO A 1506 -5.46 23.38 -5.43
C PRO A 1506 -6.45 23.52 -6.57
N VAL A 1507 -7.46 24.35 -6.36
CA VAL A 1507 -8.53 24.51 -7.34
C VAL A 1507 -8.21 25.58 -8.39
N ASP A 1508 -7.32 26.51 -8.08
CA ASP A 1508 -6.96 27.57 -9.02
C ASP A 1508 -5.84 27.14 -9.97
N LEU A 1509 -5.98 25.95 -10.55
CA LEU A 1509 -5.09 25.52 -11.63
C LEU A 1509 -5.81 24.86 -12.80
N ARG A 1510 -7.00 24.29 -12.59
CA ARG A 1510 -7.93 23.81 -13.62
C ARG A 1510 -7.45 22.55 -14.34
N CYS A 1511 -6.20 22.13 -14.11
CA CYS A 1511 -5.60 21.00 -14.80
C CYS A 1511 -4.22 20.74 -14.21
N LYS A 1512 -3.59 19.68 -14.67
CA LYS A 1512 -2.19 19.38 -14.38
C LYS A 1512 -1.35 19.59 -15.64
N ALA A 1513 -0.03 19.63 -15.45
CA ALA A 1513 0.86 20.05 -16.52
C ALA A 1513 0.98 18.99 -17.62
N GLU A 1514 1.18 17.73 -17.23
CA GLU A 1514 1.44 16.69 -18.22
C GLU A 1514 0.21 16.41 -19.09
N ASP A 1515 -0.97 16.37 -18.48
CA ASP A 1515 -2.18 16.14 -19.25
C ASP A 1515 -2.51 17.33 -20.14
N LEU A 1516 -2.20 18.55 -19.69
CA LEU A 1516 -2.37 19.73 -20.54
C LEU A 1516 -1.42 19.68 -21.73
N VAL A 1517 -0.17 19.28 -21.50
CA VAL A 1517 0.79 19.13 -22.61
C VAL A 1517 0.31 18.07 -23.60
N SER A 1518 -0.24 16.97 -23.08
CA SER A 1518 -0.80 15.93 -23.94
C SER A 1518 -1.97 16.46 -24.75
N GLU A 1519 -2.84 17.26 -24.13
CA GLU A 1519 -3.96 17.86 -24.83
C GLU A 1519 -3.50 18.80 -25.95
N VAL A 1520 -2.47 19.60 -25.68
CA VAL A 1520 -2.01 20.56 -26.68
C VAL A 1520 -1.28 19.85 -27.82
N TRP A 1521 -0.50 18.82 -27.51
CA TRP A 1521 0.37 18.20 -28.52
C TRP A 1521 -0.34 17.13 -29.33
N PHE A 1522 -1.25 16.35 -28.71
CA PHE A 1522 -1.86 15.23 -29.38
C PHE A 1522 -3.37 15.17 -29.28
N GLY A 1523 -4.00 16.05 -28.51
CA GLY A 1523 -5.45 16.06 -28.40
C GLY A 1523 -6.05 14.85 -27.70
N LEU A 1524 -5.42 14.39 -26.62
CA LEU A 1524 -5.97 13.31 -25.81
C LEU A 1524 -6.74 13.93 -24.65
N LYS A 1525 -8.02 13.57 -24.53
CA LYS A 1525 -8.88 14.21 -23.54
C LYS A 1525 -8.56 13.75 -22.13
N ARG A 1526 -7.41 14.20 -21.60
CA ARG A 1526 -7.02 13.89 -20.24
C ARG A 1526 -7.45 14.98 -19.26
N THR A 1527 -7.12 16.23 -19.56
CA THR A 1527 -7.76 17.34 -18.88
C THR A 1527 -9.19 17.48 -19.36
N LYS A 1528 -10.01 18.17 -18.57
CA LYS A 1528 -11.40 18.41 -18.92
C LYS A 1528 -11.66 19.87 -19.26
N LEU A 1529 -10.64 20.55 -19.76
CA LEU A 1529 -10.76 21.91 -20.28
C LEU A 1529 -10.89 21.86 -21.80
N GLY A 1530 -11.56 22.86 -22.36
CA GLY A 1530 -11.78 22.89 -23.78
C GLY A 1530 -11.04 24.05 -24.42
N PRO A 1531 -11.27 24.27 -25.74
CA PRO A 1531 -10.40 25.15 -26.54
C PRO A 1531 -10.11 26.52 -25.94
N ARG A 1532 -11.12 27.22 -25.40
CA ARG A 1532 -10.87 28.50 -24.77
C ARG A 1532 -10.05 28.35 -23.48
N LEU A 1533 -10.48 27.44 -22.60
CA LEU A 1533 -9.74 27.21 -21.36
C LEU A 1533 -8.39 26.58 -21.63
N LEU A 1534 -8.32 25.69 -22.62
CA LEU A 1534 -7.05 25.12 -23.05
C LEU A 1534 -6.09 26.21 -23.52
N LYS A 1535 -6.60 27.16 -24.30
CA LYS A 1535 -5.78 28.26 -24.78
C LYS A 1535 -5.31 29.15 -23.63
N GLU A 1536 -6.19 29.41 -22.66
CA GLU A 1536 -5.78 30.23 -21.51
C GLU A 1536 -4.71 29.54 -20.67
N GLU A 1537 -4.89 28.25 -20.39
CA GLU A 1537 -3.89 27.52 -19.62
C GLU A 1537 -2.58 27.40 -20.39
N TRP A 1538 -2.67 27.23 -21.71
CA TRP A 1538 -1.48 27.23 -22.56
C TRP A 1538 -0.82 28.60 -22.57
N ASP A 1539 -1.61 29.67 -22.45
CA ASP A 1539 -1.04 31.02 -22.39
C ASP A 1539 -0.22 31.22 -21.11
N LYS A 1540 -0.76 30.83 -19.96
CA LYS A 1540 0.02 30.97 -18.73
C LYS A 1540 1.20 30.00 -18.69
N LEU A 1541 1.05 28.81 -19.28
CA LEU A 1541 2.17 27.89 -19.37
C LEU A 1541 3.28 28.44 -20.27
N ARG A 1542 2.90 29.13 -21.35
CA ARG A 1542 3.88 29.84 -22.17
C ARG A 1542 4.56 30.95 -21.38
N ALA A 1543 3.78 31.68 -20.58
CA ALA A 1543 4.33 32.65 -19.64
C ALA A 1543 5.36 32.01 -18.72
N SER A 1544 5.13 30.74 -18.34
CA SER A 1544 6.14 30.02 -17.55
C SER A 1544 7.38 29.74 -18.39
N PHE A 1545 7.20 29.16 -19.59
CA PHE A 1545 8.31 28.79 -20.46
C PHE A 1545 8.06 29.40 -21.84
N ALA A 1546 8.87 30.41 -22.20
CA ALA A 1546 8.62 31.14 -23.43
C ALA A 1546 8.92 30.33 -24.69
N TRP A 1547 9.69 29.26 -24.59
CA TRP A 1547 10.05 28.46 -25.76
C TRP A 1547 9.23 27.17 -25.87
N LEU A 1548 8.06 27.13 -25.23
CA LEU A 1548 7.13 26.02 -25.39
C LEU A 1548 6.25 26.28 -26.61
N SER A 1549 6.24 25.35 -27.56
CA SER A 1549 5.52 25.52 -28.82
C SER A 1549 4.47 24.43 -28.94
N THR A 1550 3.33 24.77 -29.55
CA THR A 1550 2.27 23.81 -29.82
C THR A 1550 2.78 22.56 -30.54
N ASP A 1551 3.49 22.75 -31.64
CA ASP A 1551 4.08 21.61 -32.34
C ASP A 1551 5.14 20.96 -31.46
N PRO A 1552 5.04 19.65 -31.21
CA PRO A 1552 6.01 18.99 -30.33
C PRO A 1552 7.46 19.04 -30.82
N SER A 1553 7.67 19.03 -32.15
CA SER A 1553 9.03 18.98 -32.69
C SER A 1553 9.78 20.28 -32.45
N GLU A 1554 9.09 21.42 -32.50
CA GLU A 1554 9.78 22.69 -32.31
C GLU A 1554 10.13 22.96 -30.85
N THR A 1555 9.52 22.22 -29.91
CA THR A 1555 9.83 22.41 -28.50
C THR A 1555 11.18 21.82 -28.13
N LEU A 1556 11.53 20.68 -28.74
CA LEU A 1556 12.78 20.01 -28.38
C LEU A 1556 14.00 20.81 -28.86
N ARG A 1557 13.85 21.52 -29.98
CA ARG A 1557 14.96 22.30 -30.51
C ARG A 1557 15.24 23.53 -29.65
N ASP A 1558 14.19 24.21 -29.21
CA ASP A 1558 14.36 25.44 -28.43
C ASP A 1558 14.60 25.12 -26.96
N GLY A 1559 13.65 24.41 -26.34
CA GLY A 1559 13.65 24.16 -24.92
C GLY A 1559 14.89 23.46 -24.40
N PRO A 1560 15.36 23.89 -23.23
CA PRO A 1560 16.60 23.32 -22.67
C PRO A 1560 16.43 21.88 -22.19
N PHE A 1561 16.42 20.94 -23.14
CA PHE A 1561 16.28 19.53 -22.83
C PHE A 1561 17.18 18.75 -23.78
N LEU A 1562 17.05 17.42 -23.75
CA LEU A 1562 17.72 16.54 -24.68
C LEU A 1562 16.78 15.60 -25.42
N SER A 1563 15.63 15.27 -24.84
CA SER A 1563 14.67 14.39 -25.46
C SER A 1563 13.31 14.61 -24.80
N HIS A 1564 12.26 14.05 -25.41
CA HIS A 1564 10.94 14.14 -24.82
C HIS A 1564 10.81 13.28 -23.56
N VAL A 1565 11.72 12.32 -23.36
CA VAL A 1565 11.72 11.55 -22.12
C VAL A 1565 12.11 12.46 -20.95
N GLN A 1566 13.15 13.27 -21.12
CA GLN A 1566 13.56 14.20 -20.07
C GLN A 1566 12.48 15.24 -19.81
N PHE A 1567 11.85 15.75 -20.87
CA PHE A 1567 10.77 16.72 -20.71
C PHE A 1567 9.58 16.09 -19.97
N ARG A 1568 9.22 14.85 -20.33
CA ARG A 1568 8.11 14.17 -19.68
C ARG A 1568 8.40 13.93 -18.20
N ASN A 1569 9.62 13.48 -17.90
CA ASN A 1569 10.01 13.27 -16.50
C ASN A 1569 9.97 14.57 -15.72
N PHE A 1570 10.50 15.65 -16.30
CA PHE A 1570 10.52 16.94 -15.61
C PHE A 1570 9.11 17.47 -15.37
N ILE A 1571 8.22 17.30 -16.35
CA ILE A 1571 6.87 17.82 -16.21
C ILE A 1571 6.09 16.98 -15.19
N ALA A 1572 6.21 15.66 -15.26
CA ALA A 1572 5.43 14.79 -14.38
C ALA A 1572 5.97 14.74 -12.95
N HIS A 1573 7.25 15.02 -12.74
CA HIS A 1573 7.82 14.87 -11.41
C HIS A 1573 7.38 15.97 -10.46
N VAL A 1574 7.40 17.22 -10.91
CA VAL A 1574 6.95 18.33 -10.07
C VAL A 1574 5.49 18.62 -10.40
N ASP A 1575 4.60 18.28 -9.47
CA ASP A 1575 3.16 18.40 -9.65
C ASP A 1575 2.51 18.46 -8.28
N ALA A 1576 1.18 18.58 -8.30
CA ALA A 1576 0.38 18.55 -7.07
C ALA A 1576 -0.14 17.14 -6.86
N LYS A 1577 0.11 16.60 -5.66
CA LYS A 1577 -0.34 15.27 -5.29
C LYS A 1577 -1.29 15.36 -4.10
N SER A 1578 -2.33 14.53 -4.13
CA SER A 1578 -3.35 14.51 -3.06
C SER A 1578 -2.79 13.73 -1.88
N ARG A 1579 -2.07 14.44 -1.02
CA ARG A 1579 -1.52 13.83 0.18
C ARG A 1579 -2.64 13.47 1.16
N SER A 1580 -2.47 12.35 1.85
CA SER A 1580 -3.43 11.92 2.85
C SER A 1580 -2.71 11.08 3.90
N VAL A 1581 -2.93 11.41 5.17
CA VAL A 1581 -2.31 10.69 6.28
C VAL A 1581 -3.41 10.16 7.19
N ARG A 1582 -3.35 8.87 7.51
CA ARG A 1582 -4.18 8.27 8.55
C ARG A 1582 -3.44 8.36 9.88
N LEU A 1583 -4.20 8.44 10.97
CA LEU A 1583 -3.59 8.63 12.27
C LEU A 1583 -4.26 7.73 13.28
N LEU A 1584 -3.91 7.92 14.55
CA LEU A 1584 -4.41 7.08 15.64
C LEU A 1584 -4.50 7.95 16.88
N GLY A 1585 -5.72 8.34 17.25
CA GLY A 1585 -5.91 9.19 18.41
C GLY A 1585 -7.37 9.52 18.67
N ALA A 1586 -7.62 10.69 19.26
CA ALA A 1586 -8.97 11.11 19.58
C ALA A 1586 -9.74 11.42 18.31
N PRO A 1587 -11.05 11.12 18.28
CA PRO A 1587 -11.84 11.42 17.08
C PRO A 1587 -11.97 12.92 16.87
N VAL A 1588 -11.91 13.32 15.61
CA VAL A 1588 -12.04 14.72 15.25
C VAL A 1588 -13.22 14.92 14.29
N THR A 1595 -8.63 24.91 12.49
CA THR A 1595 -9.27 23.79 11.84
C THR A 1595 -8.94 22.48 12.54
N THR A 1596 -9.21 21.35 11.88
CA THR A 1596 -8.99 20.04 12.47
C THR A 1596 -7.52 19.69 12.59
N ILE A 1597 -6.64 20.43 11.90
CA ILE A 1597 -5.20 20.20 12.03
C ILE A 1597 -4.72 20.62 13.43
N SER A 1598 -5.30 21.70 13.96
CA SER A 1598 -4.84 22.24 15.25
C SER A 1598 -5.13 21.29 16.40
N GLN A 1599 -6.26 20.60 16.36
CA GLN A 1599 -6.56 19.62 17.40
C GLN A 1599 -5.55 18.49 17.41
N VAL A 1600 -5.15 18.01 16.24
CA VAL A 1600 -4.14 16.97 16.13
C VAL A 1600 -2.78 17.51 16.57
N VAL A 1601 -2.49 18.77 16.26
CA VAL A 1601 -1.22 19.36 16.69
C VAL A 1601 -1.15 19.42 18.21
N ARG A 1602 -2.26 19.77 18.86
CA ARG A 1602 -2.24 19.91 20.31
C ARG A 1602 -2.28 18.55 21.00
N MET A 1603 -3.35 17.78 20.80
CA MET A 1603 -3.58 16.57 21.58
C MET A 1603 -3.01 15.33 20.88
N ASN A 1604 -1.81 15.47 20.33
CA ASN A 1604 -1.07 14.29 19.87
C ASN A 1604 0.44 14.42 20.04
N PHE A 1605 0.90 15.52 20.65
CA PHE A 1605 2.34 15.74 20.78
C PHE A 1605 2.98 14.73 21.74
N PHE A 1606 2.37 14.53 22.90
CA PHE A 1606 2.81 13.52 23.86
C PHE A 1606 1.57 12.89 24.47
N PRO A 1607 1.63 11.59 24.79
CA PRO A 1607 0.44 10.95 25.39
C PRO A 1607 0.13 11.45 26.79
N GLY A 1608 -1.02 12.09 26.94
CA GLY A 1608 -1.43 12.64 28.21
C GLY A 1608 -0.86 14.02 28.45
N PHE A 1609 -0.78 14.83 27.39
CA PHE A 1609 -0.22 16.17 27.49
C PHE A 1609 -0.77 17.07 26.40
N SER A 1610 -1.71 17.95 26.73
CA SER A 1610 -2.09 19.00 25.80
C SER A 1610 -0.94 19.97 25.59
N LEU A 1611 -0.78 20.45 24.36
CA LEU A 1611 0.32 21.35 24.08
C LEU A 1611 0.07 22.77 24.58
N GLU A 1612 -1.20 23.16 24.69
CA GLU A 1612 -1.62 24.40 25.36
C GLU A 1612 -0.96 25.63 24.73
N ALA A 1613 -1.02 25.73 23.40
CA ALA A 1613 -0.49 26.90 22.73
C ALA A 1613 -1.28 28.14 23.10
N GLU A 1614 -0.58 29.24 23.31
CA GLU A 1614 -1.20 30.50 23.69
C GLU A 1614 -1.40 31.38 22.46
N GLU A 1624 -7.05 36.22 10.65
CA GLU A 1624 -7.08 37.04 9.45
C GLU A 1624 -8.43 37.74 9.29
N SER A 1625 -9.09 37.51 8.16
CA SER A 1625 -10.40 38.09 7.90
C SER A 1625 -11.47 37.05 7.60
N ILE A 1626 -11.16 36.04 6.80
CA ILE A 1626 -12.19 35.09 6.39
C ILE A 1626 -12.50 34.09 7.51
N SER A 1627 -11.55 33.84 8.41
CA SER A 1627 -11.81 32.95 9.54
C SER A 1627 -12.87 33.53 10.46
N ILE A 1628 -12.79 34.83 10.73
CA ILE A 1628 -13.79 35.49 11.56
C ILE A 1628 -15.16 35.44 10.88
N LEU A 1629 -15.18 35.64 9.56
CA LEU A 1629 -16.43 35.58 8.81
C LEU A 1629 -17.06 34.20 8.88
N LYS A 1630 -16.24 33.16 8.72
CA LYS A 1630 -16.74 31.78 8.84
C LYS A 1630 -17.29 31.52 10.24
N HIS A 1631 -16.55 31.96 11.26
CA HIS A 1631 -16.97 31.72 12.64
C HIS A 1631 -18.28 32.43 12.96
N VAL A 1632 -18.45 33.65 12.43
CA VAL A 1632 -19.71 34.36 12.62
C VAL A 1632 -20.84 33.65 11.89
N LEU A 1633 -20.63 33.34 10.60
CA LEU A 1633 -21.73 32.84 9.77
C LEU A 1633 -22.19 31.45 10.18
N PHE A 1634 -21.31 30.64 10.79
CA PHE A 1634 -21.73 29.33 11.24
C PHE A 1634 -22.85 29.42 12.28
N MET A 1635 -22.65 30.22 13.33
CA MET A 1635 -23.71 30.40 14.32
C MET A 1635 -24.80 31.34 13.84
N VAL A 1636 -24.55 32.14 12.80
CA VAL A 1636 -25.62 32.92 12.21
C VAL A 1636 -26.65 32.01 11.55
N LEU A 1637 -26.19 31.09 10.71
CA LEU A 1637 -27.12 30.19 10.03
C LEU A 1637 -27.62 29.08 10.94
N ASN A 1638 -26.79 28.59 11.86
CA ASN A 1638 -27.19 27.58 12.82
C ASN A 1638 -27.29 28.25 14.19
N GLY A 1639 -28.49 28.70 14.53
CA GLY A 1639 -28.72 29.40 15.77
C GLY A 1639 -30.18 29.62 16.05
N PRO A 1640 -30.50 30.14 17.23
CA PRO A 1640 -31.90 30.33 17.62
C PRO A 1640 -32.50 31.64 17.13
N TYR A 1641 -31.84 32.29 16.16
CA TYR A 1641 -32.25 33.62 15.74
C TYR A 1641 -33.45 33.56 14.81
N THR A 1642 -33.96 34.73 14.45
CA THR A 1642 -35.09 34.88 13.53
C THR A 1642 -34.57 35.22 12.14
N GLU A 1643 -35.36 34.88 11.12
CA GLU A 1643 -34.93 34.98 9.73
C GLU A 1643 -34.60 36.42 9.34
N GLU A 1644 -35.45 37.37 9.74
CA GLU A 1644 -35.17 38.77 9.46
C GLU A 1644 -33.90 39.23 10.17
N TYR A 1645 -33.76 38.86 11.45
CA TYR A 1645 -32.55 39.15 12.18
C TYR A 1645 -31.36 38.38 11.61
N LYS A 1646 -31.60 37.16 11.12
CA LYS A 1646 -30.55 36.38 10.47
C LYS A 1646 -29.96 37.13 9.29
N LEU A 1647 -30.81 37.58 8.36
CA LEU A 1647 -30.30 38.27 7.18
C LEU A 1647 -29.77 39.65 7.53
N GLU A 1648 -30.34 40.30 8.54
CA GLU A 1648 -29.83 41.61 8.95
C GLU A 1648 -28.41 41.51 9.47
N MET A 1649 -28.13 40.55 10.36
CA MET A 1649 -26.76 40.41 10.82
C MET A 1649 -25.85 39.77 9.78
N ILE A 1650 -26.42 39.05 8.80
CA ILE A 1650 -25.62 38.63 7.64
C ILE A 1650 -25.09 39.84 6.89
N ILE A 1651 -25.98 40.80 6.61
CA ILE A 1651 -25.58 42.02 5.90
C ILE A 1651 -24.59 42.81 6.75
N GLU A 1652 -24.82 42.90 8.05
CA GLU A 1652 -23.92 43.63 8.93
C GLU A 1652 -22.53 42.99 8.97
N ALA A 1653 -22.46 41.66 9.08
CA ALA A 1653 -21.18 40.98 9.13
C ALA A 1653 -20.45 41.06 7.79
N PHE A 1654 -21.18 41.01 6.68
CA PHE A 1654 -20.54 41.16 5.38
C PHE A 1654 -20.01 42.58 5.18
N SER A 1655 -20.74 43.59 5.67
CA SER A 1655 -20.32 44.97 5.50
C SER A 1655 -19.15 45.33 6.40
N THR A 1656 -19.15 44.83 7.64
CA THR A 1656 -18.11 45.22 8.60
C THR A 1656 -16.75 44.64 8.23
N LEU A 1657 -16.71 43.39 7.79
CA LEU A 1657 -15.44 42.75 7.48
C LEU A 1657 -14.98 43.11 6.08
N VAL A 1658 -13.72 42.80 5.80
CA VAL A 1658 -13.09 43.07 4.51
C VAL A 1658 -12.77 41.72 3.87
N ILE A 1659 -13.31 41.50 2.67
CA ILE A 1659 -13.16 40.25 1.95
C ILE A 1659 -12.53 40.58 0.59
N PRO A 1660 -11.47 39.88 0.18
CA PRO A 1660 -10.86 40.15 -1.12
C PRO A 1660 -11.74 39.69 -2.27
N GLN A 1661 -11.34 40.08 -3.47
CA GLN A 1661 -12.09 39.73 -4.66
C GLN A 1661 -11.96 38.23 -4.96
N PRO A 1662 -12.97 37.64 -5.62
CA PRO A 1662 -12.91 36.19 -5.90
C PRO A 1662 -11.87 35.83 -6.95
N SER A 1663 -11.71 34.52 -7.17
CA SER A 1663 -10.74 33.96 -8.10
C SER A 1663 -11.47 33.20 -9.21
N GLU A 1664 -10.71 32.44 -9.98
CA GLU A 1664 -11.22 31.79 -11.19
C GLU A 1664 -11.21 30.28 -11.05
N VAL A 1665 -11.72 29.77 -9.93
CA VAL A 1665 -11.67 28.36 -9.59
C VAL A 1665 -12.47 27.52 -10.57
N ILE A 1666 -12.24 26.20 -10.55
CA ILE A 1666 -12.86 25.29 -11.49
C ILE A 1666 -13.83 24.31 -10.82
N ARG A 1667 -13.75 24.10 -9.50
CA ARG A 1667 -14.59 23.14 -8.82
C ARG A 1667 -15.40 23.82 -7.73
N LYS A 1668 -16.11 23.01 -6.95
CA LYS A 1668 -16.97 23.52 -5.87
C LYS A 1668 -16.10 24.06 -4.74
N SER A 1669 -16.03 25.38 -4.63
CA SER A 1669 -15.30 26.05 -3.57
C SER A 1669 -16.24 26.94 -2.77
N ARG A 1670 -15.84 27.26 -1.54
CA ARG A 1670 -16.64 28.12 -0.69
C ARG A 1670 -16.09 29.54 -0.58
N THR A 1671 -14.78 29.72 -0.79
CA THR A 1671 -14.20 31.06 -0.75
C THR A 1671 -14.76 31.94 -1.86
N MET A 1672 -14.91 31.39 -3.06
CA MET A 1672 -15.51 32.15 -4.15
C MET A 1672 -16.96 32.52 -3.85
N THR A 1673 -17.70 31.61 -3.21
CA THR A 1673 -19.07 31.91 -2.85
C THR A 1673 -19.14 33.01 -1.79
N LEU A 1674 -18.23 32.98 -0.82
CA LEU A 1674 -18.17 34.05 0.18
C LEU A 1674 -17.82 35.39 -0.47
N CYS A 1675 -16.87 35.40 -1.40
CA CYS A 1675 -16.49 36.63 -2.07
C CYS A 1675 -17.64 37.18 -2.92
N LEU A 1676 -18.35 36.30 -3.63
CA LEU A 1676 -19.50 36.74 -4.43
C LEU A 1676 -20.62 37.25 -3.53
N LEU A 1677 -20.83 36.60 -2.38
CA LEU A 1677 -21.83 37.06 -1.43
C LEU A 1677 -21.49 38.45 -0.90
N SER A 1678 -20.20 38.68 -0.60
CA SER A 1678 -19.76 40.00 -0.15
C SER A 1678 -19.93 41.04 -1.24
N ASN A 1679 -19.55 40.71 -2.48
CA ASN A 1679 -19.60 41.70 -3.56
C ASN A 1679 -21.02 41.97 -4.04
N TYR A 1680 -21.96 41.04 -3.81
CA TYR A 1680 -23.35 41.32 -4.14
C TYR A 1680 -23.90 42.45 -3.29
N LEU A 1681 -23.52 42.50 -2.01
CA LEU A 1681 -23.99 43.53 -1.10
C LEU A 1681 -23.16 44.80 -1.17
N SER A 1682 -21.83 44.67 -1.25
CA SER A 1682 -20.99 45.85 -1.36
C SER A 1682 -21.15 46.53 -2.71
N SER A 1683 -21.37 45.75 -3.77
CA SER A 1683 -21.55 46.25 -5.14
C SER A 1683 -20.38 47.12 -5.59
N ARG A 1684 -19.16 46.65 -5.31
CA ARG A 1684 -17.94 47.35 -5.70
C ARG A 1684 -17.32 46.76 -6.97
N GLY A 1685 -18.13 46.16 -7.82
CA GLY A 1685 -17.65 45.57 -9.06
C GLY A 1685 -18.68 45.78 -10.15
N GLY A 1686 -18.72 44.84 -11.09
CA GLY A 1686 -19.69 44.87 -12.17
C GLY A 1686 -21.00 44.24 -11.75
N SER A 1687 -21.70 43.71 -12.75
CA SER A 1687 -22.94 42.98 -12.48
C SER A 1687 -22.64 41.69 -11.73
N ILE A 1688 -23.49 41.37 -10.76
CA ILE A 1688 -23.23 40.23 -9.88
C ILE A 1688 -23.29 38.91 -10.66
N LEU A 1689 -24.23 38.81 -11.60
CA LEU A 1689 -24.38 37.57 -12.37
C LEU A 1689 -23.14 37.29 -13.21
N ASP A 1690 -22.55 38.33 -13.81
CA ASP A 1690 -21.32 38.14 -14.58
C ASP A 1690 -20.19 37.63 -13.70
N GLN A 1691 -20.07 38.17 -12.48
CA GLN A 1691 -19.01 37.73 -11.57
C GLN A 1691 -19.24 36.29 -11.10
N ILE A 1692 -20.51 35.92 -10.85
CA ILE A 1692 -20.80 34.54 -10.50
C ILE A 1692 -20.51 33.62 -11.67
N GLU A 1693 -20.82 34.08 -12.90
CA GLU A 1693 -20.58 33.27 -14.08
C GLU A 1693 -19.08 33.05 -14.31
N ARG A 1694 -18.26 34.09 -14.11
CA ARG A 1694 -16.83 33.95 -14.40
C ARG A 1694 -16.08 33.28 -13.26
N ALA A 1695 -16.52 33.51 -12.02
CA ALA A 1695 -15.97 32.78 -10.87
C ALA A 1695 -16.11 31.28 -11.05
N GLN A 1696 -17.19 30.82 -11.68
CA GLN A 1696 -17.41 29.42 -11.99
C GLN A 1696 -16.94 29.07 -13.41
N SER A 1697 -15.97 29.81 -13.92
CA SER A 1697 -15.29 29.52 -15.19
C SER A 1697 -16.23 29.51 -16.39
N GLY A 1698 -17.31 30.28 -16.32
CA GLY A 1698 -18.27 30.34 -17.40
C GLY A 1698 -19.59 29.67 -17.14
N THR A 1699 -19.82 29.16 -15.93
CA THR A 1699 -21.04 28.45 -15.57
C THR A 1699 -21.89 29.32 -14.67
N LEU A 1700 -23.17 29.48 -15.03
CA LEU A 1700 -24.12 30.24 -14.21
C LEU A 1700 -25.48 29.57 -14.36
N GLY A 1701 -25.85 28.76 -13.38
CA GLY A 1701 -27.13 28.06 -13.46
C GLY A 1701 -27.40 27.28 -12.20
N GLY A 1702 -28.58 26.67 -12.18
CA GLY A 1702 -28.99 25.87 -11.04
C GLY A 1702 -30.21 25.04 -11.38
N PHE A 1703 -30.68 24.30 -10.37
CA PHE A 1703 -31.76 23.34 -10.53
C PHE A 1703 -33.09 24.09 -10.50
N SER A 1704 -33.51 24.53 -11.70
CA SER A 1704 -34.83 25.15 -11.85
C SER A 1704 -35.93 24.22 -11.35
N LYS A 1705 -35.86 22.94 -11.70
CA LYS A 1705 -36.75 21.91 -11.17
C LYS A 1705 -35.91 20.93 -10.37
N PRO A 1706 -35.92 21.03 -9.03
CA PRO A 1706 -35.13 20.09 -8.21
C PRO A 1706 -35.68 18.67 -8.22
N GLN A 1707 -35.05 17.78 -7.46
CA GLN A 1707 -35.47 16.40 -7.36
C GLN A 1707 -35.73 16.06 -5.91
N LYS A 1708 -36.66 15.13 -5.69
CA LYS A 1708 -37.07 14.76 -4.33
C LYS A 1708 -35.89 14.17 -3.56
N THR A 1709 -35.91 14.39 -2.25
CA THR A 1709 -34.79 14.02 -1.39
C THR A 1709 -35.18 12.84 -0.52
N PHE A 1710 -34.31 11.83 -0.48
CA PHE A 1710 -34.48 10.68 0.39
C PHE A 1710 -33.21 10.50 1.22
N VAL A 1711 -33.38 10.10 2.48
CA VAL A 1711 -32.26 9.99 3.41
C VAL A 1711 -31.76 8.55 3.40
N ARG A 1712 -30.49 8.39 3.02
CA ARG A 1712 -29.83 7.09 3.10
C ARG A 1712 -29.32 6.88 4.52
N PRO A 1713 -28.97 5.63 4.89
CA PRO A 1713 -28.59 5.35 6.29
C PRO A 1713 -27.28 6.00 6.72
N GLY A 1714 -27.37 7.25 7.19
CA GLY A 1714 -26.21 8.04 7.53
C GLY A 1714 -26.40 9.50 7.20
N GLY A 1715 -27.59 9.84 6.69
CA GLY A 1715 -27.89 11.19 6.27
C GLY A 1715 -27.93 11.26 4.74
N GLY A 1716 -27.22 12.22 4.17
CA GLY A 1716 -26.98 12.28 2.74
C GLY A 1716 -28.22 12.26 1.87
N VAL A 1717 -28.98 13.34 1.83
CA VAL A 1717 -30.23 13.39 1.07
C VAL A 1717 -29.92 13.22 -0.42
N GLY A 1718 -30.31 12.07 -0.98
CA GLY A 1718 -30.08 11.78 -2.37
C GLY A 1718 -31.23 12.25 -3.25
N TYR A 1719 -30.92 12.48 -4.51
CA TYR A 1719 -31.84 13.12 -5.45
C TYR A 1719 -32.34 12.11 -6.47
N LYS A 1720 -33.58 11.67 -6.32
CA LYS A 1720 -34.25 10.82 -7.28
C LYS A 1720 -35.44 11.55 -7.87
N GLY A 1721 -35.98 11.00 -8.96
CA GLY A 1721 -37.12 11.59 -9.62
C GLY A 1721 -36.76 12.30 -10.91
N LYS A 1722 -37.60 13.25 -11.29
CA LYS A 1722 -37.48 13.97 -12.55
C LYS A 1722 -37.20 15.44 -12.28
N GLY A 1723 -36.14 15.96 -12.89
CA GLY A 1723 -35.78 17.35 -12.72
C GLY A 1723 -34.87 17.82 -13.83
N VAL A 1724 -34.79 19.14 -13.99
CA VAL A 1724 -33.97 19.76 -15.02
C VAL A 1724 -33.01 20.75 -14.38
N TRP A 1725 -31.96 21.09 -15.12
CA TRP A 1725 -30.95 22.04 -14.69
C TRP A 1725 -30.79 23.10 -15.77
N THR A 1726 -31.15 24.33 -15.44
CA THR A 1726 -31.17 25.43 -16.41
C THR A 1726 -30.08 26.44 -16.06
N GLY A 1727 -29.35 26.86 -17.09
CA GLY A 1727 -28.29 27.85 -16.90
C GLY A 1727 -27.81 28.39 -18.22
N VAL A 1728 -26.61 28.98 -18.19
CA VAL A 1728 -25.96 29.53 -19.38
C VAL A 1728 -24.53 28.98 -19.41
N MET A 1729 -24.22 28.18 -20.42
CA MET A 1729 -22.85 27.73 -20.65
C MET A 1729 -22.31 28.30 -21.94
N GLU A 1730 -21.11 28.90 -21.86
CA GLU A 1730 -20.38 29.51 -22.98
C GLU A 1730 -21.28 30.28 -23.94
N ASP A 1731 -22.02 31.27 -23.42
CA ASP A 1731 -22.93 32.10 -24.21
C ASP A 1731 -23.98 31.26 -24.94
N THR A 1732 -24.50 30.25 -24.25
CA THR A 1732 -25.65 29.48 -24.75
C THR A 1732 -26.72 29.36 -23.67
N HIS A 1733 -27.72 28.52 -23.93
CA HIS A 1733 -28.83 28.31 -23.00
C HIS A 1733 -29.05 26.81 -22.89
N VAL A 1734 -28.91 26.27 -21.68
CA VAL A 1734 -28.93 24.83 -21.46
C VAL A 1734 -30.07 24.45 -20.51
N GLN A 1735 -30.63 23.26 -20.72
CA GLN A 1735 -31.70 22.72 -19.89
C GLN A 1735 -31.45 21.24 -19.59
N ILE A 1736 -30.25 20.93 -19.08
CA ILE A 1736 -29.86 19.55 -18.80
C ILE A 1736 -30.83 18.89 -17.83
N LEU A 1737 -31.33 17.72 -18.20
CA LEU A 1737 -32.29 16.98 -17.40
C LEU A 1737 -31.56 15.86 -16.67
N ILE A 1738 -31.86 15.71 -15.37
CA ILE A 1738 -31.26 14.68 -14.54
C ILE A 1738 -32.35 13.71 -14.09
N ASP A 1739 -32.00 12.43 -13.97
CA ASP A 1739 -32.91 11.40 -13.50
C ASP A 1739 -32.16 10.40 -12.63
N GLY A 1740 -32.72 10.07 -11.48
CA GLY A 1740 -32.12 9.08 -10.62
C GLY A 1740 -33.17 8.18 -10.00
N ASP A 1741 -32.78 6.95 -9.74
CA ASP A 1741 -33.67 5.97 -9.10
C ASP A 1741 -33.09 5.36 -7.84
N GLY A 1742 -31.79 5.07 -7.84
CA GLY A 1742 -31.15 4.51 -6.65
C GLY A 1742 -29.96 5.34 -6.22
N THR A 1743 -28.79 4.70 -6.13
CA THR A 1743 -27.55 5.41 -5.84
C THR A 1743 -26.87 5.95 -7.09
N SER A 1744 -27.46 5.71 -8.27
CA SER A 1744 -26.93 6.20 -9.53
C SER A 1744 -27.71 7.41 -10.00
N ASN A 1745 -27.01 8.37 -10.59
CA ASN A 1745 -27.57 9.64 -11.02
C ASN A 1745 -27.21 9.92 -12.47
N TRP A 1746 -27.51 8.94 -13.34
CA TRP A 1746 -27.21 9.06 -14.76
C TRP A 1746 -27.91 10.25 -15.38
N LEU A 1747 -27.23 10.91 -16.32
CA LEU A 1747 -27.79 12.08 -16.95
C LEU A 1747 -28.76 11.68 -18.06
N GLU A 1748 -29.36 12.69 -18.68
CA GLU A 1748 -30.49 12.52 -19.60
C GLU A 1748 -30.41 13.58 -20.69
N GLU A 1749 -31.56 13.90 -21.30
CA GLU A 1749 -31.62 14.74 -22.49
C GLU A 1749 -30.94 16.09 -22.25
N ILE A 1750 -29.93 16.39 -23.06
CA ILE A 1750 -29.13 17.60 -22.93
C ILE A 1750 -29.70 18.64 -23.88
N ARG A 1751 -30.52 19.55 -23.35
CA ARG A 1751 -31.14 20.57 -24.17
C ARG A 1751 -30.17 21.74 -24.35
N LEU A 1752 -29.92 22.13 -25.60
CA LEU A 1752 -29.01 23.21 -25.91
C LEU A 1752 -29.76 24.34 -26.62
N SER A 1753 -29.02 25.35 -27.06
CA SER A 1753 -29.60 26.46 -27.80
C SER A 1753 -28.90 26.74 -29.13
N SER A 1754 -27.69 26.24 -29.35
CA SER A 1754 -27.00 26.39 -30.62
C SER A 1754 -25.90 25.35 -30.70
N ASP A 1755 -25.38 25.16 -31.91
CA ASP A 1755 -24.35 24.16 -32.18
C ASP A 1755 -22.95 24.75 -32.29
N ALA A 1756 -22.77 26.02 -31.90
CA ALA A 1756 -21.48 26.68 -32.10
C ALA A 1756 -20.37 26.08 -31.25
N ARG A 1757 -20.65 25.83 -29.97
CA ARG A 1757 -19.62 25.50 -28.99
C ARG A 1757 -20.04 24.27 -28.18
N LEU A 1758 -20.44 23.22 -28.89
CA LEU A 1758 -20.85 21.98 -28.23
C LEU A 1758 -19.71 21.38 -27.40
N TYR A 1759 -18.49 21.41 -27.92
CA TYR A 1759 -17.36 20.76 -27.24
C TYR A 1759 -17.06 21.42 -25.90
N ASP A 1760 -17.01 22.75 -25.86
CA ASP A 1760 -16.79 23.44 -24.59
C ASP A 1760 -17.94 23.20 -23.63
N VAL A 1761 -19.17 23.16 -24.17
CA VAL A 1761 -20.33 22.83 -23.35
C VAL A 1761 -20.20 21.42 -22.78
N ILE A 1762 -19.73 20.47 -23.61
CA ILE A 1762 -19.58 19.10 -23.15
C ILE A 1762 -18.53 19.01 -22.04
N GLU A 1763 -17.38 19.68 -22.23
CA GLU A 1763 -16.33 19.65 -21.21
C GLU A 1763 -16.78 20.30 -19.91
N SER A 1764 -17.42 21.47 -20.00
CA SER A 1764 -17.89 22.15 -18.80
C SER A 1764 -18.98 21.34 -18.11
N ILE A 1765 -19.89 20.74 -18.89
CA ILE A 1765 -20.96 19.93 -18.30
C ILE A 1765 -20.39 18.67 -17.67
N ARG A 1766 -19.34 18.10 -18.25
CA ARG A 1766 -18.68 16.95 -17.64
C ARG A 1766 -18.07 17.33 -16.29
N ARG A 1767 -17.27 18.40 -16.27
CA ARG A 1767 -16.75 18.97 -15.03
C ARG A 1767 -17.85 19.17 -13.98
N LEU A 1768 -18.96 19.76 -14.40
CA LEU A 1768 -20.05 20.04 -13.48
C LEU A 1768 -20.69 18.77 -12.96
N CYS A 1769 -20.88 17.78 -13.83
CA CYS A 1769 -21.50 16.52 -13.43
C CYS A 1769 -20.58 15.71 -12.54
N ASP A 1770 -19.27 15.81 -12.76
CA ASP A 1770 -18.30 15.17 -11.88
C ASP A 1770 -18.36 15.79 -10.50
N ASP A 1771 -18.42 17.12 -10.42
CA ASP A 1771 -18.49 17.78 -9.11
C ASP A 1771 -19.82 17.53 -8.43
N LEU A 1772 -20.89 17.45 -9.20
CA LEU A 1772 -22.25 17.31 -8.67
C LEU A 1772 -22.71 15.86 -8.59
N GLY A 1773 -21.87 14.90 -8.95
CA GLY A 1773 -22.22 13.50 -8.83
C GLY A 1773 -23.24 13.03 -9.85
N ILE A 1774 -22.92 13.18 -11.12
CA ILE A 1774 -23.80 12.77 -12.21
C ILE A 1774 -22.93 12.01 -13.22
N ASN A 1775 -23.11 10.70 -13.28
CA ASN A 1775 -22.36 9.88 -14.22
C ASN A 1775 -23.16 9.71 -15.51
N ASN A 1776 -22.60 8.96 -16.45
CA ASN A 1776 -23.26 8.70 -17.74
C ASN A 1776 -23.07 7.21 -18.07
N ARG A 1777 -23.99 6.39 -17.58
CA ARG A 1777 -23.99 4.96 -17.85
C ARG A 1777 -25.29 4.51 -18.53
N VAL A 1778 -26.44 4.92 -18.01
CA VAL A 1778 -27.72 4.56 -18.61
C VAL A 1778 -27.98 5.44 -19.82
N ALA A 1779 -28.19 4.82 -20.98
CA ALA A 1779 -28.57 5.55 -22.17
C ALA A 1779 -29.99 6.11 -22.01
N SER A 1780 -30.20 7.29 -22.59
CA SER A 1780 -31.49 7.97 -22.45
C SER A 1780 -32.61 7.18 -23.13
N ALA A 1781 -33.76 7.13 -22.48
CA ALA A 1781 -34.91 6.41 -23.03
C ALA A 1781 -35.36 7.02 -24.35
N TYR A 1782 -35.15 8.33 -24.53
CA TYR A 1782 -35.56 9.00 -25.76
C TYR A 1782 -34.83 8.40 -26.96
N ARG A 1783 -35.62 8.09 -28.00
CA ARG A 1783 -35.10 7.52 -29.24
C ARG A 1783 -35.59 8.25 -30.48
N GLY A 1784 -36.30 9.37 -30.32
CA GLY A 1784 -36.87 10.10 -31.43
C GLY A 1784 -35.85 10.95 -32.17
N HIS A 1785 -36.26 12.15 -32.57
CA HIS A 1785 -35.45 12.99 -33.44
C HIS A 1785 -34.29 13.59 -32.65
N CYS A 1786 -33.07 13.30 -33.09
CA CYS A 1786 -31.86 13.84 -32.49
C CYS A 1786 -30.76 13.79 -33.53
N MET A 1787 -29.69 14.54 -33.25
CA MET A 1787 -28.56 14.58 -34.16
C MET A 1787 -27.29 14.02 -33.55
N VAL A 1788 -26.94 14.40 -32.33
CA VAL A 1788 -25.73 13.95 -31.66
C VAL A 1788 -26.12 13.25 -30.36
N ARG A 1789 -25.67 12.01 -30.21
CA ARG A 1789 -25.89 11.26 -28.99
C ARG A 1789 -24.74 11.46 -28.00
N LEU A 1790 -24.97 11.06 -26.77
CA LEU A 1790 -23.99 11.23 -25.70
C LEU A 1790 -24.00 9.99 -24.82
N SER A 1791 -22.92 9.21 -24.87
CA SER A 1791 -22.78 8.02 -24.06
C SER A 1791 -21.35 7.92 -23.55
N GLY A 1792 -21.20 7.60 -22.27
CA GLY A 1792 -19.88 7.47 -21.68
C GLY A 1792 -19.11 8.76 -21.54
N PHE A 1793 -19.80 9.90 -21.53
CA PHE A 1793 -19.18 11.23 -21.49
C PHE A 1793 -18.18 11.42 -22.63
N LYS A 1794 -18.52 10.89 -23.79
CA LYS A 1794 -17.70 11.01 -24.99
C LYS A 1794 -18.60 11.41 -26.15
N ILE A 1795 -17.99 12.07 -27.14
CA ILE A 1795 -18.73 12.54 -28.30
C ILE A 1795 -19.13 11.35 -29.17
N LYS A 1796 -20.42 11.26 -29.52
CA LYS A 1796 -20.88 10.25 -30.46
C LYS A 1796 -21.01 10.87 -31.84
N PRO A 1797 -20.22 10.41 -32.83
CA PRO A 1797 -20.34 10.96 -34.19
C PRO A 1797 -21.72 10.77 -34.80
N ALA A 1798 -22.42 9.71 -34.44
CA ALA A 1798 -23.71 9.40 -35.04
C ALA A 1798 -24.72 9.04 -33.97
N SER A 1799 -25.98 8.96 -34.41
CA SER A 1799 -27.05 8.44 -33.56
C SER A 1799 -26.76 7.00 -33.13
N ARG A 1800 -25.95 6.29 -33.93
CA ARG A 1800 -25.36 5.00 -33.63
C ARG A 1800 -24.93 4.89 -32.17
N THR A 1801 -25.25 3.77 -31.52
CA THR A 1801 -25.02 3.55 -30.09
C THR A 1801 -25.77 4.61 -29.28
N ASP A 1802 -27.10 4.47 -29.34
CA ASP A 1802 -28.06 5.46 -28.87
C ASP A 1802 -27.77 5.95 -27.46
N GLY A 1803 -27.68 7.28 -27.33
CA GLY A 1803 -27.39 7.90 -26.05
C GLY A 1803 -28.38 8.97 -25.67
N CYS A 1804 -27.88 10.19 -25.44
CA CYS A 1804 -28.70 11.31 -25.00
C CYS A 1804 -28.95 12.27 -26.16
N PRO A 1805 -30.20 12.68 -26.38
CA PRO A 1805 -30.49 13.56 -27.51
C PRO A 1805 -30.07 15.00 -27.29
N VAL A 1806 -28.81 15.32 -27.57
CA VAL A 1806 -28.37 16.71 -27.50
C VAL A 1806 -29.08 17.46 -28.63
N ARG A 1807 -30.06 18.27 -28.27
CA ARG A 1807 -30.91 18.95 -29.25
C ARG A 1807 -30.52 20.42 -29.33
N ILE A 1808 -30.55 20.96 -30.55
CA ILE A 1808 -30.00 22.30 -30.79
C ILE A 1808 -31.04 23.38 -30.59
N MET A 1809 -32.19 23.27 -31.26
CA MET A 1809 -33.24 24.30 -31.27
C MET A 1809 -32.69 25.66 -31.68
N ASN A 1820 -31.66 39.29 -16.02
CA ASN A 1820 -32.12 40.43 -15.23
C ASN A 1820 -31.32 40.55 -13.93
N PRO A 1821 -30.28 41.40 -13.93
CA PRO A 1821 -29.47 41.56 -12.72
C PRO A 1821 -30.08 42.52 -11.71
N ASP A 1822 -31.39 42.39 -11.49
CA ASP A 1822 -32.07 43.16 -10.45
C ASP A 1822 -33.03 42.34 -9.60
N GLU A 1823 -33.52 41.20 -10.09
CA GLU A 1823 -34.40 40.33 -9.33
C GLU A 1823 -33.65 39.42 -8.37
N VAL A 1824 -32.32 39.42 -8.40
CA VAL A 1824 -31.54 38.61 -7.49
C VAL A 1824 -31.69 39.12 -6.07
N LYS A 1825 -31.53 38.22 -5.10
CA LYS A 1825 -31.76 38.54 -3.69
C LYS A 1825 -31.04 37.50 -2.83
N MET A 1826 -31.35 37.51 -1.53
CA MET A 1826 -30.88 36.50 -0.60
C MET A 1826 -32.09 35.75 -0.05
N ARG A 1827 -32.11 34.42 -0.23
CA ARG A 1827 -33.23 33.63 0.24
C ARG A 1827 -33.26 33.53 1.77
N VAL A 1828 -32.12 33.17 2.37
CA VAL A 1828 -31.97 32.79 3.78
C VAL A 1828 -33.21 32.05 4.30
N ARG A 1829 -33.26 30.74 4.10
CA ARG A 1829 -34.47 29.98 4.36
C ARG A 1829 -34.20 28.63 5.01
N GLY A 1830 -33.46 28.60 6.12
CA GLY A 1830 -33.07 27.32 6.68
C GLY A 1830 -31.60 26.94 6.49
N ASP A 1831 -30.72 27.84 6.94
CA ASP A 1831 -29.26 27.65 7.08
C ASP A 1831 -28.56 27.39 5.75
N ILE A 1832 -29.20 27.72 4.63
CA ILE A 1832 -28.58 27.71 3.32
C ILE A 1832 -28.70 29.10 2.74
N LEU A 1833 -27.58 29.73 2.40
CA LEU A 1833 -27.60 31.08 1.84
C LEU A 1833 -27.73 31.05 0.33
N ASN A 1834 -28.87 30.54 -0.13
CA ASN A 1834 -29.18 30.57 -1.55
C ASN A 1834 -29.49 31.99 -2.01
N LEU A 1835 -29.17 32.27 -3.28
CA LEU A 1835 -29.39 33.60 -3.85
C LEU A 1835 -30.58 33.66 -4.80
N SER A 1836 -30.68 32.70 -5.73
CA SER A 1836 -31.76 32.59 -6.71
C SER A 1836 -31.84 33.76 -7.69
N VAL A 1837 -32.53 33.53 -8.80
CA VAL A 1837 -32.73 34.56 -9.83
C VAL A 1837 -34.19 34.86 -10.06
N THR A 1838 -35.10 34.09 -9.46
CA THR A 1838 -36.55 34.05 -9.77
C THR A 1838 -36.80 34.20 -11.27
N ILE A 1839 -36.32 33.18 -11.99
CA ILE A 1839 -36.51 33.03 -13.43
C ILE A 1839 -37.99 32.74 -13.70
N GLN A 1840 -38.38 32.71 -14.98
CA GLN A 1840 -39.77 32.66 -15.45
C GLN A 1840 -40.63 31.71 -14.62
N GLU A 1841 -41.89 32.14 -14.42
CA GLU A 1841 -42.72 31.73 -13.29
C GLU A 1841 -42.82 30.23 -13.14
N GLY A 1842 -42.76 29.78 -11.88
CA GLY A 1842 -42.74 28.38 -11.51
C GLY A 1842 -41.40 27.91 -10.97
N ARG A 1843 -40.32 28.56 -11.37
CA ARG A 1843 -38.97 28.17 -11.01
C ARG A 1843 -38.26 29.33 -10.31
N VAL A 1844 -37.35 29.00 -9.41
CA VAL A 1844 -36.60 30.00 -8.68
C VAL A 1844 -35.12 30.05 -9.07
N MET A 1845 -34.55 28.92 -9.51
CA MET A 1845 -33.23 28.84 -10.12
C MET A 1845 -32.14 29.44 -9.21
N ASN A 1846 -31.86 28.73 -8.12
CA ASN A 1846 -30.75 29.09 -7.26
C ASN A 1846 -29.44 29.03 -8.04
N ILE A 1847 -28.48 29.88 -7.67
CA ILE A 1847 -27.22 29.93 -8.41
C ILE A 1847 -26.02 29.71 -7.50
N LEU A 1848 -26.16 30.03 -6.21
CA LEU A 1848 -25.07 29.85 -5.26
C LEU A 1848 -25.61 29.33 -3.94
N SER A 1849 -24.80 28.52 -3.26
CA SER A 1849 -25.18 27.94 -1.99
C SER A 1849 -24.02 28.06 -1.02
N TYR A 1850 -24.34 27.92 0.28
CA TYR A 1850 -23.33 28.03 1.32
C TYR A 1850 -23.84 27.26 2.54
N ARG A 1851 -23.16 26.17 2.88
CA ARG A 1851 -23.53 25.33 4.02
C ARG A 1851 -22.49 25.47 5.11
N PRO A 1852 -22.80 26.14 6.22
CA PRO A 1852 -21.82 26.28 7.31
C PRO A 1852 -21.61 24.95 8.03
N ARG A 1853 -20.37 24.49 8.06
CA ARG A 1853 -20.02 23.24 8.72
C ARG A 1853 -19.41 23.51 10.09
N ASP A 1854 -19.22 22.41 10.84
CA ASP A 1854 -18.76 22.51 12.22
C ASP A 1854 -17.28 22.86 12.35
N THR A 1855 -16.52 22.82 11.25
CA THR A 1855 -15.08 23.03 11.34
C THR A 1855 -14.71 24.50 11.53
N ASP A 1856 -15.53 25.41 11.02
CA ASP A 1856 -15.16 26.83 10.94
C ASP A 1856 -15.35 27.55 12.27
N ILE A 1857 -14.54 27.15 13.25
CA ILE A 1857 -14.57 27.71 14.60
C ILE A 1857 -13.12 27.83 15.09
N SER A 1858 -12.77 29.01 15.61
CA SER A 1858 -11.43 29.26 16.13
C SER A 1858 -11.54 30.04 17.44
N GLU A 1859 -10.47 29.96 18.24
CA GLU A 1859 -10.47 30.62 19.55
C GLU A 1859 -10.36 32.14 19.43
N SER A 1860 -9.48 32.61 18.55
CA SER A 1860 -9.18 34.03 18.48
C SER A 1860 -10.41 34.84 18.06
N ALA A 1861 -11.18 34.32 17.11
CA ALA A 1861 -12.31 35.06 16.56
C ALA A 1861 -13.34 35.40 17.62
N ALA A 1862 -13.67 34.42 18.48
CA ALA A 1862 -14.64 34.66 19.53
C ALA A 1862 -14.19 35.73 20.50
N ALA A 1863 -12.91 35.70 20.90
CA ALA A 1863 -12.39 36.71 21.82
C ALA A 1863 -12.36 38.08 21.17
N TYR A 1864 -11.95 38.17 19.91
CA TYR A 1864 -11.87 39.46 19.23
C TYR A 1864 -13.25 40.06 19.05
N LEU A 1865 -14.24 39.23 18.71
CA LEU A 1865 -15.61 39.70 18.63
C LEU A 1865 -16.15 40.11 19.99
N TRP A 1866 -15.80 39.37 21.04
CA TRP A 1866 -16.26 39.69 22.38
C TRP A 1866 -15.70 41.03 22.85
N SER A 1867 -14.43 41.31 22.57
CA SER A 1867 -13.86 42.60 22.91
C SER A 1867 -14.50 43.72 22.10
N ASN A 1868 -14.67 43.49 20.80
CA ASN A 1868 -15.34 44.46 19.94
C ASN A 1868 -16.86 44.30 19.99
N ARG A 1869 -17.42 44.30 21.19
CA ARG A 1869 -18.88 44.18 21.29
C ARG A 1869 -19.57 45.49 20.90
N ASP A 1870 -18.90 46.62 21.06
CA ASP A 1870 -19.45 47.89 20.59
C ASP A 1870 -18.97 48.19 19.17
N LEU A 1871 -19.12 47.20 18.30
CA LEU A 1871 -18.83 47.35 16.87
C LEU A 1871 -19.90 46.74 15.98
N PHE A 1872 -20.69 45.78 16.47
CA PHE A 1872 -21.68 45.09 15.64
C PHE A 1872 -23.07 45.23 16.26
N SER A 1873 -24.04 44.49 15.71
CA SER A 1873 -25.41 44.54 16.18
C SER A 1873 -25.73 43.46 17.21
N PHE A 1874 -24.78 42.58 17.54
CA PHE A 1874 -24.98 41.59 18.58
C PHE A 1874 -24.31 41.98 19.89
N GLY A 1875 -23.76 43.19 19.99
CA GLY A 1875 -23.26 43.67 21.26
C GLY A 1875 -24.35 43.82 22.30
N LYS A 1876 -25.54 44.24 21.88
CA LYS A 1876 -26.71 44.17 22.75
C LYS A 1876 -27.18 42.73 22.86
N LYS A 1877 -28.07 42.49 23.82
CA LYS A 1877 -28.46 41.13 24.24
C LYS A 1877 -27.21 40.31 24.60
N GLU A 1878 -26.56 40.71 25.69
CA GLU A 1878 -25.40 40.01 26.19
C GLU A 1878 -25.66 38.56 26.64
N PRO A 1879 -26.91 38.10 26.89
CA PRO A 1879 -27.13 36.65 26.85
C PRO A 1879 -26.77 36.03 25.52
N SER A 1880 -27.08 36.72 24.40
CA SER A 1880 -26.52 36.30 23.12
C SER A 1880 -25.11 36.84 23.01
N CYS A 1881 -24.48 36.63 21.86
CA CYS A 1881 -23.05 36.88 21.60
C CYS A 1881 -22.16 36.02 22.50
N SER A 1882 -22.76 35.27 23.43
CA SER A 1882 -22.16 34.13 24.08
C SER A 1882 -22.49 32.86 23.33
N TRP A 1883 -23.51 32.91 22.47
CA TRP A 1883 -23.76 31.90 21.46
C TRP A 1883 -22.91 32.12 20.22
N ILE A 1884 -22.51 33.36 19.95
CA ILE A 1884 -21.63 33.68 18.84
C ILE A 1884 -20.17 33.53 19.23
N CYS A 1885 -19.79 34.08 20.38
CA CYS A 1885 -18.46 33.93 20.92
C CYS A 1885 -18.46 32.84 21.98
N LEU A 1886 -17.51 31.91 21.89
CA LEU A 1886 -17.46 30.77 22.80
C LEU A 1886 -17.13 31.26 24.20
N LYS A 1887 -18.15 31.35 25.03
CA LYS A 1887 -18.03 31.77 26.42
C LYS A 1887 -18.41 30.61 27.33
N THR A 1888 -18.31 30.85 28.64
CA THR A 1888 -18.71 29.87 29.65
C THR A 1888 -19.71 30.59 30.58
N LEU A 1889 -20.99 30.31 30.39
CA LEU A 1889 -22.04 30.99 31.14
C LEU A 1889 -22.06 30.44 32.57
N ASP A 1890 -21.66 31.27 33.53
CA ASP A 1890 -21.61 30.88 34.92
C ASP A 1890 -22.99 30.93 35.53
N ASN A 1891 -23.06 30.89 36.87
CA ASN A 1891 -24.34 30.82 37.56
C ASN A 1891 -25.21 32.06 37.29
N TRP A 1892 -24.60 33.24 37.29
CA TRP A 1892 -25.38 34.46 37.11
C TRP A 1892 -25.86 34.63 35.67
N ALA A 1893 -24.99 34.34 34.69
CA ALA A 1893 -25.40 34.44 33.29
C ALA A 1893 -26.46 33.40 32.95
N TRP A 1894 -26.32 32.19 33.49
CA TRP A 1894 -27.32 31.16 33.26
C TRP A 1894 -28.62 31.48 33.98
N SER A 1895 -28.55 32.12 35.16
CA SER A 1895 -29.75 32.60 35.82
C SER A 1895 -30.44 33.68 35.00
N HIS A 1896 -29.66 34.56 34.38
CA HIS A 1896 -30.21 35.57 33.49
C HIS A 1896 -30.92 34.94 32.31
N ALA A 1897 -30.30 33.91 31.72
CA ALA A 1897 -30.92 33.20 30.60
C ALA A 1897 -32.20 32.49 31.04
N SER A 1898 -32.19 31.87 32.21
CA SER A 1898 -33.37 31.16 32.70
C SER A 1898 -34.52 32.12 33.01
N VAL A 1899 -34.20 33.29 33.58
CA VAL A 1899 -35.23 34.30 33.84
C VAL A 1899 -35.77 34.85 32.52
N LEU A 1900 -34.91 35.04 31.53
CA LEU A 1900 -35.36 35.48 30.22
C LEU A 1900 -36.29 34.45 29.58
N LEU A 1901 -35.95 33.17 29.70
CA LEU A 1901 -36.80 32.11 29.15
C LEU A 1901 -38.15 32.06 29.87
N ALA A 1902 -38.13 31.77 31.18
CA ALA A 1902 -39.31 31.60 32.02
C ALA A 1902 -40.28 30.60 31.40
N ASN A 1903 -41.46 31.08 31.01
CA ASN A 1903 -42.43 30.28 30.27
C ASN A 1903 -42.41 30.58 28.78
N ASP A 1904 -42.67 31.84 28.42
CA ASP A 1904 -42.59 32.26 27.01
C ASP A 1904 -42.42 33.78 26.98
N ARG A 1905 -41.22 34.24 26.61
CA ARG A 1905 -40.94 35.65 26.46
C ARG A 1905 -40.27 35.89 25.11
N LYS A 1906 -40.49 37.07 24.55
CA LYS A 1906 -40.01 37.42 23.23
C LYS A 1906 -39.08 38.62 23.29
N THR A 1907 -38.07 38.60 22.43
CA THR A 1907 -37.11 39.70 22.31
C THR A 1907 -37.06 40.09 20.84
N GLN A 1908 -36.05 40.90 20.48
CA GLN A 1908 -35.92 41.39 19.12
C GLN A 1908 -35.75 40.26 18.11
N GLY A 1909 -34.86 39.32 18.39
CA GLY A 1909 -34.60 38.25 17.44
C GLY A 1909 -34.34 36.89 18.04
N ILE A 1910 -34.85 36.64 19.25
CA ILE A 1910 -34.60 35.36 19.90
C ILE A 1910 -35.54 34.27 19.41
N ASP A 1911 -36.62 34.63 18.70
CA ASP A 1911 -37.60 33.71 18.14
C ASP A 1911 -38.28 32.89 19.24
N ASN A 1912 -39.03 31.86 18.85
CA ASN A 1912 -39.65 30.95 19.79
C ASN A 1912 -39.45 29.52 19.31
N ARG A 1913 -39.37 28.59 20.28
CA ARG A 1913 -39.19 27.15 20.07
C ARG A 1913 -37.86 26.81 19.40
N ALA A 1914 -36.97 27.78 19.20
CA ALA A 1914 -35.63 27.50 18.73
C ALA A 1914 -34.64 27.36 19.88
N MET A 1915 -34.81 28.17 20.92
CA MET A 1915 -33.99 28.06 22.12
C MET A 1915 -34.13 26.68 22.74
N GLY A 1916 -35.33 26.11 22.70
CA GLY A 1916 -35.58 24.78 23.21
C GLY A 1916 -34.70 23.70 22.62
N ASN A 1917 -34.75 23.52 21.29
CA ASN A 1917 -33.95 22.48 20.67
C ASN A 1917 -32.47 22.83 20.65
N ILE A 1918 -32.12 24.13 20.56
CA ILE A 1918 -30.72 24.52 20.62
C ILE A 1918 -30.11 24.14 21.96
N PHE A 1919 -30.78 24.52 23.06
CA PHE A 1919 -30.31 24.15 24.39
C PHE A 1919 -30.33 22.65 24.60
N ARG A 1920 -31.36 21.98 24.08
CA ARG A 1920 -31.46 20.53 24.21
C ARG A 1920 -30.24 19.85 23.60
N ASP A 1921 -29.93 20.16 22.34
CA ASP A 1921 -28.80 19.53 21.67
C ASP A 1921 -27.49 19.89 22.35
N CYS A 1922 -27.25 21.19 22.56
CA CYS A 1922 -25.97 21.63 23.10
C CYS A 1922 -25.71 21.08 24.49
N LEU A 1923 -26.70 21.14 25.37
CA LEU A 1923 -26.48 20.75 26.75
C LEU A 1923 -26.63 19.25 26.98
N GLU A 1924 -27.38 18.54 26.12
CA GLU A 1924 -27.32 17.09 26.16
C GLU A 1924 -25.94 16.60 25.74
N GLY A 1925 -25.35 17.24 24.73
CA GLY A 1925 -23.98 16.92 24.37
C GLY A 1925 -22.98 17.28 25.46
N SER A 1926 -23.19 18.42 26.12
CA SER A 1926 -22.31 18.83 27.21
C SER A 1926 -22.41 17.88 28.40
N LEU A 1927 -23.62 17.44 28.74
CA LEU A 1927 -23.79 16.47 29.81
C LEU A 1927 -23.21 15.12 29.43
N ARG A 1928 -23.28 14.76 28.15
CA ARG A 1928 -22.69 13.51 27.68
C ARG A 1928 -21.16 13.50 27.77
N LYS A 1929 -20.54 14.66 27.94
CA LYS A 1929 -19.08 14.74 27.99
C LYS A 1929 -18.53 14.04 29.22
N GLN A 1930 -19.10 14.30 30.39
CA GLN A 1930 -18.64 13.70 31.64
C GLN A 1930 -19.47 12.50 32.06
N GLY A 1931 -20.43 12.08 31.24
CA GLY A 1931 -21.27 10.94 31.58
C GLY A 1931 -22.75 11.27 31.63
N LEU A 1932 -23.36 11.06 32.80
CA LEU A 1932 -24.76 11.39 33.07
C LEU A 1932 -25.70 10.75 32.06
N MET A 1933 -26.14 11.53 31.07
CA MET A 1933 -26.96 11.01 29.99
C MET A 1933 -26.11 10.10 29.11
N ARG A 1934 -26.62 8.89 28.86
CA ARG A 1934 -25.87 7.94 28.05
C ARG A 1934 -25.90 8.36 26.58
N SER A 1935 -24.86 7.95 25.84
CA SER A 1935 -24.71 8.39 24.46
C SER A 1935 -25.68 7.65 23.55
N LYS A 1936 -26.53 8.42 22.86
CA LYS A 1936 -27.46 7.92 21.85
C LYS A 1936 -28.40 6.86 22.44
N LEU A 1937 -29.17 7.28 23.43
CA LEU A 1937 -30.15 6.41 24.07
C LEU A 1937 -31.56 6.95 23.89
N ILE A 1967 -31.35 -29.27 14.08
CA ILE A 1967 -31.92 -29.77 15.33
C ILE A 1967 -30.84 -30.53 16.13
N ALA A 1968 -29.78 -29.81 16.48
CA ALA A 1968 -28.66 -30.36 17.25
C ALA A 1968 -28.70 -29.88 18.70
N VAL A 1969 -29.90 -29.81 19.29
CA VAL A 1969 -30.05 -29.28 20.63
C VAL A 1969 -29.29 -30.13 21.65
N GLU A 1970 -28.86 -29.49 22.74
CA GLU A 1970 -28.07 -30.13 23.78
C GLU A 1970 -28.94 -30.81 24.83
N LEU A 1971 -30.18 -31.18 24.49
CA LEU A 1971 -31.14 -31.89 25.32
C LEU A 1971 -31.40 -31.22 26.67
N SER A 1972 -31.02 -29.94 26.80
CA SER A 1972 -31.19 -29.16 28.02
C SER A 1972 -30.57 -29.88 29.22
N GLU A 1973 -29.38 -30.45 29.02
CA GLU A 1973 -28.75 -31.24 30.05
C GLU A 1973 -28.19 -30.37 31.16
N GLY A 1974 -27.21 -29.54 30.84
CA GLY A 1974 -26.70 -28.59 31.82
C GLY A 1974 -25.68 -29.21 32.76
N SER A 1975 -24.51 -28.59 32.91
CA SER A 1975 -23.57 -29.01 33.94
C SER A 1975 -24.14 -28.75 35.33
N LEU A 1976 -24.50 -27.50 35.60
CA LEU A 1976 -25.31 -27.12 36.74
C LEU A 1976 -26.35 -26.10 36.30
N ASP A 1977 -27.06 -26.41 35.20
CA ASP A 1977 -27.91 -25.47 34.48
C ASP A 1977 -27.11 -24.23 34.09
N ILE A 1978 -25.87 -24.46 33.65
CA ILE A 1978 -24.87 -23.46 33.31
C ILE A 1978 -24.83 -22.38 34.39
N GLU A 1979 -24.58 -22.78 35.64
CA GLU A 1979 -24.48 -21.82 36.73
C GLU A 1979 -23.11 -21.85 37.39
N SER A 1980 -22.61 -23.02 37.77
CA SER A 1980 -21.29 -23.13 38.38
C SER A 1980 -20.17 -22.98 37.37
N ILE A 1981 -20.48 -23.06 36.07
CA ILE A 1981 -19.46 -22.80 35.05
C ILE A 1981 -19.04 -21.34 35.09
N PHE A 1982 -19.96 -20.44 35.40
CA PHE A 1982 -19.75 -19.00 35.35
C PHE A 1982 -19.70 -18.39 36.75
N ASP A 1983 -19.14 -19.13 37.70
CA ASP A 1983 -19.10 -18.65 39.08
C ASP A 1983 -18.05 -17.54 39.22
N GLY A 1984 -18.39 -16.52 39.99
CA GLY A 1984 -17.49 -15.39 40.22
C GLY A 1984 -17.16 -14.63 38.96
N ALA A 1985 -18.15 -14.36 38.12
CA ALA A 1985 -17.89 -13.74 36.85
C ALA A 1985 -18.42 -12.30 36.82
N PRO A 1986 -17.77 -11.41 36.06
CA PRO A 1986 -18.29 -10.05 35.92
C PRO A 1986 -19.51 -10.01 35.03
N ILE A 1987 -20.69 -10.20 35.63
CA ILE A 1987 -21.94 -10.19 34.88
C ILE A 1987 -22.10 -8.87 34.15
N LEU A 1988 -22.40 -8.96 32.85
CA LEU A 1988 -22.29 -7.81 31.95
C LEU A 1988 -23.61 -7.29 31.40
N TRP A 1989 -24.72 -8.03 31.55
CA TRP A 1989 -25.96 -7.57 30.95
C TRP A 1989 -26.58 -6.40 31.70
N SER A 1990 -26.11 -6.10 32.92
CA SER A 1990 -26.54 -4.93 33.66
C SER A 1990 -25.38 -3.99 33.96
N ALA A 1991 -24.30 -4.07 33.17
CA ALA A 1991 -23.10 -3.30 33.41
C ALA A 1991 -22.99 -2.06 32.53
N GLU A 1992 -24.10 -1.68 31.87
CA GLU A 1992 -24.22 -0.47 31.01
C GLU A 1992 -23.06 -0.33 30.04
N VAL A 1993 -22.56 -1.45 29.51
CA VAL A 1993 -21.41 -1.44 28.64
C VAL A 1993 -21.78 -0.85 27.28
N GLU A 1994 -20.90 0.00 26.76
CA GLU A 1994 -21.10 0.68 25.49
C GLU A 1994 -20.58 -0.17 24.34
N GLU A 1995 -21.08 0.13 23.14
CA GLU A 1995 -20.55 -0.51 21.94
C GLU A 1995 -19.22 0.14 21.56
N PHE A 1996 -18.42 -0.60 20.80
CA PHE A 1996 -17.11 -0.14 20.35
C PHE A 1996 -17.03 -0.17 18.83
N GLY A 1997 -16.36 0.84 18.26
CA GLY A 1997 -16.23 0.99 16.82
C GLY A 1997 -16.15 2.46 16.47
N GLU A 1998 -15.26 2.84 15.53
CA GLU A 1998 -15.17 4.22 15.09
C GLU A 1998 -16.51 4.74 14.54
N GLY A 1999 -17.39 3.84 14.10
CA GLY A 1999 -18.73 4.26 13.71
C GLY A 1999 -19.57 4.77 14.87
N VAL A 2000 -19.36 4.24 16.07
CA VAL A 2000 -20.17 4.65 17.22
C VAL A 2000 -19.62 5.93 17.85
N VAL A 2001 -18.34 6.25 17.65
CA VAL A 2001 -17.81 7.52 18.09
C VAL A 2001 -18.10 8.63 17.10
N ALA A 2002 -18.52 8.28 15.88
CA ALA A 2002 -18.90 9.28 14.89
C ALA A 2002 -20.37 9.64 14.95
N VAL A 2003 -21.24 8.66 15.22
CA VAL A 2003 -22.66 8.95 15.38
C VAL A 2003 -22.90 9.74 16.66
N SER A 2004 -22.06 9.54 17.68
CA SER A 2004 -22.15 10.35 18.88
C SER A 2004 -21.68 11.78 18.61
N TYR A 2005 -20.74 11.95 17.69
CA TYR A 2005 -20.25 13.27 17.31
C TYR A 2005 -20.95 13.82 16.08
N SER A 2006 -21.97 13.09 15.56
CA SER A 2006 -22.69 13.55 14.38
C SER A 2006 -23.57 14.76 14.66
N SER A 2007 -23.81 15.07 15.94
CA SER A 2007 -24.56 16.27 16.28
C SER A 2007 -23.78 17.51 15.88
N LYS A 2008 -24.50 18.53 15.41
CA LYS A 2008 -23.86 19.76 14.94
C LYS A 2008 -23.35 20.63 16.08
N TYR A 2009 -23.65 20.30 17.33
CA TYR A 2009 -23.17 21.04 18.50
C TYR A 2009 -22.55 20.04 19.47
N TYR A 2010 -21.27 19.76 19.30
CA TYR A 2010 -20.52 18.91 20.22
C TYR A 2010 -19.40 19.64 20.92
N HIS A 2011 -18.53 20.31 20.17
CA HIS A 2011 -17.38 21.00 20.74
C HIS A 2011 -17.74 22.40 21.20
N LEU A 2012 -18.74 22.50 22.07
CA LEU A 2012 -19.20 23.76 22.63
C LEU A 2012 -19.15 23.70 24.14
N THR A 2013 -18.79 24.83 24.76
CA THR A 2013 -18.72 24.93 26.22
C THR A 2013 -19.73 25.96 26.72
N LEU A 2014 -20.96 25.89 26.20
CA LEU A 2014 -21.99 26.86 26.56
C LEU A 2014 -22.31 26.79 28.05
N MET A 2015 -22.80 25.63 28.51
CA MET A 2015 -23.07 25.40 29.94
C MET A 2015 -22.38 24.09 30.32
N ASP A 2016 -21.09 24.20 30.67
CA ASP A 2016 -20.35 23.07 31.23
C ASP A 2016 -20.08 23.25 32.72
N GLN A 2017 -19.72 24.47 33.14
CA GLN A 2017 -19.68 24.76 34.57
C GLN A 2017 -21.05 24.64 35.21
N ALA A 2018 -22.11 24.96 34.46
CA ALA A 2018 -23.46 24.69 34.94
C ALA A 2018 -23.67 23.20 35.17
N ALA A 2019 -23.16 22.36 34.26
CA ALA A 2019 -23.29 20.92 34.42
C ALA A 2019 -22.51 20.41 35.61
N ILE A 2020 -21.28 20.93 35.83
CA ILE A 2020 -20.51 20.43 36.97
C ILE A 2020 -21.10 20.95 38.29
N THR A 2021 -21.71 22.13 38.29
CA THR A 2021 -22.39 22.59 39.50
C THR A 2021 -23.65 21.79 39.76
N MET A 2022 -24.37 21.41 38.70
CA MET A 2022 -25.50 20.50 38.84
C MET A 2022 -25.07 19.17 39.46
N CYS A 2023 -23.95 18.63 38.97
CA CYS A 2023 -23.43 17.38 39.52
C CYS A 2023 -23.01 17.55 40.97
N ALA A 2024 -22.37 18.68 41.32
CA ALA A 2024 -22.00 18.92 42.71
C ALA A 2024 -23.22 19.07 43.61
N ILE A 2025 -24.31 19.63 43.08
CA ILE A 2025 -25.53 19.79 43.86
C ILE A 2025 -26.17 18.43 44.12
N MET A 2026 -26.28 17.60 43.08
CA MET A 2026 -27.07 16.37 43.19
C MET A 2026 -26.20 15.11 43.31
N GLY A 2027 -24.93 15.27 43.65
CA GLY A 2027 -24.11 14.09 43.86
C GLY A 2027 -23.78 13.43 42.53
N LYS A 2028 -23.21 12.23 42.63
CA LYS A 2028 -22.95 11.48 41.41
C LYS A 2028 -24.22 10.92 40.81
N GLU A 2029 -25.22 10.61 41.64
CA GLU A 2029 -26.46 10.04 41.09
C GLU A 2029 -27.38 11.13 40.54
N GLY A 2030 -27.96 11.95 41.42
CA GLY A 2030 -28.93 12.94 40.98
C GLY A 2030 -30.00 12.48 40.03
N CYS A 2031 -29.92 13.00 38.80
CA CYS A 2031 -30.86 12.72 37.73
C CYS A 2031 -30.61 11.38 37.02
N ARG A 2032 -29.84 10.46 37.63
CA ARG A 2032 -29.74 9.11 37.06
C ARG A 2032 -31.11 8.45 36.98
N GLY A 2033 -31.97 8.69 37.96
CA GLY A 2033 -33.35 8.24 37.90
C GLY A 2033 -34.09 8.89 36.75
N LEU A 2034 -34.24 10.22 36.81
CA LEU A 2034 -35.07 10.95 35.84
C LEU A 2034 -34.64 10.72 34.41
N LEU A 2035 -33.32 10.59 34.17
CA LEU A 2035 -32.85 10.23 32.84
C LEU A 2035 -33.30 8.83 32.44
N THR A 2036 -33.37 7.92 33.41
CA THR A 2036 -33.80 6.55 33.14
C THR A 2036 -35.31 6.37 33.34
N GLU A 2037 -35.80 6.62 34.56
CA GLU A 2037 -37.22 6.54 34.85
C GLU A 2037 -37.58 7.68 35.79
N LYS A 2038 -38.61 8.44 35.43
CA LYS A 2038 -38.82 9.79 35.96
C LYS A 2038 -39.12 9.73 37.44
N ARG A 2039 -38.07 9.88 38.26
CA ARG A 2039 -38.16 10.02 39.70
C ARG A 2039 -36.80 10.43 40.26
N CYS A 2040 -36.75 11.54 41.01
CA CYS A 2040 -35.58 11.85 41.82
C CYS A 2040 -35.95 11.87 43.30
N MET A 2041 -36.86 12.76 43.69
CA MET A 2041 -37.56 12.65 44.96
C MET A 2041 -39.01 13.07 44.80
N ALA A 2042 -39.47 13.22 43.54
CA ALA A 2042 -40.83 13.58 43.10
C ALA A 2042 -41.15 15.04 43.35
N ALA A 2043 -40.26 15.77 44.04
CA ALA A 2043 -40.44 17.19 44.26
C ALA A 2043 -39.09 17.82 44.59
N ILE A 2044 -38.50 18.55 43.64
CA ILE A 2044 -37.34 19.40 43.90
C ILE A 2044 -37.65 20.86 43.62
N ARG A 2045 -38.26 21.14 42.47
CA ARG A 2045 -38.81 22.45 42.10
C ARG A 2045 -37.70 23.49 42.09
N GLU A 2046 -37.74 24.52 42.96
CA GLU A 2046 -36.96 25.74 42.76
C GLU A 2046 -35.45 25.51 42.74
N GLN A 2047 -34.97 24.40 43.30
CA GLN A 2047 -33.53 24.13 43.31
C GLN A 2047 -32.99 23.95 41.89
N VAL A 2048 -33.63 23.10 41.09
CA VAL A 2048 -33.14 22.79 39.75
C VAL A 2048 -34.26 22.90 38.71
N ARG A 2049 -35.21 23.81 38.93
CA ARG A 2049 -36.30 24.00 37.98
C ARG A 2049 -35.84 24.35 36.56
N PRO A 2050 -34.92 25.31 36.33
CA PRO A 2050 -34.52 25.58 34.93
C PRO A 2050 -33.84 24.40 34.24
N PHE A 2051 -33.15 23.54 34.99
CA PHE A 2051 -32.54 22.36 34.38
C PHE A 2051 -33.61 21.42 33.81
N LEU A 2052 -34.80 21.42 34.39
CA LEU A 2052 -35.91 20.66 33.83
C LEU A 2052 -36.69 21.44 32.78
N ILE A 2053 -36.73 22.78 32.90
CA ILE A 2053 -37.33 23.62 31.87
C ILE A 2053 -36.57 23.48 30.55
N PHE A 2054 -35.28 23.18 30.64
CA PHE A 2054 -34.47 22.95 29.44
C PHE A 2054 -35.04 21.85 28.55
N LEU A 2055 -35.51 20.75 29.15
CA LEU A 2055 -36.05 19.63 28.38
C LEU A 2055 -37.57 19.53 28.48
N GLN A 2056 -38.13 19.48 29.68
CA GLN A 2056 -39.57 19.30 29.86
C GLN A 2056 -40.02 19.75 31.24
#